data_7EVJ
# 
_entry.id   7EVJ 
# 
_audit_conform.dict_name       mmcif_pdbx.dic 
_audit_conform.dict_version    5.380 
_audit_conform.dict_location   http://mmcif.pdb.org/dictionaries/ascii/mmcif_pdbx.dic 
# 
loop_
_database_2.database_id 
_database_2.database_code 
_database_2.pdbx_database_accession 
_database_2.pdbx_DOI 
PDB   7EVJ         pdb_00007evj 10.2210/pdb7evj/pdb 
WWPDB D_1300022312 ?            ?                   
# 
_pdbx_database_status.status_code                     REL 
_pdbx_database_status.status_code_sf                  REL 
_pdbx_database_status.status_code_mr                  ? 
_pdbx_database_status.entry_id                        7EVJ 
_pdbx_database_status.recvd_initial_deposition_date   2021-05-21 
_pdbx_database_status.SG_entry                        N 
_pdbx_database_status.deposit_site                    PDBJ 
_pdbx_database_status.process_site                    PDBJ 
_pdbx_database_status.status_code_cs                  ? 
_pdbx_database_status.status_code_nmr_data            ? 
_pdbx_database_status.methods_development_category    ? 
_pdbx_database_status.pdb_format_compatible           Y 
# 
loop_
_audit_author.name 
_audit_author.pdbx_ordinal 
_audit_author.identifier_ORCID 
'Xiang, Q.' 1 ? 
'Wang, C.'  2 ? 
'Wu, T.'    3 ? 
'Zhang, Y.' 4 ? 
'Zhang, C.' 5 ? 
'Luo, G.'   6 ? 
'Wu, X.'    7 ? 
'Shen, H.'  8 ? 
'Xu, Y.'    9 ? 
# 
_citation.abstract                  ? 
_citation.abstract_id_CAS           ? 
_citation.book_id_ISBN              ? 
_citation.book_publisher            ? 
_citation.book_publisher_city       ? 
_citation.book_title                ? 
_citation.coordinate_linkage        ? 
_citation.country                   US 
_citation.database_id_Medline       ? 
_citation.details                   ? 
_citation.id                        primary 
_citation.journal_abbrev            J.Med.Chem. 
_citation.journal_id_ASTM           JMCMAR 
_citation.journal_id_CSD            0151 
_citation.journal_id_ISSN           0022-2623 
_citation.journal_full              ? 
_citation.journal_issue             ? 
_citation.journal_volume            65 
_citation.language                  ? 
_citation.page_first                785 
_citation.page_last                 810 
_citation.title                     
;Design, Synthesis, and Biological Evaluation of 1-(Indolizin-3-yl)ethan-1-ones as CBP Bromodomain Inhibitors for the Treatment of Prostate Cancer.
;
_citation.year                      2022 
_citation.database_id_CSD           ? 
_citation.pdbx_database_id_DOI      10.1021/acs.jmedchem.1c01864 
_citation.pdbx_database_id_PubMed   34962793 
_citation.pdbx_database_id_patent   ? 
_citation.unpublished_flag          ? 
# 
loop_
_citation_author.citation_id 
_citation_author.name 
_citation_author.ordinal 
_citation_author.identifier_ORCID 
primary 'Xiang, Q.'  1  ?                   
primary 'Wang, C.'   2  ?                   
primary 'Wu, T.'     3  ?                   
primary 'Zhang, C.'  4  ?                   
primary 'Hu, Q.'     5  ?                   
primary 'Luo, G.'    6  ?                   
primary 'Hu, J.'     7  ?                   
primary 'Zhuang, X.' 8  ?                   
primary 'Zou, L.'    9  ?                   
primary 'Shen, H.'   10 ?                   
primary 'Wu, X.'     11 ?                   
primary 'Zhang, Y.'  12 ?                   
primary 'Kong, X.'   13 0000-0002-9596-7825 
primary 'Liu, J.'    14 0000-0003-2317-0558 
primary 'Xu, Y.'     15 0000-0003-3601-0246 
# 
_cell.angle_alpha                  90.000 
_cell.angle_alpha_esd              ? 
_cell.angle_beta                   90.000 
_cell.angle_beta_esd               ? 
_cell.angle_gamma                  90.000 
_cell.angle_gamma_esd              ? 
_cell.entry_id                     7EVJ 
_cell.details                      ? 
_cell.formula_units_Z              ? 
_cell.length_a                     79.450 
_cell.length_a_esd                 ? 
_cell.length_b                     79.450 
_cell.length_b_esd                 ? 
_cell.length_c                     45.110 
_cell.length_c_esd                 ? 
_cell.volume                       ? 
_cell.volume_esd                   ? 
_cell.Z_PDB                        8 
_cell.reciprocal_angle_alpha       ? 
_cell.reciprocal_angle_beta        ? 
_cell.reciprocal_angle_gamma       ? 
_cell.reciprocal_angle_alpha_esd   ? 
_cell.reciprocal_angle_beta_esd    ? 
_cell.reciprocal_angle_gamma_esd   ? 
_cell.reciprocal_length_a          ? 
_cell.reciprocal_length_b          ? 
_cell.reciprocal_length_c          ? 
_cell.reciprocal_length_a_esd      ? 
_cell.reciprocal_length_b_esd      ? 
_cell.reciprocal_length_c_esd      ? 
_cell.pdbx_unique_axis             ? 
# 
_symmetry.entry_id                         7EVJ 
_symmetry.cell_setting                     ? 
_symmetry.Int_Tables_number                90 
_symmetry.space_group_name_Hall            ? 
_symmetry.space_group_name_H-M             'P 4 21 2' 
_symmetry.pdbx_full_space_group_name_H-M   ? 
# 
loop_
_entity.id 
_entity.type 
_entity.src_method 
_entity.pdbx_description 
_entity.formula_weight 
_entity.pdbx_number_of_molecules 
_entity.pdbx_ec 
_entity.pdbx_mutation 
_entity.pdbx_fragment 
_entity.details 
1 polymer     man 'CREB-binding protein' 15891.296 1  2.3.1.48 ? 'UNP RESIDUES 1081-1197' ? 
2 non-polymer syn 
'3-acetyl-1-((3-(1-cyclopropyl-1H-pyrazol-4-yl)-2-fluoro-5-(hydroxymethyl)phenyl)carbamoyl)indolizin-7-yl dimethylcarbamate' 
519.524   1  ?        ? ?                        ? 
3 non-polymer nat 'PHOSPHATE ION' 94.971    1  ?        ? ?                        ? 
4 non-polymer syn GLYCEROL 92.094    1  ?        ? ?                        ? 
5 water       nat water 18.015    33 ?        ? ?                        ? 
# 
_entity_poly.entity_id                      1 
_entity_poly.type                           'polypeptide(L)' 
_entity_poly.nstd_linkage                   no 
_entity_poly.nstd_monomer                   no 
_entity_poly.pdbx_seq_one_letter_code       
;MKKGHHHHHHLVPRGSRKKIFKPEELRQALMPTLEALYRQDPESLPFRQPVDPQLLGIPDYFDIVKNPMDLSTIKRKLDT
GQYQEPWQYVDDVWLMFNNAWLYNRKTSRVYKFCSKLAEVFEQEIDPVMQSLG
;
_entity_poly.pdbx_seq_one_letter_code_can   
;MKKGHHHHHHLVPRGSRKKIFKPEELRQALMPTLEALYRQDPESLPFRQPVDPQLLGIPDYFDIVKNPMDLSTIKRKLDT
GQYQEPWQYVDDVWLMFNNAWLYNRKTSRVYKFCSKLAEVFEQEIDPVMQSLG
;
_entity_poly.pdbx_strand_id                 A 
_entity_poly.pdbx_target_identifier         ? 
# 
loop_
_entity_poly_seq.entity_id 
_entity_poly_seq.num 
_entity_poly_seq.mon_id 
_entity_poly_seq.hetero 
1 1   MET n 
1 2   LYS n 
1 3   LYS n 
1 4   GLY n 
1 5   HIS n 
1 6   HIS n 
1 7   HIS n 
1 8   HIS n 
1 9   HIS n 
1 10  HIS n 
1 11  LEU n 
1 12  VAL n 
1 13  PRO n 
1 14  ARG n 
1 15  GLY n 
1 16  SER n 
1 17  ARG n 
1 18  LYS n 
1 19  LYS n 
1 20  ILE n 
1 21  PHE n 
1 22  LYS n 
1 23  PRO n 
1 24  GLU n 
1 25  GLU n 
1 26  LEU n 
1 27  ARG n 
1 28  GLN n 
1 29  ALA n 
1 30  LEU n 
1 31  MET n 
1 32  PRO n 
1 33  THR n 
1 34  LEU n 
1 35  GLU n 
1 36  ALA n 
1 37  LEU n 
1 38  TYR n 
1 39  ARG n 
1 40  GLN n 
1 41  ASP n 
1 42  PRO n 
1 43  GLU n 
1 44  SER n 
1 45  LEU n 
1 46  PRO n 
1 47  PHE n 
1 48  ARG n 
1 49  GLN n 
1 50  PRO n 
1 51  VAL n 
1 52  ASP n 
1 53  PRO n 
1 54  GLN n 
1 55  LEU n 
1 56  LEU n 
1 57  GLY n 
1 58  ILE n 
1 59  PRO n 
1 60  ASP n 
1 61  TYR n 
1 62  PHE n 
1 63  ASP n 
1 64  ILE n 
1 65  VAL n 
1 66  LYS n 
1 67  ASN n 
1 68  PRO n 
1 69  MET n 
1 70  ASP n 
1 71  LEU n 
1 72  SER n 
1 73  THR n 
1 74  ILE n 
1 75  LYS n 
1 76  ARG n 
1 77  LYS n 
1 78  LEU n 
1 79  ASP n 
1 80  THR n 
1 81  GLY n 
1 82  GLN n 
1 83  TYR n 
1 84  GLN n 
1 85  GLU n 
1 86  PRO n 
1 87  TRP n 
1 88  GLN n 
1 89  TYR n 
1 90  VAL n 
1 91  ASP n 
1 92  ASP n 
1 93  VAL n 
1 94  TRP n 
1 95  LEU n 
1 96  MET n 
1 97  PHE n 
1 98  ASN n 
1 99  ASN n 
1 100 ALA n 
1 101 TRP n 
1 102 LEU n 
1 103 TYR n 
1 104 ASN n 
1 105 ARG n 
1 106 LYS n 
1 107 THR n 
1 108 SER n 
1 109 ARG n 
1 110 VAL n 
1 111 TYR n 
1 112 LYS n 
1 113 PHE n 
1 114 CYS n 
1 115 SER n 
1 116 LYS n 
1 117 LEU n 
1 118 ALA n 
1 119 GLU n 
1 120 VAL n 
1 121 PHE n 
1 122 GLU n 
1 123 GLN n 
1 124 GLU n 
1 125 ILE n 
1 126 ASP n 
1 127 PRO n 
1 128 VAL n 
1 129 MET n 
1 130 GLN n 
1 131 SER n 
1 132 LEU n 
1 133 GLY n 
# 
_entity_src_gen.entity_id                          1 
_entity_src_gen.pdbx_src_id                        1 
_entity_src_gen.pdbx_alt_source_flag               sample 
_entity_src_gen.pdbx_seq_type                      'Biological sequence' 
_entity_src_gen.pdbx_beg_seq_num                   1 
_entity_src_gen.pdbx_end_seq_num                   133 
_entity_src_gen.gene_src_common_name               Human 
_entity_src_gen.gene_src_genus                     ? 
_entity_src_gen.pdbx_gene_src_gene                 'CREBBP, CBP' 
_entity_src_gen.gene_src_species                   ? 
_entity_src_gen.gene_src_strain                    ? 
_entity_src_gen.gene_src_tissue                    ? 
_entity_src_gen.gene_src_tissue_fraction           ? 
_entity_src_gen.gene_src_details                   ? 
_entity_src_gen.pdbx_gene_src_fragment             ? 
_entity_src_gen.pdbx_gene_src_scientific_name      'Homo sapiens' 
_entity_src_gen.pdbx_gene_src_ncbi_taxonomy_id     9606 
_entity_src_gen.pdbx_gene_src_variant              ? 
_entity_src_gen.pdbx_gene_src_cell_line            ? 
_entity_src_gen.pdbx_gene_src_atcc                 ? 
_entity_src_gen.pdbx_gene_src_organ                ? 
_entity_src_gen.pdbx_gene_src_organelle            ? 
_entity_src_gen.pdbx_gene_src_cell                 ? 
_entity_src_gen.pdbx_gene_src_cellular_location    ? 
_entity_src_gen.host_org_common_name               ? 
_entity_src_gen.pdbx_host_org_scientific_name      'Escherichia coli' 
_entity_src_gen.pdbx_host_org_ncbi_taxonomy_id     562 
_entity_src_gen.host_org_genus                     ? 
_entity_src_gen.pdbx_host_org_gene                 ? 
_entity_src_gen.pdbx_host_org_organ                ? 
_entity_src_gen.host_org_species                   ? 
_entity_src_gen.pdbx_host_org_tissue               ? 
_entity_src_gen.pdbx_host_org_tissue_fraction      ? 
_entity_src_gen.pdbx_host_org_strain               ? 
_entity_src_gen.pdbx_host_org_variant              ? 
_entity_src_gen.pdbx_host_org_cell_line            ? 
_entity_src_gen.pdbx_host_org_atcc                 ? 
_entity_src_gen.pdbx_host_org_culture_collection   ? 
_entity_src_gen.pdbx_host_org_cell                 ? 
_entity_src_gen.pdbx_host_org_organelle            ? 
_entity_src_gen.pdbx_host_org_cellular_location    ? 
_entity_src_gen.pdbx_host_org_vector_type          ? 
_entity_src_gen.pdbx_host_org_vector               ? 
_entity_src_gen.host_org_details                   ? 
_entity_src_gen.expression_system_id               ? 
_entity_src_gen.plasmid_name                       ? 
_entity_src_gen.plasmid_details                    ? 
_entity_src_gen.pdbx_description                   ? 
# 
_struct_ref.id                         1 
_struct_ref.db_name                    UNP 
_struct_ref.db_code                    CBP_HUMAN 
_struct_ref.pdbx_db_accession          Q92793 
_struct_ref.pdbx_db_isoform            ? 
_struct_ref.entity_id                  1 
_struct_ref.pdbx_seq_one_letter_code   
;RKKIFKPEELRQALMPTLEALYRQDPESLPFRQPVDPQLLGIPDYFDIVKNPMDLSTIKRKLDTGQYQEPWQYVDDVWLM
FNNAWLYNRKTSRVYKFCSKLAEVFEQEIDPVMQSLG
;
_struct_ref.pdbx_align_begin           1081 
# 
_struct_ref_seq.align_id                      1 
_struct_ref_seq.ref_id                        1 
_struct_ref_seq.pdbx_PDB_id_code              7EVJ 
_struct_ref_seq.pdbx_strand_id                A 
_struct_ref_seq.seq_align_beg                 17 
_struct_ref_seq.pdbx_seq_align_beg_ins_code   ? 
_struct_ref_seq.seq_align_end                 133 
_struct_ref_seq.pdbx_seq_align_end_ins_code   ? 
_struct_ref_seq.pdbx_db_accession             Q92793 
_struct_ref_seq.db_align_beg                  1081 
_struct_ref_seq.pdbx_db_align_beg_ins_code    ? 
_struct_ref_seq.db_align_end                  1197 
_struct_ref_seq.pdbx_db_align_end_ins_code    ? 
_struct_ref_seq.pdbx_auth_seq_align_beg       1081 
_struct_ref_seq.pdbx_auth_seq_align_end       1197 
# 
loop_
_struct_ref_seq_dif.align_id 
_struct_ref_seq_dif.pdbx_pdb_id_code 
_struct_ref_seq_dif.mon_id 
_struct_ref_seq_dif.pdbx_pdb_strand_id 
_struct_ref_seq_dif.seq_num 
_struct_ref_seq_dif.pdbx_pdb_ins_code 
_struct_ref_seq_dif.pdbx_seq_db_name 
_struct_ref_seq_dif.pdbx_seq_db_accession_code 
_struct_ref_seq_dif.db_mon_id 
_struct_ref_seq_dif.pdbx_seq_db_seq_num 
_struct_ref_seq_dif.details 
_struct_ref_seq_dif.pdbx_auth_seq_num 
_struct_ref_seq_dif.pdbx_ordinal 
1 7EVJ MET A 1  ? UNP Q92793 ? ? 'expression tag' 1065 1  
1 7EVJ LYS A 2  ? UNP Q92793 ? ? 'expression tag' 1066 2  
1 7EVJ LYS A 3  ? UNP Q92793 ? ? 'expression tag' 1067 3  
1 7EVJ GLY A 4  ? UNP Q92793 ? ? 'expression tag' 1068 4  
1 7EVJ HIS A 5  ? UNP Q92793 ? ? 'expression tag' 1069 5  
1 7EVJ HIS A 6  ? UNP Q92793 ? ? 'expression tag' 1070 6  
1 7EVJ HIS A 7  ? UNP Q92793 ? ? 'expression tag' 1071 7  
1 7EVJ HIS A 8  ? UNP Q92793 ? ? 'expression tag' 1072 8  
1 7EVJ HIS A 9  ? UNP Q92793 ? ? 'expression tag' 1073 9  
1 7EVJ HIS A 10 ? UNP Q92793 ? ? 'expression tag' 1074 10 
1 7EVJ LEU A 11 ? UNP Q92793 ? ? 'expression tag' 1075 11 
1 7EVJ VAL A 12 ? UNP Q92793 ? ? 'expression tag' 1076 12 
1 7EVJ PRO A 13 ? UNP Q92793 ? ? 'expression tag' 1077 13 
1 7EVJ ARG A 14 ? UNP Q92793 ? ? 'expression tag' 1078 14 
1 7EVJ GLY A 15 ? UNP Q92793 ? ? 'expression tag' 1079 15 
1 7EVJ SER A 16 ? UNP Q92793 ? ? 'expression tag' 1080 16 
# 
loop_
_chem_comp.id 
_chem_comp.type 
_chem_comp.mon_nstd_flag 
_chem_comp.name 
_chem_comp.pdbx_synonyms 
_chem_comp.formula 
_chem_comp.formula_weight 
ALA 'L-peptide linking' y ALANINE ?                               'C3 H7 N O2'      89.093  
ARG 'L-peptide linking' y ARGININE ?                               'C6 H15 N4 O2 1'  175.209 
ASN 'L-peptide linking' y ASPARAGINE ?                               'C4 H8 N2 O3'     132.118 
ASP 'L-peptide linking' y 'ASPARTIC ACID' ?                               'C4 H7 N O4'      133.103 
CYS 'L-peptide linking' y CYSTEINE ?                               'C3 H7 N O2 S'    121.158 
GLN 'L-peptide linking' y GLUTAMINE ?                               'C5 H10 N2 O3'    146.144 
GLU 'L-peptide linking' y 'GLUTAMIC ACID' ?                               'C5 H9 N O4'      147.129 
GLY 'peptide linking'   y GLYCINE ?                               'C2 H5 N O2'      75.067  
GOL non-polymer         . GLYCEROL 'GLYCERIN; PROPANE-1,2,3-TRIOL' 'C3 H8 O3'        92.094  
HIS 'L-peptide linking' y HISTIDINE ?                               'C6 H10 N3 O2 1'  156.162 
HOH non-polymer         . WATER ?                               'H2 O'            18.015  
ILE 'L-peptide linking' y ISOLEUCINE ?                               'C6 H13 N O2'     131.173 
JE9 non-polymer         . 
'3-acetyl-1-((3-(1-cyclopropyl-1H-pyrazol-4-yl)-2-fluoro-5-(hydroxymethyl)phenyl)carbamoyl)indolizin-7-yl dimethylcarbamate' ? 
'C27 H26 F N5 O5' 519.524 
LEU 'L-peptide linking' y LEUCINE ?                               'C6 H13 N O2'     131.173 
LYS 'L-peptide linking' y LYSINE ?                               'C6 H15 N2 O2 1'  147.195 
MET 'L-peptide linking' y METHIONINE ?                               'C5 H11 N O2 S'   149.211 
PHE 'L-peptide linking' y PHENYLALANINE ?                               'C9 H11 N O2'     165.189 
PO4 non-polymer         . 'PHOSPHATE ION' ?                               'O4 P -3'         94.971  
PRO 'L-peptide linking' y PROLINE ?                               'C5 H9 N O2'      115.130 
SER 'L-peptide linking' y SERINE ?                               'C3 H7 N O3'      105.093 
THR 'L-peptide linking' y THREONINE ?                               'C4 H9 N O3'      119.119 
TRP 'L-peptide linking' y TRYPTOPHAN ?                               'C11 H12 N2 O2'   204.225 
TYR 'L-peptide linking' y TYROSINE ?                               'C9 H11 N O3'     181.189 
VAL 'L-peptide linking' y VALINE ?                               'C5 H11 N O2'     117.146 
# 
_exptl.absorpt_coefficient_mu     ? 
_exptl.absorpt_correction_T_max   ? 
_exptl.absorpt_correction_T_min   ? 
_exptl.absorpt_correction_type    ? 
_exptl.absorpt_process_details    ? 
_exptl.entry_id                   7EVJ 
_exptl.crystals_number            1 
_exptl.details                    ? 
_exptl.method                     'X-RAY DIFFRACTION' 
_exptl.method_details             ? 
# 
_exptl_crystal.colour                      ? 
_exptl_crystal.density_diffrn              ? 
_exptl_crystal.density_Matthews            2.24 
_exptl_crystal.density_method              ? 
_exptl_crystal.density_percent_sol         45.08 
_exptl_crystal.description                 ? 
_exptl_crystal.F_000                       ? 
_exptl_crystal.id                          1 
_exptl_crystal.preparation                 ? 
_exptl_crystal.size_max                    ? 
_exptl_crystal.size_mid                    ? 
_exptl_crystal.size_min                    ? 
_exptl_crystal.size_rad                    ? 
_exptl_crystal.colour_lustre               ? 
_exptl_crystal.colour_modifier             ? 
_exptl_crystal.colour_primary              ? 
_exptl_crystal.density_meas                ? 
_exptl_crystal.density_meas_esd            ? 
_exptl_crystal.density_meas_gt             ? 
_exptl_crystal.density_meas_lt             ? 
_exptl_crystal.density_meas_temp           ? 
_exptl_crystal.density_meas_temp_esd       ? 
_exptl_crystal.density_meas_temp_gt        ? 
_exptl_crystal.density_meas_temp_lt        ? 
_exptl_crystal.pdbx_crystal_image_url      ? 
_exptl_crystal.pdbx_crystal_image_format   ? 
_exptl_crystal.pdbx_mosaicity              ? 
_exptl_crystal.pdbx_mosaicity_esd          ? 
# 
_exptl_crystal_grow.apparatus       ? 
_exptl_crystal_grow.atmosphere      ? 
_exptl_crystal_grow.crystal_id      1 
_exptl_crystal_grow.details         ? 
_exptl_crystal_grow.method          'VAPOR DIFFUSION, SITTING DROP' 
_exptl_crystal_grow.method_ref      ? 
_exptl_crystal_grow.pH              4.6 
_exptl_crystal_grow.pressure        ? 
_exptl_crystal_grow.pressure_esd    ? 
_exptl_crystal_grow.seeding         ? 
_exptl_crystal_grow.seeding_ref     ? 
_exptl_crystal_grow.temp            277 
_exptl_crystal_grow.temp_details    ? 
_exptl_crystal_grow.temp_esd        ? 
_exptl_crystal_grow.time            ? 
_exptl_crystal_grow.pdbx_details    '0.2 M NH4H2PO4, 20% PEG 3350, pH 4.6, and 20% Gly' 
_exptl_crystal_grow.pdbx_pH_range   ? 
# 
_diffrn.ambient_environment              ? 
_diffrn.ambient_temp                     80 
_diffrn.ambient_temp_details             ? 
_diffrn.ambient_temp_esd                 ? 
_diffrn.crystal_id                       1 
_diffrn.crystal_support                  ? 
_diffrn.crystal_treatment                ? 
_diffrn.details                          ? 
_diffrn.id                               1 
_diffrn.ambient_pressure                 ? 
_diffrn.ambient_pressure_esd             ? 
_diffrn.ambient_pressure_gt              ? 
_diffrn.ambient_pressure_lt              ? 
_diffrn.ambient_temp_gt                  ? 
_diffrn.ambient_temp_lt                  ? 
_diffrn.pdbx_serial_crystal_experiment   N 
# 
_diffrn_detector.details                      ? 
_diffrn_detector.detector                     PIXEL 
_diffrn_detector.diffrn_id                    1 
_diffrn_detector.type                         'DECTRIS PILATUS 6M' 
_diffrn_detector.area_resol_mean              ? 
_diffrn_detector.dtime                        ? 
_diffrn_detector.pdbx_frames_total            ? 
_diffrn_detector.pdbx_collection_time_total   ? 
_diffrn_detector.pdbx_collection_date         2020-04-23 
_diffrn_detector.pdbx_frequency               ? 
# 
_diffrn_radiation.collimation                      ? 
_diffrn_radiation.diffrn_id                        1 
_diffrn_radiation.filter_edge                      ? 
_diffrn_radiation.inhomogeneity                    ? 
_diffrn_radiation.monochromator                    ? 
_diffrn_radiation.polarisn_norm                    ? 
_diffrn_radiation.polarisn_ratio                   ? 
_diffrn_radiation.probe                            ? 
_diffrn_radiation.type                             ? 
_diffrn_radiation.xray_symbol                      ? 
_diffrn_radiation.wavelength_id                    1 
_diffrn_radiation.pdbx_monochromatic_or_laue_m_l   M 
_diffrn_radiation.pdbx_wavelength_list             ? 
_diffrn_radiation.pdbx_wavelength                  ? 
_diffrn_radiation.pdbx_diffrn_protocol             'SINGLE WAVELENGTH' 
_diffrn_radiation.pdbx_analyzer                    ? 
_diffrn_radiation.pdbx_scattering_type             x-ray 
# 
_diffrn_radiation_wavelength.id           1 
_diffrn_radiation_wavelength.wavelength   0.97852 
_diffrn_radiation_wavelength.wt           1.0 
# 
_diffrn_source.current                     ? 
_diffrn_source.details                     ? 
_diffrn_source.diffrn_id                   1 
_diffrn_source.power                       ? 
_diffrn_source.size                        ? 
_diffrn_source.source                      SYNCHROTRON 
_diffrn_source.target                      ? 
_diffrn_source.type                        'SSRF BEAMLINE BL19U1' 
_diffrn_source.voltage                     ? 
_diffrn_source.take-off_angle              ? 
_diffrn_source.pdbx_wavelength_list        0.97852 
_diffrn_source.pdbx_wavelength             ? 
_diffrn_source.pdbx_synchrotron_beamline   BL19U1 
_diffrn_source.pdbx_synchrotron_site       SSRF 
# 
_reflns.B_iso_Wilson_estimate                          ? 
_reflns.entry_id                                       7EVJ 
_reflns.data_reduction_details                         ? 
_reflns.data_reduction_method                          ? 
_reflns.d_resolution_high                              2.570 
_reflns.d_resolution_low                               79.450 
_reflns.details                                        ? 
_reflns.limit_h_max                                    ? 
_reflns.limit_h_min                                    ? 
_reflns.limit_k_max                                    ? 
_reflns.limit_k_min                                    ? 
_reflns.limit_l_max                                    ? 
_reflns.limit_l_min                                    ? 
_reflns.number_all                                     ? 
_reflns.number_obs                                     4962 
_reflns.observed_criterion                             ? 
_reflns.observed_criterion_F_max                       ? 
_reflns.observed_criterion_F_min                       ? 
_reflns.observed_criterion_I_max                       ? 
_reflns.observed_criterion_I_min                       ? 
_reflns.observed_criterion_sigma_F                     ? 
_reflns.observed_criterion_sigma_I                     ? 
_reflns.percent_possible_obs                           100.000 
_reflns.R_free_details                                 ? 
_reflns.Rmerge_F_all                                   ? 
_reflns.Rmerge_F_obs                                   ? 
_reflns.Friedel_coverage                               ? 
_reflns.number_gt                                      ? 
_reflns.threshold_expression                           ? 
_reflns.pdbx_redundancy                                11.900 
_reflns.pdbx_Rmerge_I_obs                              0.107 
_reflns.pdbx_Rmerge_I_all                              ? 
_reflns.pdbx_Rsym_value                                ? 
_reflns.pdbx_netI_over_av_sigmaI                       ? 
_reflns.pdbx_netI_over_sigmaI                          18.300 
_reflns.pdbx_res_netI_over_av_sigmaI_2                 ? 
_reflns.pdbx_res_netI_over_sigmaI_2                    ? 
_reflns.pdbx_chi_squared                               ? 
_reflns.pdbx_scaling_rejects                           53 
_reflns.pdbx_d_res_high_opt                            ? 
_reflns.pdbx_d_res_low_opt                             ? 
_reflns.pdbx_d_res_opt_method                          ? 
_reflns.phase_calculation_details                      ? 
_reflns.pdbx_Rrim_I_all                                0.112 
_reflns.pdbx_Rpim_I_all                                0.032 
_reflns.pdbx_d_opt                                     ? 
_reflns.pdbx_number_measured_all                       59161 
_reflns.pdbx_diffrn_id                                 1 
_reflns.pdbx_ordinal                                   1 
_reflns.pdbx_CC_half                                   0.998 
_reflns.pdbx_CC_star                                   ? 
_reflns.pdbx_R_split                                   ? 
_reflns.pdbx_aniso_diffraction_limit_axis_1_ortho[1]   ? 
_reflns.pdbx_aniso_diffraction_limit_axis_1_ortho[2]   ? 
_reflns.pdbx_aniso_diffraction_limit_axis_1_ortho[3]   ? 
_reflns.pdbx_aniso_diffraction_limit_axis_2_ortho[1]   ? 
_reflns.pdbx_aniso_diffraction_limit_axis_2_ortho[2]   ? 
_reflns.pdbx_aniso_diffraction_limit_axis_2_ortho[3]   ? 
_reflns.pdbx_aniso_diffraction_limit_axis_3_ortho[1]   ? 
_reflns.pdbx_aniso_diffraction_limit_axis_3_ortho[2]   ? 
_reflns.pdbx_aniso_diffraction_limit_axis_3_ortho[3]   ? 
_reflns.pdbx_aniso_diffraction_limit_1                 ? 
_reflns.pdbx_aniso_diffraction_limit_2                 ? 
_reflns.pdbx_aniso_diffraction_limit_3                 ? 
_reflns.pdbx_aniso_B_tensor_eigenvector_1_ortho[1]     ? 
_reflns.pdbx_aniso_B_tensor_eigenvector_1_ortho[2]     ? 
_reflns.pdbx_aniso_B_tensor_eigenvector_1_ortho[3]     ? 
_reflns.pdbx_aniso_B_tensor_eigenvector_2_ortho[1]     ? 
_reflns.pdbx_aniso_B_tensor_eigenvector_2_ortho[2]     ? 
_reflns.pdbx_aniso_B_tensor_eigenvector_2_ortho[3]     ? 
_reflns.pdbx_aniso_B_tensor_eigenvector_3_ortho[1]     ? 
_reflns.pdbx_aniso_B_tensor_eigenvector_3_ortho[2]     ? 
_reflns.pdbx_aniso_B_tensor_eigenvector_3_ortho[3]     ? 
_reflns.pdbx_aniso_B_tensor_eigenvalue_1               ? 
_reflns.pdbx_aniso_B_tensor_eigenvalue_2               ? 
_reflns.pdbx_aniso_B_tensor_eigenvalue_3               ? 
_reflns.pdbx_orthogonalization_convention              ? 
_reflns.pdbx_percent_possible_ellipsoidal              ? 
_reflns.pdbx_percent_possible_spherical                ? 
_reflns.pdbx_percent_possible_ellipsoidal_anomalous    ? 
_reflns.pdbx_percent_possible_spherical_anomalous      ? 
_reflns.pdbx_redundancy_anomalous                      ? 
_reflns.pdbx_CC_half_anomalous                         ? 
_reflns.pdbx_absDiff_over_sigma_anomalous              ? 
_reflns.pdbx_percent_possible_anomalous                ? 
_reflns.pdbx_observed_signal_threshold                 ? 
_reflns.pdbx_signal_type                               ? 
_reflns.pdbx_signal_details                            ? 
_reflns.pdbx_signal_software_id                        ? 
# 
loop_
_reflns_shell.d_res_high 
_reflns_shell.d_res_low 
_reflns_shell.meanI_over_sigI_all 
_reflns_shell.meanI_over_sigI_obs 
_reflns_shell.number_measured_all 
_reflns_shell.number_measured_obs 
_reflns_shell.number_possible 
_reflns_shell.number_unique_all 
_reflns_shell.number_unique_obs 
_reflns_shell.percent_possible_all 
_reflns_shell.percent_possible_obs 
_reflns_shell.Rmerge_F_all 
_reflns_shell.Rmerge_F_obs 
_reflns_shell.Rmerge_I_all 
_reflns_shell.Rmerge_I_obs 
_reflns_shell.meanI_over_sigI_gt 
_reflns_shell.meanI_over_uI_all 
_reflns_shell.meanI_over_uI_gt 
_reflns_shell.number_measured_gt 
_reflns_shell.number_unique_gt 
_reflns_shell.percent_possible_gt 
_reflns_shell.Rmerge_F_gt 
_reflns_shell.Rmerge_I_gt 
_reflns_shell.pdbx_redundancy 
_reflns_shell.pdbx_Rsym_value 
_reflns_shell.pdbx_chi_squared 
_reflns_shell.pdbx_netI_over_sigmaI_all 
_reflns_shell.pdbx_netI_over_sigmaI_obs 
_reflns_shell.pdbx_Rrim_I_all 
_reflns_shell.pdbx_Rpim_I_all 
_reflns_shell.pdbx_rejects 
_reflns_shell.pdbx_ordinal 
_reflns_shell.pdbx_diffrn_id 
_reflns_shell.pdbx_CC_half 
_reflns_shell.pdbx_CC_star 
_reflns_shell.pdbx_R_split 
_reflns_shell.pdbx_percent_possible_ellipsoidal 
_reflns_shell.pdbx_percent_possible_spherical 
_reflns_shell.pdbx_percent_possible_ellipsoidal_anomalous 
_reflns_shell.pdbx_percent_possible_spherical_anomalous 
_reflns_shell.pdbx_redundancy_anomalous 
_reflns_shell.pdbx_CC_half_anomalous 
_reflns_shell.pdbx_absDiff_over_sigma_anomalous 
_reflns_shell.pdbx_percent_possible_anomalous 
2.570 2.680  ? ? 7211 ? ? ? 593 100.000 ? ? ? ? 0.542 ? ? ? ? ? ? ? ? 12.200 ? ? ? 5.300  0.566 0.161 ? 1 1 0.938 ? ? ? ? ? ? ? ? 
? ? 
8.900 79.450 ? ? 1431 ? ? ? 155 99.800  ? ? ? ? 0.039 ? ? ? ? ? ? ? ? 9.200  ? ? ? 33.700 0.041 0.014 ? 2 1 0.998 ? ? ? ? ? ? ? ? 
? ? 
# 
_refine.aniso_B[1][1]                            -0.9500 
_refine.aniso_B[1][2]                            0.0000 
_refine.aniso_B[1][3]                            0.0000 
_refine.aniso_B[2][2]                            -0.9500 
_refine.aniso_B[2][3]                            -0.0000 
_refine.aniso_B[3][3]                            1.8900 
_refine.B_iso_max                                314.220 
_refine.B_iso_mean                               41.4980 
_refine.B_iso_min                                19.250 
_refine.correlation_coeff_Fo_to_Fc               0.9470 
_refine.correlation_coeff_Fo_to_Fc_free          0.9370 
_refine.details                                  
'HYDROGENS HAVE BEEN ADDED IN THE RIDING POSITIONS U VALUES      : REFINED INDIVIDUALLY' 
_refine.diff_density_max                         ? 
_refine.diff_density_max_esd                     ? 
_refine.diff_density_min                         ? 
_refine.diff_density_min_esd                     ? 
_refine.diff_density_rms                         ? 
_refine.diff_density_rms_esd                     ? 
_refine.entry_id                                 7EVJ 
_refine.pdbx_refine_id                           'X-RAY DIFFRACTION' 
_refine.ls_abs_structure_details                 ? 
_refine.ls_abs_structure_Flack                   ? 
_refine.ls_abs_structure_Flack_esd               ? 
_refine.ls_abs_structure_Rogers                  ? 
_refine.ls_abs_structure_Rogers_esd              ? 
_refine.ls_d_res_high                            2.5700 
_refine.ls_d_res_low                             56.1800 
_refine.ls_extinction_coef                       ? 
_refine.ls_extinction_coef_esd                   ? 
_refine.ls_extinction_expression                 ? 
_refine.ls_extinction_method                     ? 
_refine.ls_goodness_of_fit_all                   ? 
_refine.ls_goodness_of_fit_all_esd               ? 
_refine.ls_goodness_of_fit_obs                   ? 
_refine.ls_goodness_of_fit_obs_esd               ? 
_refine.ls_hydrogen_treatment                    ? 
_refine.ls_matrix_type                           ? 
_refine.ls_number_constraints                    ? 
_refine.ls_number_parameters                     ? 
_refine.ls_number_reflns_all                     ? 
_refine.ls_number_reflns_obs                     4674 
_refine.ls_number_reflns_R_free                  272 
_refine.ls_number_reflns_R_work                  ? 
_refine.ls_number_restraints                     ? 
_refine.ls_percent_reflns_obs                    99.9400 
_refine.ls_percent_reflns_R_free                 5.5000 
_refine.ls_R_factor_all                          ? 
_refine.ls_R_factor_obs                          0.1882 
_refine.ls_R_factor_R_free                       0.2093 
_refine.ls_R_factor_R_free_error                 ? 
_refine.ls_R_factor_R_free_error_details         ? 
_refine.ls_R_factor_R_work                       0.1869 
_refine.ls_R_Fsqd_factor_obs                     ? 
_refine.ls_R_I_factor_obs                        ? 
_refine.ls_redundancy_reflns_all                 ? 
_refine.ls_redundancy_reflns_obs                 ? 
_refine.ls_restrained_S_all                      ? 
_refine.ls_restrained_S_obs                      ? 
_refine.ls_shift_over_esd_max                    ? 
_refine.ls_shift_over_esd_mean                   ? 
_refine.ls_structure_factor_coef                 ? 
_refine.ls_weighting_details                     ? 
_refine.ls_weighting_scheme                      ? 
_refine.ls_wR_factor_all                         ? 
_refine.ls_wR_factor_obs                         ? 
_refine.ls_wR_factor_R_free                      ? 
_refine.ls_wR_factor_R_work                      ? 
_refine.occupancy_max                            ? 
_refine.occupancy_min                            ? 
_refine.solvent_model_details                    MASK 
_refine.solvent_model_param_bsol                 ? 
_refine.solvent_model_param_ksol                 ? 
_refine.pdbx_R_complete                          ? 
_refine.ls_R_factor_gt                           ? 
_refine.ls_goodness_of_fit_gt                    ? 
_refine.ls_goodness_of_fit_ref                   ? 
_refine.ls_shift_over_su_max                     ? 
_refine.ls_shift_over_su_max_lt                  ? 
_refine.ls_shift_over_su_mean                    ? 
_refine.ls_shift_over_su_mean_lt                 ? 
_refine.pdbx_ls_sigma_I                          ? 
_refine.pdbx_ls_sigma_F                          0.000 
_refine.pdbx_ls_sigma_Fsqd                       ? 
_refine.pdbx_data_cutoff_high_absF               ? 
_refine.pdbx_data_cutoff_high_rms_absF           ? 
_refine.pdbx_data_cutoff_low_absF                ? 
_refine.pdbx_isotropic_thermal_model             ? 
_refine.pdbx_ls_cross_valid_method               THROUGHOUT 
_refine.pdbx_method_to_determine_struct          'MOLECULAR REPLACEMENT' 
_refine.pdbx_starting_model                      5XXH 
_refine.pdbx_stereochemistry_target_values       'MAXIMUM LIKELIHOOD' 
_refine.pdbx_R_Free_selection_details            RANDOM 
_refine.pdbx_stereochem_target_val_spec_case     ? 
_refine.pdbx_overall_ESU_R                       0.6620 
_refine.pdbx_overall_ESU_R_Free                  0.2570 
_refine.pdbx_solvent_vdw_probe_radii             1.2000 
_refine.pdbx_solvent_ion_probe_radii             0.8000 
_refine.pdbx_solvent_shrinkage_radii             0.8000 
_refine.pdbx_real_space_R                        ? 
_refine.pdbx_density_correlation                 ? 
_refine.pdbx_pd_number_of_powder_patterns        ? 
_refine.pdbx_pd_number_of_points                 ? 
_refine.pdbx_pd_meas_number_of_points            ? 
_refine.pdbx_pd_proc_ls_prof_R_factor            ? 
_refine.pdbx_pd_proc_ls_prof_wR_factor           ? 
_refine.pdbx_pd_Marquardt_correlation_coeff      ? 
_refine.pdbx_pd_Fsqrd_R_factor                   ? 
_refine.pdbx_pd_ls_matrix_band_width             ? 
_refine.pdbx_overall_phase_error                 ? 
_refine.pdbx_overall_SU_R_free_Cruickshank_DPI   ? 
_refine.pdbx_overall_SU_R_free_Blow_DPI          ? 
_refine.pdbx_overall_SU_R_Blow_DPI               ? 
_refine.pdbx_TLS_residual_ADP_flag               ? 
_refine.pdbx_diffrn_id                           1 
_refine.overall_SU_B                             7.0930 
_refine.overall_SU_ML                            0.1570 
_refine.overall_SU_R_Cruickshank_DPI             ? 
_refine.overall_SU_R_free                        ? 
_refine.overall_FOM_free_R_set                   ? 
_refine.overall_FOM_work_R_set                   ? 
_refine.pdbx_average_fsc_overall                 ? 
_refine.pdbx_average_fsc_work                    ? 
_refine.pdbx_average_fsc_free                    ? 
# 
_refine_hist.pdbx_refine_id                   'X-RAY DIFFRACTION' 
_refine_hist.cycle_id                         final 
_refine_hist.details                          ? 
_refine_hist.d_res_high                       2.5700 
_refine_hist.d_res_low                        56.1800 
_refine_hist.number_atoms_solvent             35 
_refine_hist.number_atoms_total               1028 
_refine_hist.number_reflns_all                ? 
_refine_hist.number_reflns_obs                ? 
_refine_hist.number_reflns_R_free             ? 
_refine_hist.number_reflns_R_work             ? 
_refine_hist.R_factor_all                     ? 
_refine_hist.R_factor_obs                     ? 
_refine_hist.R_factor_R_free                  ? 
_refine_hist.R_factor_R_work                  ? 
_refine_hist.pdbx_number_residues_total       111 
_refine_hist.pdbx_B_iso_mean_ligand           44.21 
_refine_hist.pdbx_B_iso_mean_solvent          47.41 
_refine_hist.pdbx_number_atoms_protein        944 
_refine_hist.pdbx_number_atoms_nucleic_acid   0 
_refine_hist.pdbx_number_atoms_ligand         49 
_refine_hist.pdbx_number_atoms_lipid          ? 
_refine_hist.pdbx_number_atoms_carb           ? 
_refine_hist.pdbx_pseudo_atom_details         ? 
# 
loop_
_refine_ls_restr.pdbx_refine_id 
_refine_ls_restr.criterion 
_refine_ls_restr.dev_ideal 
_refine_ls_restr.dev_ideal_target 
_refine_ls_restr.number 
_refine_ls_restr.rejects 
_refine_ls_restr.type 
_refine_ls_restr.weight 
_refine_ls_restr.pdbx_restraint_function 
'X-RAY DIFFRACTION' ? 0.014  0.020  1022 ? r_bond_refined_d       ? ? 
'X-RAY DIFFRACTION' ? 0.004  0.020  929  ? r_bond_other_d         ? ? 
'X-RAY DIFFRACTION' ? 1.864  2.030  1390 ? r_angle_refined_deg    ? ? 
'X-RAY DIFFRACTION' ? 1.130  3.006  2163 ? r_angle_other_deg      ? ? 
'X-RAY DIFFRACTION' ? 7.118  5.000  110  ? r_dihedral_angle_1_deg ? ? 
'X-RAY DIFFRACTION' ? 35.385 24.314 51   ? r_dihedral_angle_2_deg ? ? 
'X-RAY DIFFRACTION' ? 16.879 15.000 175  ? r_dihedral_angle_3_deg ? ? 
'X-RAY DIFFRACTION' ? 22.625 15.000 7    ? r_dihedral_angle_4_deg ? ? 
'X-RAY DIFFRACTION' ? 0.091  0.200  138  ? r_chiral_restr         ? ? 
'X-RAY DIFFRACTION' ? 0.010  0.021  1095 ? r_gen_planes_refined   ? ? 
'X-RAY DIFFRACTION' ? 0.002  0.020  209  ? r_gen_planes_other     ? ? 
# 
_refine_ls_shell.pdbx_refine_id                   'X-RAY DIFFRACTION' 
_refine_ls_shell.d_res_high                       2.5700 
_refine_ls_shell.d_res_low                        2.6370 
_refine_ls_shell.number_reflns_all                351 
_refine_ls_shell.number_reflns_obs                ? 
_refine_ls_shell.number_reflns_R_free             18 
_refine_ls_shell.number_reflns_R_work             333 
_refine_ls_shell.percent_reflns_obs               100.0000 
_refine_ls_shell.percent_reflns_R_free            ? 
_refine_ls_shell.R_factor_all                     ? 
_refine_ls_shell.R_factor_obs                     ? 
_refine_ls_shell.R_factor_R_free                  0.3040 
_refine_ls_shell.R_factor_R_free_error            0.0000 
_refine_ls_shell.R_factor_R_work                  0.2110 
_refine_ls_shell.redundancy_reflns_all            ? 
_refine_ls_shell.redundancy_reflns_obs            ? 
_refine_ls_shell.wR_factor_all                    ? 
_refine_ls_shell.wR_factor_obs                    ? 
_refine_ls_shell.wR_factor_R_free                 ? 
_refine_ls_shell.wR_factor_R_work                 ? 
_refine_ls_shell.pdbx_R_complete                  ? 
_refine_ls_shell.pdbx_total_number_of_bins_used   20 
_refine_ls_shell.pdbx_phase_error                 ? 
_refine_ls_shell.pdbx_fsc_work                    ? 
_refine_ls_shell.pdbx_fsc_free                    ? 
# 
_struct.entry_id                     7EVJ 
_struct.title                        'Crystal structure of CBP bromodomain liganded with 9c' 
_struct.pdbx_model_details           ? 
_struct.pdbx_formula_weight          ? 
_struct.pdbx_formula_weight_method   ? 
_struct.pdbx_model_type_details      ? 
_struct.pdbx_CASP_flag               N 
# 
_struct_keywords.entry_id        7EVJ 
_struct_keywords.text            'Histone acetyltransferase, CBP, Bromodomain, PROTEIN BINDING' 
_struct_keywords.pdbx_keywords   'PROTEIN BINDING' 
# 
loop_
_struct_asym.id 
_struct_asym.pdbx_blank_PDB_chainid_flag 
_struct_asym.pdbx_modified 
_struct_asym.entity_id 
_struct_asym.details 
A N N 1 ? 
B N N 2 ? 
C N N 3 ? 
D N N 4 ? 
E N N 5 ? 
# 
loop_
_struct_conf.conf_type_id 
_struct_conf.id 
_struct_conf.pdbx_PDB_helix_id 
_struct_conf.beg_label_comp_id 
_struct_conf.beg_label_asym_id 
_struct_conf.beg_label_seq_id 
_struct_conf.pdbx_beg_PDB_ins_code 
_struct_conf.end_label_comp_id 
_struct_conf.end_label_asym_id 
_struct_conf.end_label_seq_id 
_struct_conf.pdbx_end_PDB_ins_code 
_struct_conf.beg_auth_comp_id 
_struct_conf.beg_auth_asym_id 
_struct_conf.beg_auth_seq_id 
_struct_conf.end_auth_comp_id 
_struct_conf.end_auth_asym_id 
_struct_conf.end_auth_seq_id 
_struct_conf.pdbx_PDB_helix_class 
_struct_conf.details 
_struct_conf.pdbx_PDB_helix_length 
HELX_P HELX_P1 AA1 LYS A 22  ? GLN A 40  ? LYS A 1086 GLN A 1104 1 ? 19 
HELX_P HELX_P2 AA2 SER A 44  ? ARG A 48  ? SER A 1108 ARG A 1112 5 ? 5  
HELX_P HELX_P3 AA3 ASP A 52  ? GLY A 57  ? ASP A 1116 GLY A 1121 1 ? 6  
HELX_P HELX_P4 AA4 ASP A 60  ? VAL A 65  ? ASP A 1124 VAL A 1129 1 ? 6  
HELX_P HELX_P5 AA5 ASP A 70  ? THR A 80  ? ASP A 1134 THR A 1144 1 ? 11 
HELX_P HELX_P6 AA6 GLU A 85  ? ASN A 104 ? GLU A 1149 ASN A 1168 1 ? 20 
HELX_P HELX_P7 AA7 SER A 108 ? ASP A 126 ? SER A 1172 ASP A 1190 1 ? 19 
# 
_struct_conf_type.id          HELX_P 
_struct_conf_type.criteria    ? 
_struct_conf_type.reference   ? 
# 
loop_
_struct_site.id 
_struct_site.pdbx_evidence_code 
_struct_site.pdbx_auth_asym_id 
_struct_site.pdbx_auth_comp_id 
_struct_site.pdbx_auth_seq_id 
_struct_site.pdbx_auth_ins_code 
_struct_site.pdbx_num_residues 
_struct_site.details 
AC1 Software A JE9 1201 ? 11 'binding site for residue JE9 A 1201' 
AC2 Software A PO4 1202 ? 5  'binding site for residue PO4 A 1202' 
AC3 Software A GOL 1203 ? 3  'binding site for residue GOL A 1203' 
# 
loop_
_struct_site_gen.id 
_struct_site_gen.site_id 
_struct_site_gen.pdbx_num_res 
_struct_site_gen.label_comp_id 
_struct_site_gen.label_asym_id 
_struct_site_gen.label_seq_id 
_struct_site_gen.pdbx_auth_ins_code 
_struct_site_gen.auth_comp_id 
_struct_site_gen.auth_asym_id 
_struct_site_gen.auth_seq_id 
_struct_site_gen.label_atom_id 
_struct_site_gen.label_alt_id 
_struct_site_gen.symmetry 
_struct_site_gen.details 
1  AC1 11 LEU A 45  ? LEU A 1109 . ? 1_555 ? 
2  AC1 11 PRO A 46  ? PRO A 1110 . ? 1_555 ? 
3  AC1 11 GLN A 49  ? GLN A 1113 . ? 1_555 ? 
4  AC1 11 LEU A 56  ? LEU A 1120 . ? 1_555 ? 
5  AC1 11 ILE A 58  ? ILE A 1122 . ? 1_555 ? 
6  AC1 11 ASN A 104 ? ASN A 1168 . ? 1_555 ? 
7  AC1 11 ARG A 109 ? ARG A 1173 . ? 1_555 ? 
8  AC1 11 VAL A 110 ? VAL A 1174 . ? 1_555 ? 
9  AC1 11 PO4 C .   ? PO4 A 1202 . ? 8_555 ? 
10 AC1 11 HOH E .   ? HOH A 1302 . ? 1_555 ? 
11 AC1 11 HOH E .   ? HOH A 1322 . ? 1_555 ? 
12 AC2 5  SER A 108 ? SER A 1172 . ? 1_555 ? 
13 AC2 5  ARG A 109 ? ARG A 1173 . ? 8_555 ? 
14 AC2 5  ARG A 109 ? ARG A 1173 . ? 1_555 ? 
15 AC2 5  JE9 B .   ? JE9 A 1201 . ? 8_555 ? 
16 AC2 5  HOH E .   ? HOH A 1326 . ? 1_555 ? 
17 AC3 3  GLN A 82  ? GLN A 1146 . ? 1_555 ? 
18 AC3 3  TRP A 94  ? TRP A 1158 . ? 3_455 ? 
19 AC3 3  ASN A 98  ? ASN A 1162 . ? 3_455 ? 
# 
_atom_sites.entry_id                    7EVJ 
_atom_sites.Cartn_transf_matrix[1][1]   ? 
_atom_sites.Cartn_transf_matrix[1][2]   ? 
_atom_sites.Cartn_transf_matrix[1][3]   ? 
_atom_sites.Cartn_transf_matrix[2][1]   ? 
_atom_sites.Cartn_transf_matrix[2][2]   ? 
_atom_sites.Cartn_transf_matrix[2][3]   ? 
_atom_sites.Cartn_transf_matrix[3][1]   ? 
_atom_sites.Cartn_transf_matrix[3][2]   ? 
_atom_sites.Cartn_transf_matrix[3][3]   ? 
_atom_sites.Cartn_transf_vector[1]      ? 
_atom_sites.Cartn_transf_vector[2]      ? 
_atom_sites.Cartn_transf_vector[3]      ? 
_atom_sites.fract_transf_matrix[1][1]   0.00539767 
_atom_sites.fract_transf_matrix[1][2]   -0.00764744 
_atom_sites.fract_transf_matrix[1][3]   0.00841513 
_atom_sites.fract_transf_matrix[2][1]   0.00647610 
_atom_sites.fract_transf_matrix[2][2]   -0.00558923 
_atom_sites.fract_transf_matrix[2][3]   -0.00923327 
_atom_sites.fract_transf_matrix[3][1]   0.01646096 
_atom_sites.fract_transf_matrix[3][2]   0.01459868 
_atom_sites.fract_transf_matrix[3][3]   0.00270841 
_atom_sites.fract_transf_vector[1]      -0.288801 
_atom_sites.fract_transf_vector[2]      0.078929 
_atom_sites.fract_transf_vector[3]      0.226645 
_atom_sites.solution_primary            ? 
_atom_sites.solution_secondary          ? 
_atom_sites.solution_hydrogens          ? 
_atom_sites.special_details             ? 
# 
loop_
_atom_type.symbol 
C 
F 
N 
O 
P 
S 
# 
loop_
_atom_site.group_PDB 
_atom_site.id 
_atom_site.type_symbol 
_atom_site.label_atom_id 
_atom_site.label_alt_id 
_atom_site.label_comp_id 
_atom_site.label_asym_id 
_atom_site.label_entity_id 
_atom_site.label_seq_id 
_atom_site.pdbx_PDB_ins_code 
_atom_site.Cartn_x 
_atom_site.Cartn_y 
_atom_site.Cartn_z 
_atom_site.occupancy 
_atom_site.B_iso_or_equiv 
_atom_site.pdbx_formal_charge 
_atom_site.auth_seq_id 
_atom_site.auth_comp_id 
_atom_site.auth_asym_id 
_atom_site.auth_atom_id 
_atom_site.pdbx_PDB_model_num 
ATOM   1    N N   . ARG A 1 17  ? 6.433   27.596  -11.611 1.00 59.64  ? 1081 ARG A N   1 
ATOM   2    C CA  . ARG A 1 17  ? 6.439   27.129  -13.038 1.00 60.86  ? 1081 ARG A CA  1 
ATOM   3    C C   . ARG A 1 17  ? 6.113   25.633  -13.201 1.00 59.17  ? 1081 ARG A C   1 
ATOM   4    O O   . ARG A 1 17  ? 6.800   24.773  -12.648 1.00 57.07  ? 1081 ARG A O   1 
ATOM   5    C CB  . ARG A 1 17  ? 7.780   27.456  -13.705 1.00 61.59  ? 1081 ARG A CB  1 
ATOM   6    C CG  . ARG A 1 17  ? 7.916   26.956  -15.140 1.00 59.09  ? 1081 ARG A CG  1 
ATOM   7    C CD  . ARG A 1 17  ? 8.900   25.804  -15.240 1.00 59.90  ? 1081 ARG A CD  1 
ATOM   8    N NE  . ARG A 1 17  ? 8.726   25.043  -16.471 1.00 59.34  ? 1081 ARG A NE  1 
ATOM   9    C CZ  . ARG A 1 17  ? 9.437   23.971  -16.817 1.00 57.56  ? 1081 ARG A CZ  1 
ATOM   10   N NH1 . ARG A 1 17  ? 9.159   23.354  -17.955 1.00 60.85  ? 1081 ARG A NH1 1 
ATOM   11   N NH2 . ARG A 1 17  ? 10.416  23.496  -16.046 1.00 57.67  ? 1081 ARG A NH2 1 
ATOM   12   N N   . LYS A 1 18  ? 5.093   25.355  -14.016 1.00 60.12  ? 1082 LYS A N   1 
ATOM   13   C CA  . LYS A 1 18  ? 4.446   24.024  -14.121 1.00 57.58  ? 1082 LYS A CA  1 
ATOM   14   C C   . LYS A 1 18  ? 5.263   22.996  -14.907 1.00 53.36  ? 1082 LYS A C   1 
ATOM   15   O O   . LYS A 1 18  ? 5.796   23.303  -15.976 1.00 53.33  ? 1082 LYS A O   1 
ATOM   16   C CB  . LYS A 1 18  ? 3.044   24.148  -14.761 1.00 59.83  ? 1082 LYS A CB  1 
ATOM   17   C CG  . LYS A 1 18  ? 2.040   25.040  -14.019 1.00 60.89  ? 1082 LYS A CG  1 
ATOM   18   C CD  . LYS A 1 18  ? 1.560   24.413  -12.716 1.00 62.65  ? 1082 LYS A CD  1 
ATOM   19   C CE  . LYS A 1 18  ? 0.529   25.270  -11.998 1.00 64.19  ? 1082 LYS A CE  1 
ATOM   20   N NZ  . LYS A 1 18  ? 0.371   24.815  -10.590 1.00 66.11  ? 1082 LYS A NZ  1 
ATOM   21   N N   . LYS A 1 19  ? 5.300   21.766  -14.387 1.00 49.38  ? 1083 LYS A N   1 
ATOM   22   C CA  . LYS A 1 19  ? 6.220   20.739  -14.837 1.00 46.02  ? 1083 LYS A CA  1 
ATOM   23   C C   . LYS A 1 19  ? 5.726   19.326  -14.485 1.00 44.57  ? 1083 LYS A C   1 
ATOM   24   O O   . LYS A 1 19  ? 5.252   19.104  -13.363 1.00 41.87  ? 1083 LYS A O   1 
ATOM   25   C CB  . LYS A 1 19  ? 7.521   20.986  -14.103 1.00 48.07  ? 1083 LYS A CB  1 
ATOM   26   C CG  . LYS A 1 19  ? 8.655   20.084  -14.463 1.00 51.61  ? 1083 LYS A CG  1 
ATOM   27   C CD  . LYS A 1 19  ? 9.732   20.220  -13.417 1.00 53.68  ? 1083 LYS A CD  1 
ATOM   28   C CE  . LYS A 1 19  ? 10.944  19.415  -13.813 1.00 57.30  ? 1083 LYS A CE  1 
ATOM   29   N NZ  . LYS A 1 19  ? 11.647  18.949  -12.599 1.00 60.82  ? 1083 LYS A NZ  1 
ATOM   30   N N   . ILE A 1 20  ? 5.878   18.377  -15.420 1.00 40.21  ? 1084 ILE A N   1 
ATOM   31   C CA  . ILE A 1 20  ? 5.825   16.936  -15.099 1.00 38.03  ? 1084 ILE A CA  1 
ATOM   32   C C   . ILE A 1 20  ? 7.166   16.501  -14.439 1.00 38.75  ? 1084 ILE A C   1 
ATOM   33   O O   . ILE A 1 20  ? 8.223   16.612  -15.035 1.00 39.27  ? 1084 ILE A O   1 
ATOM   34   C CB  . ILE A 1 20  ? 5.540   16.044  -16.360 1.00 36.44  ? 1084 ILE A CB  1 
ATOM   35   C CG1 . ILE A 1 20  ? 4.239   16.443  -17.060 1.00 36.89  ? 1084 ILE A CG1 1 
ATOM   36   C CG2 . ILE A 1 20  ? 5.449   14.563  -15.987 1.00 36.74  ? 1084 ILE A CG2 1 
ATOM   37   C CD1 . ILE A 1 20  ? 3.960   15.669  -18.339 1.00 37.11  ? 1084 ILE A CD1 1 
ATOM   38   N N   . PHE A 1 21  ? 7.097   15.985  -13.214 1.00 41.04  ? 1085 PHE A N   1 
ATOM   39   C CA  . PHE A 1 21  ? 8.248   15.410  -12.502 1.00 41.40  ? 1085 PHE A CA  1 
ATOM   40   C C   . PHE A 1 21  ? 8.613   13.960  -12.990 1.00 42.76  ? 1085 PHE A C   1 
ATOM   41   O O   . PHE A 1 21  ? 7.730   13.127  -13.281 1.00 39.52  ? 1085 PHE A O   1 
ATOM   42   C CB  . PHE A 1 21  ? 7.990   15.508  -10.960 1.00 43.23  ? 1085 PHE A CB  1 
ATOM   43   C CG  . PHE A 1 21  ? 8.006   16.937  -10.433 1.00 46.65  ? 1085 PHE A CG  1 
ATOM   44   C CD1 . PHE A 1 21  ? 6.868   17.719  -10.469 1.00 48.38  ? 1085 PHE A CD1 1 
ATOM   45   C CD2 . PHE A 1 21  ? 9.176   17.508  -9.939  1.00 50.53  ? 1085 PHE A CD2 1 
ATOM   46   C CE1 . PHE A 1 21  ? 6.876   19.031  -10.003 1.00 49.56  ? 1085 PHE A CE1 1 
ATOM   47   C CE2 . PHE A 1 21  ? 9.198   18.823  -9.495  1.00 53.78  ? 1085 PHE A CE2 1 
ATOM   48   C CZ  . PHE A 1 21  ? 8.038   19.586  -9.520  1.00 50.89  ? 1085 PHE A CZ  1 
ATOM   49   N N   . LYS A 1 22  ? 9.924   13.690  -13.095 1.00 43.32  ? 1086 LYS A N   1 
ATOM   50   C CA  . LYS A 1 22  ? 10.498  12.347  -13.419 1.00 43.26  ? 1086 LYS A CA  1 
ATOM   51   C C   . LYS A 1 22  ? 10.333  11.394  -12.234 1.00 39.31  ? 1086 LYS A C   1 
ATOM   52   O O   . LYS A 1 22  ? 10.309  11.865  -11.104 1.00 37.23  ? 1086 LYS A O   1 
ATOM   53   C CB  . LYS A 1 22  ? 12.007  12.490  -13.719 1.00 47.08  ? 1086 LYS A CB  1 
ATOM   54   C CG  . LYS A 1 22  ? 12.335  13.431  -14.878 1.00 50.21  ? 1086 LYS A CG  1 
ATOM   55   C CD  . LYS A 1 22  ? 13.830  13.566  -15.128 1.00 51.51  ? 1086 LYS A CD  1 
ATOM   56   C CE  . LYS A 1 22  ? 14.082  14.498  -16.298 1.00 53.87  ? 1086 LYS A CE  1 
ATOM   57   N NZ  . LYS A 1 22  ? 15.515  14.895  -16.351 1.00 56.61  ? 1086 LYS A NZ  1 
ATOM   58   N N   . PRO A 1 23  ? 10.230  10.067  -12.460 1.00 38.19  ? 1087 PRO A N   1 
ATOM   59   C CA  . PRO A 1 23  ? 10.099  9.158   -11.297 1.00 42.40  ? 1087 PRO A CA  1 
ATOM   60   C C   . PRO A 1 23  ? 11.171  9.341   -10.162 1.00 46.40  ? 1087 PRO A C   1 
ATOM   61   O O   . PRO A 1 23  ? 10.825  9.293   -8.957  1.00 45.79  ? 1087 PRO A O   1 
ATOM   62   C CB  . PRO A 1 23  ? 10.148  7.750   -11.927 1.00 41.01  ? 1087 PRO A CB  1 
ATOM   63   C CG  . PRO A 1 23  ? 9.756   7.939   -13.360 1.00 39.48  ? 1087 PRO A CG  1 
ATOM   64   C CD  . PRO A 1 23  ? 10.031  9.366   -13.743 1.00 39.78  ? 1087 PRO A CD  1 
ATOM   65   N N   . GLU A 1 24  ? 12.426  9.616   -10.548 1.00 50.19  ? 1088 GLU A N   1 
ATOM   66   C CA  . GLU A 1 24  ? 13.529  9.800   -9.582  1.00 52.72  ? 1088 GLU A CA  1 
ATOM   67   C C   . GLU A 1 24  ? 13.241  10.985  -8.646  1.00 53.53  ? 1088 GLU A C   1 
ATOM   68   O O   . GLU A 1 24  ? 13.495  10.913  -7.431  1.00 54.38  ? 1088 GLU A O   1 
ATOM   69   C CB  . GLU A 1 24  ? 14.895  9.978   -10.288 1.00 56.22  ? 1088 GLU A CB  1 
ATOM   70   C CG  . GLU A 1 24  ? 15.335  8.829   -11.204 1.00 61.75  ? 1088 GLU A CG  1 
ATOM   71   C CD  . GLU A 1 24  ? 14.830  8.925   -12.655 1.00 67.64  ? 1088 GLU A CD  1 
ATOM   72   O OE1 . GLU A 1 24  ? 14.006  9.806   -13.006 1.00 67.65  ? 1088 GLU A OE1 1 
ATOM   73   O OE2 . GLU A 1 24  ? 15.278  8.099   -13.484 1.00 71.79  ? 1088 GLU A OE2 1 
ATOM   74   N N   . GLU A 1 25  ? 12.643  12.046  -9.189  1.00 51.57  ? 1089 GLU A N   1 
ATOM   75   C CA  . GLU A 1 25  ? 12.379  13.241  -8.392  1.00 51.60  ? 1089 GLU A CA  1 
ATOM   76   C C   . GLU A 1 25  ? 11.376  12.969  -7.283  1.00 49.47  ? 1089 GLU A C   1 
ATOM   77   O O   . GLU A 1 25  ? 11.412  13.624  -6.251  1.00 53.80  ? 1089 GLU A O   1 
ATOM   78   C CB  . GLU A 1 25  ? 11.897  14.385  -9.264  1.00 55.19  ? 1089 GLU A CB  1 
ATOM   79   C CG  . GLU A 1 25  ? 12.886  14.810  -10.345 1.00 57.46  ? 1089 GLU A CG  1 
ATOM   80   C CD  . GLU A 1 25  ? 12.355  15.958  -11.196 1.00 62.04  ? 1089 GLU A CD  1 
ATOM   81   O OE1 . GLU A 1 25  ? 11.994  15.752  -12.386 1.00 64.57  ? 1089 GLU A OE1 1 
ATOM   82   O OE2 . GLU A 1 25  ? 12.279  17.083  -10.663 1.00 68.65  ? 1089 GLU A OE2 1 
ATOM   83   N N   . LEU A 1 26  ? 10.489  12.001  -7.485  1.00 48.52  ? 1090 LEU A N   1 
ATOM   84   C CA  . LEU A 1 26  ? 9.598   11.562  -6.412  1.00 47.72  ? 1090 LEU A CA  1 
ATOM   85   C C   . LEU A 1 26  ? 10.089  10.393  -5.599  1.00 45.93  ? 1090 LEU A C   1 
ATOM   86   O O   . LEU A 1 26  ? 9.653   10.223  -4.466  1.00 44.14  ? 1090 LEU A O   1 
ATOM   87   C CB  . LEU A 1 26  ? 8.183   11.282  -6.933  1.00 50.03  ? 1090 LEU A CB  1 
ATOM   88   C CG  . LEU A 1 26  ? 7.423   12.609  -6.919  1.00 50.58  ? 1090 LEU A CG  1 
ATOM   89   C CD1 . LEU A 1 26  ? 7.397   13.271  -8.293  1.00 48.34  ? 1090 LEU A CD1 1 
ATOM   90   C CD2 . LEU A 1 26  ? 6.044   12.404  -6.316  1.00 52.36  ? 1090 LEU A CD2 1 
ATOM   91   N N   . ARG A 1 27  ? 10.975  9.586   -6.169  1.00 47.81  ? 1091 ARG A N   1 
ATOM   92   C CA  . ARG A 1 27  ? 11.576  8.455   -5.456  1.00 50.70  ? 1091 ARG A CA  1 
ATOM   93   C C   . ARG A 1 27  ? 12.268  8.869   -4.153  1.00 47.42  ? 1091 ARG A C   1 
ATOM   94   O O   . ARG A 1 27  ? 12.051  8.265   -3.110  1.00 44.72  ? 1091 ARG A O   1 
ATOM   95   C CB  . ARG A 1 27  ? 12.565  7.722   -6.366  1.00 55.57  ? 1091 ARG A CB  1 
ATOM   96   C CG  . ARG A 1 27  ? 13.007  6.364   -5.850  1.00 59.68  ? 1091 ARG A CG  1 
ATOM   97   C CD  . ARG A 1 27  ? 13.767  5.588   -6.909  1.00 63.79  ? 1091 ARG A CD  1 
ATOM   98   N NE  . ARG A 1 27  ? 12.868  5.011   -7.912  1.00 66.93  ? 1091 ARG A NE  1 
ATOM   99   C CZ  . ARG A 1 27  ? 12.904  5.238   -9.225  1.00 64.27  ? 1091 ARG A CZ  1 
ATOM   100  N NH1 . ARG A 1 27  ? 12.028  4.619   -10.002 1.00 64.33  ? 1091 ARG A NH1 1 
ATOM   101  N NH2 . ARG A 1 27  ? 13.801  6.053   -9.784  1.00 65.02  ? 1091 ARG A NH2 1 
ATOM   102  N N   . GLN A 1 28  ? 13.091  9.902   -4.215  1.00 47.58  ? 1092 GLN A N   1 
ATOM   103  C CA  . GLN A 1 28  ? 13.713  10.447  -3.007  1.00 51.57  ? 1092 GLN A CA  1 
ATOM   104  C C   . GLN A 1 28  ? 12.694  10.690  -1.862  1.00 47.49  ? 1092 GLN A C   1 
ATOM   105  O O   . GLN A 1 28  ? 12.993  10.424  -0.708  1.00 49.70  ? 1092 GLN A O   1 
ATOM   106  C CB  . GLN A 1 28  ? 14.535  11.719  -3.327  1.00 57.46  ? 1092 GLN A CB  1 
ATOM   107  C CG  . GLN A 1 28  ? 13.757  12.897  -3.948  1.00 63.90  ? 1092 GLN A CG  1 
ATOM   108  C CD  . GLN A 1 28  ? 13.241  13.939  -2.938  1.00 68.90  ? 1092 GLN A CD  1 
ATOM   109  O OE1 . GLN A 1 28  ? 13.782  14.083  -1.836  1.00 73.67  ? 1092 GLN A OE1 1 
ATOM   110  N NE2 . GLN A 1 28  ? 12.198  14.684  -3.328  1.00 67.11  ? 1092 GLN A NE2 1 
ATOM   111  N N   . ALA A 1 29  ? 11.483  11.142  -2.204  1.00 43.50  ? 1093 ALA A N   1 
ATOM   112  C CA  . ALA A 1 29  ? 10.430  11.456  -1.220  1.00 40.28  ? 1093 ALA A CA  1 
ATOM   113  C C   . ALA A 1 29  ? 9.667   10.237  -0.707  1.00 38.37  ? 1093 ALA A C   1 
ATOM   114  O O   . ALA A 1 29  ? 9.267   10.198  0.450   1.00 36.85  ? 1093 ALA A O   1 
ATOM   115  C CB  . ALA A 1 29  ? 9.426   12.456  -1.814  1.00 40.06  ? 1093 ALA A CB  1 
ATOM   116  N N   . LEU A 1 30  ? 9.422   9.269   -1.586  1.00 38.36  ? 1094 LEU A N   1 
ATOM   117  C CA  . LEU A 1 30  ? 8.453   8.205   -1.323  1.00 37.98  ? 1094 LEU A CA  1 
ATOM   118  C C   . LEU A 1 30  ? 9.062   6.859   -1.022  1.00 37.76  ? 1094 LEU A C   1 
ATOM   119  O O   . LEU A 1 30  ? 8.466   6.048   -0.303  1.00 32.11  ? 1094 LEU A O   1 
ATOM   120  C CB  . LEU A 1 30  ? 7.521   8.076   -2.534  1.00 36.65  ? 1094 LEU A CB  1 
ATOM   121  C CG  . LEU A 1 30  ? 6.877   9.386   -3.036  1.00 36.59  ? 1094 LEU A CG  1 
ATOM   122  C CD1 . LEU A 1 30  ? 5.879   9.147   -4.172  1.00 36.72  ? 1094 LEU A CD1 1 
ATOM   123  C CD2 . LEU A 1 30  ? 6.200   10.113  -1.896  1.00 37.86  ? 1094 LEU A CD2 1 
ATOM   124  N N   . MET A 1 31  ? 10.228  6.621   -1.603  1.00 41.84  ? 1095 MET A N   1 
ATOM   125  C CA  . MET A 1 31  ? 10.864  5.331   -1.487  1.00 48.02  ? 1095 MET A CA  1 
ATOM   126  C C   . MET A 1 31  ? 11.276  4.966   -0.067  1.00 45.19  ? 1095 MET A C   1 
ATOM   127  O O   . MET A 1 31  ? 11.147  3.822   0.282   1.00 44.09  ? 1095 MET A O   1 
ATOM   128  C CB  . MET A 1 31  ? 12.048  5.172   -2.466  1.00 55.52  ? 1095 MET A CB  1 
ATOM   129  C CG  . MET A 1 31  ? 12.467  3.719   -2.681  1.00 61.46  ? 1095 MET A CG  1 
ATOM   130  S SD  . MET A 1 31  ? 13.269  3.343   -4.257  1.00 70.89  ? 1095 MET A SD  1 
ATOM   131  C CE  . MET A 1 31  ? 12.230  1.963   -4.753  1.00 70.97  ? 1095 MET A CE  1 
ATOM   132  N N   . PRO A 1 32  ? 11.741  5.922   0.759   1.00 45.85  ? 1096 PRO A N   1 
ATOM   133  C CA  . PRO A 1 32  ? 12.031  5.522   2.142   1.00 46.09  ? 1096 PRO A CA  1 
ATOM   134  C C   . PRO A 1 32  ? 10.866  4.822   2.846   1.00 45.25  ? 1096 PRO A C   1 
ATOM   135  O O   . PRO A 1 32  ? 11.074  3.739   3.399   1.00 47.11  ? 1096 PRO A O   1 
ATOM   136  C CB  . PRO A 1 32  ? 12.379  6.840   2.834   1.00 45.92  ? 1096 PRO A CB  1 
ATOM   137  C CG  . PRO A 1 32  ? 12.977  7.651   1.750   1.00 47.66  ? 1096 PRO A CG  1 
ATOM   138  C CD  . PRO A 1 32  ? 12.229  7.280   0.487   1.00 47.51  ? 1096 PRO A CD  1 
ATOM   139  N N   . THR A 1 33  ? 9.658   5.396   2.815   1.00 41.02  ? 1097 THR A N   1 
ATOM   140  C CA  . THR A 1 33  ? 8.465   4.658   3.336   1.00 39.21  ? 1097 THR A CA  1 
ATOM   141  C C   . THR A 1 33  ? 8.122   3.346   2.610   1.00 37.50  ? 1097 THR A C   1 
ATOM   142  O O   . THR A 1 33  ? 7.743   2.344   3.237   1.00 37.98  ? 1097 THR A O   1 
ATOM   143  C CB  . THR A 1 33  ? 7.175   5.497   3.338   1.00 37.86  ? 1097 THR A CB  1 
ATOM   144  O OG1 . THR A 1 33  ? 6.955   6.094   2.049   1.00 37.32  ? 1097 THR A OG1 1 
ATOM   145  C CG2 . THR A 1 33  ? 7.244   6.536   4.401   1.00 38.61  ? 1097 THR A CG2 1 
ATOM   146  N N   . LEU A 1 34  ? 8.220   3.330   1.295   1.00 34.35  ? 1098 LEU A N   1 
ATOM   147  C CA  . LEU A 1 34  ? 7.847   2.106   0.571   1.00 35.71  ? 1098 LEU A CA  1 
ATOM   148  C C   . LEU A 1 34  ? 8.743   0.900   0.950   1.00 34.68  ? 1098 LEU A C   1 
ATOM   149  O O   . LEU A 1 34  ? 8.244   -0.194  1.180   1.00 32.36  ? 1098 LEU A O   1 
ATOM   150  C CB  . LEU A 1 34  ? 7.897   2.358   -0.919  1.00 34.49  ? 1098 LEU A CB  1 
ATOM   151  C CG  . LEU A 1 34  ? 7.408   1.252   -1.845  1.00 36.05  ? 1098 LEU A CG  1 
ATOM   152  C CD1 . LEU A 1 34  ? 6.003   0.767   -1.501  1.00 37.83  ? 1098 LEU A CD1 1 
ATOM   153  C CD2 . LEU A 1 34  ? 7.472   1.780   -3.260  1.00 37.66  ? 1098 LEU A CD2 1 
ATOM   154  N N   . GLU A 1 35  ? 10.052  1.148   0.983   1.00 37.86  ? 1099 GLU A N   1 
ATOM   155  C CA  . GLU A 1 35  ? 11.088  0.197   1.424   1.00 40.80  ? 1099 GLU A CA  1 
ATOM   156  C C   . GLU A 1 35  ? 10.840  -0.256  2.843   1.00 38.34  ? 1099 GLU A C   1 
ATOM   157  O O   . GLU A 1 35  ? 11.016  -1.432  3.121   1.00 39.69  ? 1099 GLU A O   1 
ATOM   158  C CB  . GLU A 1 35  ? 12.494  0.815   1.398   1.00 45.19  ? 1099 GLU A CB  1 
ATOM   159  C CG  . GLU A 1 35  ? 13.102  1.107   0.030   1.00 53.18  ? 1099 GLU A CG  1 
ATOM   160  C CD  . GLU A 1 35  ? 14.426  1.886   0.132   1.00 65.41  ? 1099 GLU A CD  1 
ATOM   161  O OE1 . GLU A 1 35  ? 14.818  2.296   1.259   1.00 75.41  ? 1099 GLU A OE1 1 
ATOM   162  O OE2 . GLU A 1 35  ? 15.087  2.110   -0.912  1.00 69.00  ? 1099 GLU A OE2 1 
ATOM   163  N N   . ALA A 1 36  ? 10.474  0.663   3.749   1.00 35.14  ? 1100 ALA A N   1 
ATOM   164  C CA  . ALA A 1 36  ? 10.165  0.263   5.124   1.00 34.97  ? 1100 ALA A CA  1 
ATOM   165  C C   . ALA A 1 36  ? 8.997   -0.712  5.176   1.00 35.39  ? 1100 ALA A C   1 
ATOM   166  O O   . ALA A 1 36  ? 9.038   -1.689  5.937   1.00 39.03  ? 1100 ALA A O   1 
ATOM   167  C CB  . ALA A 1 36  ? 9.913   1.458   6.040   1.00 34.57  ? 1100 ALA A CB  1 
ATOM   168  N N   . LEU A 1 37  ? 7.980   -0.485  4.345   1.00 36.50  ? 1101 LEU A N   1 
ATOM   169  C CA  . LEU A 1 37  ? 6.838   -1.417  4.254   1.00 35.51  ? 1101 LEU A CA  1 
ATOM   170  C C   . LEU A 1 37  ? 7.249   -2.819  3.727   1.00 36.59  ? 1101 LEU A C   1 
ATOM   171  O O   . LEU A 1 37  ? 6.971   -3.839  4.365   1.00 32.66  ? 1101 LEU A O   1 
ATOM   172  C CB  . LEU A 1 37  ? 5.696   -0.797  3.411   1.00 35.70  ? 1101 LEU A CB  1 
ATOM   173  C CG  . LEU A 1 37  ? 5.022   0.484   3.981   1.00 35.81  ? 1101 LEU A CG  1 
ATOM   174  C CD1 . LEU A 1 37  ? 3.855   0.963   3.128   1.00 34.36  ? 1101 LEU A CD1 1 
ATOM   175  C CD2 . LEU A 1 37  ? 4.552   0.325   5.427   1.00 36.19  ? 1101 LEU A CD2 1 
ATOM   176  N N   . TYR A 1 38  ? 7.933   -2.833  2.586   1.00 38.06  ? 1102 TYR A N   1 
ATOM   177  C CA  . TYR A 1 38  ? 8.415   -4.066  1.949   1.00 40.61  ? 1102 TYR A CA  1 
ATOM   178  C C   . TYR A 1 38  ? 9.293   -4.899  2.871   1.00 42.72  ? 1102 TYR A C   1 
ATOM   179  O O   . TYR A 1 38  ? 9.104   -6.100  2.964   1.00 42.28  ? 1102 TYR A O   1 
ATOM   180  C CB  . TYR A 1 38  ? 9.160   -3.771  0.636   1.00 38.15  ? 1102 TYR A CB  1 
ATOM   181  C CG  . TYR A 1 38  ? 8.298   -3.934  -0.606  1.00 39.43  ? 1102 TYR A CG  1 
ATOM   182  C CD1 . TYR A 1 38  ? 8.027   -5.200  -1.142  1.00 38.38  ? 1102 TYR A CD1 1 
ATOM   183  C CD2 . TYR A 1 38  ? 7.759   -2.832  -1.257  1.00 38.89  ? 1102 TYR A CD2 1 
ATOM   184  C CE1 . TYR A 1 38  ? 7.233   -5.361  -2.286  1.00 37.06  ? 1102 TYR A CE1 1 
ATOM   185  C CE2 . TYR A 1 38  ? 6.985   -2.978  -2.412  1.00 38.84  ? 1102 TYR A CE2 1 
ATOM   186  C CZ  . TYR A 1 38  ? 6.716   -4.236  -2.926  1.00 38.19  ? 1102 TYR A CZ  1 
ATOM   187  O OH  . TYR A 1 38  ? 5.934   -4.345  -4.069  1.00 39.49  ? 1102 TYR A OH  1 
ATOM   188  N N   . ARG A 1 39  ? 10.210  -4.247  3.578   1.00 47.06  ? 1103 ARG A N   1 
ATOM   189  C CA  . ARG A 1 39  ? 11.079  -4.910  4.564   1.00 50.84  ? 1103 ARG A CA  1 
ATOM   190  C C   . ARG A 1 39  ? 10.383  -5.698  5.669   1.00 49.82  ? 1103 ARG A C   1 
ATOM   191  O O   . ARG A 1 39  ? 11.020  -6.577  6.239   1.00 51.82  ? 1103 ARG A O   1 
ATOM   192  C CB  . ARG A 1 39  ? 11.997  -3.895  5.262   1.00 54.29  ? 1103 ARG A CB  1 
ATOM   193  C CG  . ARG A 1 39  ? 13.275  -3.567  4.510   1.00 59.25  ? 1103 ARG A CG  1 
ATOM   194  C CD  . ARG A 1 39  ? 14.318  -2.920  5.439   1.00 63.85  ? 1103 ARG A CD  1 
ATOM   195  N NE  . ARG A 1 39  ? 13.717  -2.137  6.545   1.00 67.71  ? 1103 ARG A NE  1 
ATOM   196  C CZ  . ARG A 1 39  ? 13.692  -0.802  6.675   1.00 67.76  ? 1103 ARG A CZ  1 
ATOM   197  N NH1 . ARG A 1 39  ? 14.284  0.019   5.797   1.00 68.59  ? 1103 ARG A NH1 1 
ATOM   198  N NH2 . ARG A 1 39  ? 13.080  -0.267  7.738   1.00 65.71  ? 1103 ARG A NH2 1 
ATOM   199  N N   . GLN A 1 40  ? 9.131   -5.389  6.017   1.00 46.87  ? 1104 GLN A N   1 
ATOM   200  C CA  . GLN A 1 40  ? 8.542   -6.043  7.187   1.00 48.51  ? 1104 GLN A CA  1 
ATOM   201  C C   . GLN A 1 40  ? 8.366   -7.551  7.069   1.00 53.03  ? 1104 GLN A C   1 
ATOM   202  O O   . GLN A 1 40  ? 7.659   -8.033  6.178   1.00 47.56  ? 1104 GLN A O   1 
ATOM   203  C CB  . GLN A 1 40  ? 7.225   -5.410  7.626   1.00 45.72  ? 1104 GLN A CB  1 
ATOM   204  C CG  . GLN A 1 40  ? 7.353   -3.953  8.028   1.00 45.22  ? 1104 GLN A CG  1 
ATOM   205  C CD  . GLN A 1 40  ? 8.463   -3.730  9.046   1.00 45.41  ? 1104 GLN A CD  1 
ATOM   206  O OE1 . GLN A 1 40  ? 8.416   -4.292  10.141  1.00 42.47  ? 1104 GLN A OE1 1 
ATOM   207  N NE2 . GLN A 1 40  ? 9.490   -2.951  8.672   1.00 42.61  ? 1104 GLN A NE2 1 
ATOM   208  N N   . ASP A 1 41  ? 8.873   -8.183  8.144   1.00 64.04  ? 1105 ASP A N   1 
ATOM   209  C CA  . ASP A 1 41  ? 9.363   -9.582  8.313   1.00 66.48  ? 1105 ASP A CA  1 
ATOM   210  C C   . ASP A 1 41  ? 8.532   -10.702 7.721   1.00 61.13  ? 1105 ASP A C   1 
ATOM   211  O O   . ASP A 1 41  ? 9.033   -11.335 6.781   1.00 66.49  ? 1105 ASP A O   1 
ATOM   212  C CB  . ASP A 1 41  ? 9.685   -9.826  9.811   1.00 76.40  ? 1105 ASP A CB  1 
ATOM   213  C CG  . ASP A 1 41  ? 10.366  -11.182 10.088  1.00 88.12  ? 1105 ASP A CG  1 
ATOM   214  O OD1 . ASP A 1 41  ? 10.130  -12.174 9.360   1.00 101.54 ? 1105 ASP A OD1 1 
ATOM   215  O OD2 . ASP A 1 41  ? 11.146  -11.249 11.072  1.00 90.63  ? 1105 ASP A OD2 1 
ATOM   216  N N   . PRO A 1 42  ? 7.347   -11.036 8.327   1.00 54.86  ? 1106 PRO A N   1 
ATOM   217  C CA  . PRO A 1 42  ? 6.266   -11.622 7.491   1.00 48.85  ? 1106 PRO A CA  1 
ATOM   218  C C   . PRO A 1 42  ? 5.119   -10.633 7.158   1.00 45.07  ? 1106 PRO A C   1 
ATOM   219  O O   . PRO A 1 42  ? 4.281   -10.940 6.308   1.00 42.90  ? 1106 PRO A O   1 
ATOM   220  C CB  . PRO A 1 42  ? 5.712   -12.757 8.381   1.00 48.35  ? 1106 PRO A CB  1 
ATOM   221  C CG  . PRO A 1 42  ? 5.894   -12.256 9.779   1.00 49.24  ? 1106 PRO A CG  1 
ATOM   222  C CD  . PRO A 1 42  ? 7.039   -11.257 9.768   1.00 51.72  ? 1106 PRO A CD  1 
ATOM   223  N N   . GLU A 1 43  ? 5.083   -9.469  7.812   1.00 43.49  ? 1107 GLU A N   1 
ATOM   224  C CA  . GLU A 1 43  ? 3.882   -8.616  7.833   1.00 41.52  ? 1107 GLU A CA  1 
ATOM   225  C C   . GLU A 1 43  ? 3.498   -7.961  6.497   1.00 38.65  ? 1107 GLU A C   1 
ATOM   226  O O   . GLU A 1 43  ? 2.312   -7.726  6.265   1.00 36.86  ? 1107 GLU A O   1 
ATOM   227  C CB  . GLU A 1 43  ? 3.993   -7.546  8.922   1.00 44.75  ? 1107 GLU A CB  1 
ATOM   228  C CG  . GLU A 1 43  ? 3.923   -8.108  10.342  1.00 48.06  ? 1107 GLU A CG  1 
ATOM   229  C CD  . GLU A 1 43  ? 5.281   -8.316  11.015  1.00 46.80  ? 1107 GLU A CD  1 
ATOM   230  O OE1 . GLU A 1 43  ? 6.334   -8.267  10.351  1.00 44.11  ? 1107 GLU A OE1 1 
ATOM   231  O OE2 . GLU A 1 43  ? 5.284   -8.523  12.246  1.00 48.45  ? 1107 GLU A OE2 1 
ATOM   232  N N   . SER A 1 44  ? 4.475   -7.675  5.634   1.00 35.98  ? 1108 SER A N   1 
ATOM   233  C CA  . SER A 1 44  ? 4.198   -7.202  4.267   1.00 36.70  ? 1108 SER A CA  1 
ATOM   234  C C   . SER A 1 44  ? 3.666   -8.260  3.285   1.00 37.69  ? 1108 SER A C   1 
ATOM   235  O O   . SER A 1 44  ? 3.086   -7.892  2.266   1.00 37.75  ? 1108 SER A O   1 
ATOM   236  C CB  . SER A 1 44  ? 5.442   -6.560  3.653   1.00 36.42  ? 1108 SER A CB  1 
ATOM   237  O OG  . SER A 1 44  ? 6.336   -7.549  3.213   1.00 38.71  ? 1108 SER A OG  1 
ATOM   238  N N   . LEU A 1 45  ? 3.848   -9.548  3.581   1.00 38.21  ? 1109 LEU A N   1 
ATOM   239  C CA  . LEU A 1 45  ? 3.506   -10.631 2.637   1.00 36.96  ? 1109 LEU A CA  1 
ATOM   240  C C   . LEU A 1 45  ? 2.071   -10.611 2.065   1.00 33.43  ? 1109 LEU A C   1 
ATOM   241  O O   . LEU A 1 45  ? 1.917   -10.776 0.859   1.00 37.05  ? 1109 LEU A O   1 
ATOM   242  C CB  . LEU A 1 45  ? 3.847   -12.029 3.215   1.00 38.06  ? 1109 LEU A CB  1 
ATOM   243  C CG  . LEU A 1 45  ? 5.337   -12.396 3.390   1.00 40.43  ? 1109 LEU A CG  1 
ATOM   244  C CD1 . LEU A 1 45  ? 5.470   -13.869 3.746   1.00 42.97  ? 1109 LEU A CD1 1 
ATOM   245  C CD2 . LEU A 1 45  ? 6.195   -12.116 2.164   1.00 41.85  ? 1109 LEU A CD2 1 
ATOM   246  N N   . PRO A 1 46  ? 1.027   -10.382 2.887   1.00 30.17  ? 1110 PRO A N   1 
ATOM   247  C CA  . PRO A 1 46  ? -0.318  -10.309 2.292   1.00 30.03  ? 1110 PRO A CA  1 
ATOM   248  C C   . PRO A 1 46  ? -0.603  -9.077  1.422   1.00 29.61  ? 1110 PRO A C   1 
ATOM   249  O O   . PRO A 1 46  ? -1.710  -8.964  0.908   1.00 30.92  ? 1110 PRO A O   1 
ATOM   250  C CB  . PRO A 1 46  ? -1.268  -10.313 3.518   1.00 30.67  ? 1110 PRO A CB  1 
ATOM   251  C CG  . PRO A 1 46  ? -0.411  -10.638 4.697   1.00 29.70  ? 1110 PRO A CG  1 
ATOM   252  C CD  . PRO A 1 46  ? 0.972   -10.199 4.345   1.00 29.92  ? 1110 PRO A CD  1 
ATOM   253  N N   . PHE A 1 47  ? 0.375   -8.171  1.290   1.00 29.22  ? 1111 PHE A N   1 
ATOM   254  C CA  . PHE A 1 47  ? 0.245   -6.884  0.593   1.00 29.38  ? 1111 PHE A CA  1 
ATOM   255  C C   . PHE A 1 47  ? 1.186   -6.723  -0.617  1.00 29.99  ? 1111 PHE A C   1 
ATOM   256  O O   . PHE A 1 47  ? 1.179   -5.682  -1.284  1.00 31.66  ? 1111 PHE A O   1 
ATOM   257  C CB  . PHE A 1 47  ? 0.461   -5.745  1.625   1.00 29.05  ? 1111 PHE A CB  1 
ATOM   258  C CG  . PHE A 1 47  ? -0.452  -5.863  2.824   1.00 28.73  ? 1111 PHE A CG  1 
ATOM   259  C CD1 . PHE A 1 47  ? -1.780  -5.466  2.741   1.00 27.84  ? 1111 PHE A CD1 1 
ATOM   260  C CD2 . PHE A 1 47  ? -0.014  -6.470  4.004   1.00 29.61  ? 1111 PHE A CD2 1 
ATOM   261  C CE1 . PHE A 1 47  ? -2.642  -5.626  3.816   1.00 28.96  ? 1111 PHE A CE1 1 
ATOM   262  C CE2 . PHE A 1 47  ? -0.882  -6.648  5.089   1.00 30.25  ? 1111 PHE A CE2 1 
ATOM   263  C CZ  . PHE A 1 47  ? -2.201  -6.229  4.990   1.00 29.51  ? 1111 PHE A CZ  1 
ATOM   264  N N   . ARG A 1 48  ? 1.963   -7.752  -0.928  1.00 30.27  ? 1112 ARG A N   1 
ATOM   265  C CA  . ARG A 1 48  ? 2.976   -7.649  -1.978  1.00 31.75  ? 1112 ARG A CA  1 
ATOM   266  C C   . ARG A 1 48  ? 2.455   -7.877  -3.406  1.00 30.91  ? 1112 ARG A C   1 
ATOM   267  O O   . ARG A 1 48  ? 3.180   -7.697  -4.372  1.00 29.40  ? 1112 ARG A O   1 
ATOM   268  C CB  . ARG A 1 48  ? 4.141   -8.602  -1.666  1.00 33.69  ? 1112 ARG A CB  1 
ATOM   269  C CG  . ARG A 1 48  ? 5.007   -8.139  -0.513  1.00 34.74  ? 1112 ARG A CG  1 
ATOM   270  C CD  . ARG A 1 48  ? 6.221   -9.029  -0.365  1.00 35.03  ? 1112 ARG A CD  1 
ATOM   271  N NE  . ARG A 1 48  ? 7.182   -8.500  0.594   1.00 37.15  ? 1112 ARG A NE  1 
ATOM   272  C CZ  . ARG A 1 48  ? 8.434   -8.939  0.737   1.00 40.67  ? 1112 ARG A CZ  1 
ATOM   273  N NH1 . ARG A 1 48  ? 8.911   -9.937  -0.014  1.00 43.05  ? 1112 ARG A NH1 1 
ATOM   274  N NH2 . ARG A 1 48  ? 9.217   -8.381  1.651   1.00 41.15  ? 1112 ARG A NH2 1 
ATOM   275  N N   . GLN A 1 49  ? 1.195   -8.258  -3.520  1.00 31.60  ? 1113 GLN A N   1 
ATOM   276  C CA  . GLN A 1 49  ? 0.570   -8.537  -4.784  1.00 32.99  ? 1113 GLN A CA  1 
ATOM   277  C C   . GLN A 1 49  ? -0.905  -8.171  -4.633  1.00 31.08  ? 1113 GLN A C   1 
ATOM   278  O O   . GLN A 1 49  ? -1.422  -8.151  -3.505  1.00 32.56  ? 1113 GLN A O   1 
ATOM   279  C CB  . GLN A 1 49  ? 0.728   -10.034 -5.076  1.00 34.47  ? 1113 GLN A CB  1 
ATOM   280  C CG  . GLN A 1 49  ? 0.086   -10.944 -4.000  1.00 37.18  ? 1113 GLN A CG  1 
ATOM   281  C CD  . GLN A 1 49  ? 0.905   -11.064 -2.689  1.00 39.38  ? 1113 GLN A CD  1 
ATOM   282  O OE1 . GLN A 1 49  ? 2.096   -11.364 -2.752  1.00 42.96  ? 1113 GLN A OE1 1 
ATOM   283  N NE2 . GLN A 1 49  ? 0.267   -10.825 -1.501  1.00 35.13  ? 1113 GLN A NE2 1 
ATOM   284  N N   . PRO A 1 50  ? -1.607  -7.945  -5.756  1.00 30.18  ? 1114 PRO A N   1 
ATOM   285  C CA  . PRO A 1 50  ? -3.043  -7.681  -5.653  1.00 30.45  ? 1114 PRO A CA  1 
ATOM   286  C C   . PRO A 1 50  ? -3.791  -8.840  -4.998  1.00 31.25  ? 1114 PRO A C   1 
ATOM   287  O O   . PRO A 1 50  ? -3.422  -10.001 -5.178  1.00 31.13  ? 1114 PRO A O   1 
ATOM   288  C CB  . PRO A 1 50  ? -3.477  -7.496  -7.123  1.00 28.96  ? 1114 PRO A CB  1 
ATOM   289  C CG  . PRO A 1 50  ? -2.238  -7.162  -7.861  1.00 27.80  ? 1114 PRO A CG  1 
ATOM   290  C CD  . PRO A 1 50  ? -1.133  -7.885  -7.156  1.00 28.84  ? 1114 PRO A CD  1 
ATOM   291  N N   . VAL A 1 51  ? -4.820  -8.520  -4.224  1.00 31.59  ? 1115 VAL A N   1 
ATOM   292  C CA  . VAL A 1 51  ? -5.731  -9.539  -3.748  1.00 32.54  ? 1115 VAL A CA  1 
ATOM   293  C C   . VAL A 1 51  ? -6.357  -10.268 -4.952  1.00 35.29  ? 1115 VAL A C   1 
ATOM   294  O O   . VAL A 1 51  ? -6.857  -9.616  -5.868  1.00 37.27  ? 1115 VAL A O   1 
ATOM   295  C CB  . VAL A 1 51  ? -6.857  -8.937  -2.891  1.00 34.44  ? 1115 VAL A CB  1 
ATOM   296  C CG1 . VAL A 1 51  ? -7.908  -9.995  -2.550  1.00 33.47  ? 1115 VAL A CG1 1 
ATOM   297  C CG2 . VAL A 1 51  ? -6.287  -8.298  -1.616  1.00 34.77  ? 1115 VAL A CG2 1 
ATOM   298  N N   . ASP A 1 52  ? -6.341  -11.605 -4.930  1.00 36.06  ? 1116 ASP A N   1 
ATOM   299  C CA  . ASP A 1 52  ? -6.829  -12.451 -6.017  1.00 37.69  ? 1116 ASP A CA  1 
ATOM   300  C C   . ASP A 1 52  ? -7.969  -13.309 -5.462  1.00 37.64  ? 1116 ASP A C   1 
ATOM   301  O O   . ASP A 1 52  ? -7.725  -14.344 -4.876  1.00 38.90  ? 1116 ASP A O   1 
ATOM   302  C CB  . ASP A 1 52  ? -5.692  -13.323 -6.557  1.00 39.95  ? 1116 ASP A CB  1 
ATOM   303  C CG  . ASP A 1 52  ? -6.126  -14.208 -7.707  1.00 39.95  ? 1116 ASP A CG  1 
ATOM   304  O OD1 . ASP A 1 52  ? -7.329  -14.547 -7.822  1.00 40.83  ? 1116 ASP A OD1 1 
ATOM   305  O OD2 . ASP A 1 52  ? -5.236  -14.575 -8.483  1.00 40.88  ? 1116 ASP A OD2 1 
ATOM   306  N N   . PRO A 1 53  ? -9.212  -12.858 -5.635  1.00 41.79  ? 1117 PRO A N   1 
ATOM   307  C CA  . PRO A 1 53  ? -10.322 -13.540 -4.966  1.00 41.91  ? 1117 PRO A CA  1 
ATOM   308  C C   . PRO A 1 53  ? -10.569 -14.979 -5.430  1.00 40.66  ? 1117 PRO A C   1 
ATOM   309  O O   . PRO A 1 53  ? -10.903 -15.798 -4.608  1.00 39.07  ? 1117 PRO A O   1 
ATOM   310  C CB  . PRO A 1 53  ? -11.535 -12.635 -5.257  1.00 40.88  ? 1117 PRO A CB  1 
ATOM   311  C CG  . PRO A 1 53  ? -10.964 -11.344 -5.744  1.00 40.54  ? 1117 PRO A CG  1 
ATOM   312  C CD  . PRO A 1 53  ? -9.667  -11.675 -6.392  1.00 40.26  ? 1117 PRO A CD  1 
ATOM   313  N N   . GLN A 1 54  ? -10.405 -15.249 -6.721  1.00 43.77  ? 1118 GLN A N   1 
ATOM   314  C CA  . GLN A 1 54  ? -10.431 -16.594 -7.303  1.00 47.98  ? 1118 GLN A CA  1 
ATOM   315  C C   . GLN A 1 54  ? -9.437  -17.510 -6.550  1.00 48.65  ? 1118 GLN A C   1 
ATOM   316  O O   . GLN A 1 54  ? -9.822  -18.501 -5.918  1.00 50.55  ? 1118 GLN A O   1 
ATOM   317  C CB  . GLN A 1 54  ? -10.062 -16.462 -8.792  1.00 53.79  ? 1118 GLN A CB  1 
ATOM   318  C CG  . GLN A 1 54  ? -10.066 -17.729 -9.643  1.00 61.70  ? 1118 GLN A CG  1 
ATOM   319  C CD  . GLN A 1 54  ? -11.465 -18.165 -10.048 1.00 68.53  ? 1118 GLN A CD  1 
ATOM   320  O OE1 . GLN A 1 54  ? -11.831 -19.342 -9.918  1.00 70.95  ? 1118 GLN A OE1 1 
ATOM   321  N NE2 . GLN A 1 54  ? -12.262 -17.216 -10.540 1.00 65.32  ? 1118 GLN A NE2 1 
ATOM   322  N N   . LEU A 1 55  ? -8.169  -17.124 -6.554  1.00 46.78  ? 1119 LEU A N   1 
ATOM   323  C CA  . LEU A 1 55  ? -7.091  -17.905 -5.915  1.00 43.95  ? 1119 LEU A CA  1 
ATOM   324  C C   . LEU A 1 55  ? -7.360  -18.183 -4.433  1.00 45.92  ? 1119 LEU A C   1 
ATOM   325  O O   . LEU A 1 55  ? -7.218  -19.314 -3.954  1.00 47.17  ? 1119 LEU A O   1 
ATOM   326  C CB  . LEU A 1 55  ? -5.783  -17.121 -6.034  1.00 45.05  ? 1119 LEU A CB  1 
ATOM   327  C CG  . LEU A 1 55  ? -4.373  -17.738 -6.044  1.00 44.41  ? 1119 LEU A CG  1 
ATOM   328  C CD1 . LEU A 1 55  ? -3.474  -16.951 -5.111  1.00 45.42  ? 1119 LEU A CD1 1 
ATOM   329  C CD2 . LEU A 1 55  ? -4.301  -19.203 -5.685  1.00 44.76  ? 1119 LEU A CD2 1 
ATOM   330  N N   . LEU A 1 56  ? -7.782  -17.141 -3.723  1.00 42.16  ? 1120 LEU A N   1 
ATOM   331  C CA  . LEU A 1 56  ? -7.987  -17.190 -2.277  1.00 40.73  ? 1120 LEU A CA  1 
ATOM   332  C C   . LEU A 1 56  ? -9.364  -17.734 -1.841  1.00 40.43  ? 1120 LEU A C   1 
ATOM   333  O O   . LEU A 1 56  ? -9.616  -17.877 -0.643  1.00 40.92  ? 1120 LEU A O   1 
ATOM   334  C CB  . LEU A 1 56  ? -7.791  -15.783 -1.699  1.00 40.20  ? 1120 LEU A CB  1 
ATOM   335  C CG  . LEU A 1 56  ? -6.455  -15.053 -1.895  1.00 40.82  ? 1120 LEU A CG  1 
ATOM   336  C CD1 . LEU A 1 56  ? -6.586  -13.645 -1.353  1.00 41.19  ? 1120 LEU A CD1 1 
ATOM   337  C CD2 . LEU A 1 56  ? -5.312  -15.777 -1.199  1.00 40.01  ? 1120 LEU A CD2 1 
ATOM   338  N N   . GLY A 1 57  ? -10.239 -18.040 -2.799  1.00 39.06  ? 1121 GLY A N   1 
ATOM   339  C CA  . GLY A 1 57  ? -11.618 -18.440 -2.525  1.00 40.71  ? 1121 GLY A CA  1 
ATOM   340  C C   . GLY A 1 57  ? -12.397 -17.481 -1.643  1.00 41.46  ? 1121 GLY A C   1 
ATOM   341  O O   . GLY A 1 57  ? -12.911 -17.897 -0.610  1.00 43.59  ? 1121 GLY A O   1 
ATOM   342  N N   . ILE A 1 58  ? -12.422 -16.194 -2.010  1.00 43.09  ? 1122 ILE A N   1 
ATOM   343  C CA  . ILE A 1 58  ? -13.223 -15.153 -1.299  1.00 43.49  ? 1122 ILE A CA  1 
ATOM   344  C C   . ILE A 1 58  ? -14.024 -14.345 -2.328  1.00 45.70  ? 1122 ILE A C   1 
ATOM   345  O O   . ILE A 1 58  ? -13.698 -13.200 -2.642  1.00 42.87  ? 1122 ILE A O   1 
ATOM   346  C CB  . ILE A 1 58  ? -12.365 -14.220 -0.405  1.00 42.54  ? 1122 ILE A CB  1 
ATOM   347  C CG1 . ILE A 1 58  ? -11.093 -13.749 -1.157  1.00 41.29  ? 1122 ILE A CG1 1 
ATOM   348  C CG2 . ILE A 1 58  ? -12.040 -14.943 0.895   1.00 41.15  ? 1122 ILE A CG2 1 
ATOM   349  C CD1 . ILE A 1 58  ? -10.367 -12.544 -0.591  1.00 39.34  ? 1122 ILE A CD1 1 
ATOM   350  N N   . PRO A 1 59  ? -15.095 -14.950 -2.863  1.00 47.01  ? 1123 PRO A N   1 
ATOM   351  C CA  . PRO A 1 59  ? -15.703 -14.359 -4.062  1.00 46.82  ? 1123 PRO A CA  1 
ATOM   352  C C   . PRO A 1 59  ? -16.422 -13.005 -3.815  1.00 44.78  ? 1123 PRO A C   1 
ATOM   353  O O   . PRO A 1 59  ? -16.671 -12.251 -4.757  1.00 42.00  ? 1123 PRO A O   1 
ATOM   354  C CB  . PRO A 1 59  ? -16.666 -15.458 -4.548  1.00 48.64  ? 1123 PRO A CB  1 
ATOM   355  C CG  . PRO A 1 59  ? -16.842 -16.400 -3.392  1.00 49.13  ? 1123 PRO A CG  1 
ATOM   356  C CD  . PRO A 1 59  ? -15.937 -16.005 -2.268  1.00 47.38  ? 1123 PRO A CD  1 
ATOM   357  N N   . ASP A 1 60  ? -16.714 -12.692 -2.556  1.00 43.27  ? 1124 ASP A N   1 
ATOM   358  C CA  . ASP A 1 60  ? -17.265 -11.384 -2.183  1.00 45.72  ? 1124 ASP A CA  1 
ATOM   359  C C   . ASP A 1 60  ? -16.252 -10.212 -2.061  1.00 44.71  ? 1124 ASP A C   1 
ATOM   360  O O   . ASP A 1 60  ? -16.684 -9.107  -1.759  1.00 44.75  ? 1124 ASP A O   1 
ATOM   361  C CB  . ASP A 1 60  ? -18.099 -11.501 -0.881  1.00 44.83  ? 1124 ASP A CB  1 
ATOM   362  C CG  . ASP A 1 60  ? -17.264 -11.858 0.350   1.00 47.15  ? 1124 ASP A CG  1 
ATOM   363  O OD1 . ASP A 1 60  ? -16.071 -12.221 0.219   1.00 51.61  ? 1124 ASP A OD1 1 
ATOM   364  O OD2 . ASP A 1 60  ? -17.823 -11.799 1.473   1.00 49.16  ? 1124 ASP A OD2 1 
ATOM   365  N N   . TYR A 1 61  ? -14.950 -10.424 -2.298  1.00 40.65  ? 1125 TYR A N   1 
ATOM   366  C CA  . TYR A 1 61  ? -13.956 -9.389  -1.990  1.00 39.09  ? 1125 TYR A CA  1 
ATOM   367  C C   . TYR A 1 61  ? -14.340 -8.057  -2.625  1.00 38.77  ? 1125 TYR A C   1 
ATOM   368  O O   . TYR A 1 61  ? -14.548 -7.093  -1.908  1.00 43.29  ? 1125 TYR A O   1 
ATOM   369  C CB  . TYR A 1 61  ? -12.525 -9.781  -2.401  1.00 36.13  ? 1125 TYR A CB  1 
ATOM   370  C CG  . TYR A 1 61  ? -11.496 -8.747  -1.992  1.00 33.84  ? 1125 TYR A CG  1 
ATOM   371  C CD1 . TYR A 1 61  ? -11.157 -8.560  -0.658  1.00 33.94  ? 1125 TYR A CD1 1 
ATOM   372  C CD2 . TYR A 1 61  ? -10.877 -7.940  -2.941  1.00 33.71  ? 1125 TYR A CD2 1 
ATOM   373  C CE1 . TYR A 1 61  ? -10.221 -7.591  -0.282  1.00 34.50  ? 1125 TYR A CE1 1 
ATOM   374  C CE2 . TYR A 1 61  ? -9.938  -6.984  -2.578  1.00 32.69  ? 1125 TYR A CE2 1 
ATOM   375  C CZ  . TYR A 1 61  ? -9.609  -6.803  -1.250  1.00 33.72  ? 1125 TYR A CZ  1 
ATOM   376  O OH  . TYR A 1 61  ? -8.672  -5.835  -0.899  1.00 33.26  ? 1125 TYR A OH  1 
ATOM   377  N N   . PHE A 1 62  ? -14.464 -8.050  -3.944  1.00 39.01  ? 1126 PHE A N   1 
ATOM   378  C CA  . PHE A 1 62  ? -14.893 -6.886  -4.726  1.00 40.39  ? 1126 PHE A CA  1 
ATOM   379  C C   . PHE A 1 62  ? -16.344 -6.373  -4.509  1.00 42.56  ? 1126 PHE A C   1 
ATOM   380  O O   . PHE A 1 62  ? -16.682 -5.335  -5.066  1.00 41.39  ? 1126 PHE A O   1 
ATOM   381  C CB  . PHE A 1 62  ? -14.705 -7.138  -6.233  1.00 38.95  ? 1126 PHE A CB  1 
ATOM   382  C CG  . PHE A 1 62  ? -13.289 -7.459  -6.647  1.00 41.79  ? 1126 PHE A CG  1 
ATOM   383  C CD1 . PHE A 1 62  ? -12.204 -6.709  -6.185  1.00 43.56  ? 1126 PHE A CD1 1 
ATOM   384  C CD2 . PHE A 1 62  ? -13.039 -8.501  -7.539  1.00 44.35  ? 1126 PHE A CD2 1 
ATOM   385  C CE1 . PHE A 1 62  ? -10.904 -6.998  -6.606  1.00 43.52  ? 1126 PHE A CE1 1 
ATOM   386  C CE2 . PHE A 1 62  ? -11.737 -8.803  -7.952  1.00 45.88  ? 1126 PHE A CE2 1 
ATOM   387  C CZ  . PHE A 1 62  ? -10.665 -8.063  -7.470  1.00 44.06  ? 1126 PHE A CZ  1 
ATOM   388  N N   . ASP A 1 63  ? -17.191 -7.065  -3.741  1.00 43.18  ? 1127 ASP A N   1 
ATOM   389  C CA  . ASP A 1 63  ? -18.441 -6.454  -3.232  1.00 47.46  ? 1127 ASP A CA  1 
ATOM   390  C C   . ASP A 1 63  ? -18.171 -5.418  -2.135  1.00 47.59  ? 1127 ASP A C   1 
ATOM   391  O O   . ASP A 1 63  ? -18.952 -4.490  -1.927  1.00 49.94  ? 1127 ASP A O   1 
ATOM   392  C CB  . ASP A 1 63  ? -19.387 -7.501  -2.611  1.00 50.20  ? 1127 ASP A CB  1 
ATOM   393  C CG  . ASP A 1 63  ? -19.859 -8.563  -3.605  1.00 54.48  ? 1127 ASP A CG  1 
ATOM   394  O OD1 . ASP A 1 63  ? -19.688 -8.371  -4.827  1.00 58.75  ? 1127 ASP A OD1 1 
ATOM   395  O OD2 . ASP A 1 63  ? -20.434 -9.582  -3.151  1.00 55.23  ? 1127 ASP A OD2 1 
ATOM   396  N N   . ILE A 1 64  ? -17.108 -5.651  -1.382  1.00 45.23  ? 1128 ILE A N   1 
ATOM   397  C CA  . ILE A 1 64  ? -16.760 -4.836  -0.242  1.00 44.31  ? 1128 ILE A CA  1 
ATOM   398  C C   . ILE A 1 64  ? -15.708 -3.810  -0.643  1.00 42.24  ? 1128 ILE A C   1 
ATOM   399  O O   . ILE A 1 64  ? -15.810 -2.638  -0.286  1.00 41.86  ? 1128 ILE A O   1 
ATOM   400  C CB  . ILE A 1 64  ? -16.291 -5.741  0.915   1.00 46.60  ? 1128 ILE A CB  1 
ATOM   401  C CG1 . ILE A 1 64  ? -17.465 -6.635  1.361   1.00 51.06  ? 1128 ILE A CG1 1 
ATOM   402  C CG2 . ILE A 1 64  ? -15.783 -4.916  2.098   1.00 47.04  ? 1128 ILE A CG2 1 
ATOM   403  C CD1 . ILE A 1 64  ? -17.081 -8.055  1.743   1.00 52.27  ? 1128 ILE A CD1 1 
ATOM   404  N N   . VAL A 1 65  ? -14.723 -4.257  -1.412  1.00 40.41  ? 1129 VAL A N   1 
ATOM   405  C CA  . VAL A 1 65  ? -13.576 -3.445  -1.751  1.00 40.48  ? 1129 VAL A CA  1 
ATOM   406  C C   . VAL A 1 65  ? -13.741 -3.048  -3.211  1.00 40.03  ? 1129 VAL A C   1 
ATOM   407  O O   . VAL A 1 65  ? -13.656 -3.890  -4.077  1.00 39.20  ? 1129 VAL A O   1 
ATOM   408  C CB  . VAL A 1 65  ? -12.273 -4.242  -1.475  1.00 37.50  ? 1129 VAL A CB  1 
ATOM   409  C CG1 . VAL A 1 65  ? -11.089 -3.638  -2.191  1.00 37.05  ? 1129 VAL A CG1 1 
ATOM   410  C CG2 . VAL A 1 65  ? -12.023 -4.306  0.024   1.00 37.78  ? 1129 VAL A CG2 1 
ATOM   411  N N   . LYS A 1 66  ? -13.973 -1.757  -3.458  1.00 42.18  ? 1130 LYS A N   1 
ATOM   412  C CA  . LYS A 1 66  ? -14.182 -1.223  -4.807  1.00 42.44  ? 1130 LYS A CA  1 
ATOM   413  C C   . LYS A 1 66  ? -12.917 -0.703  -5.454  1.00 39.66  ? 1130 LYS A C   1 
ATOM   414  O O   . LYS A 1 66  ? -12.842 -0.647  -6.663  1.00 35.25  ? 1130 LYS A O   1 
ATOM   415  C CB  . LYS A 1 66  ? -15.183 -0.068  -4.761  1.00 48.16  ? 1130 LYS A CB  1 
ATOM   416  C CG  . LYS A 1 66  ? -16.488 -0.388  -4.056  1.00 53.44  ? 1130 LYS A CG  1 
ATOM   417  C CD  . LYS A 1 66  ? -17.237 -1.492  -4.773  1.00 57.53  ? 1130 LYS A CD  1 
ATOM   418  C CE  . LYS A 1 66  ? -18.511 -1.839  -4.043  1.00 59.42  ? 1130 LYS A CE  1 
ATOM   419  N NZ  . LYS A 1 66  ? -19.204 -2.901  -4.817  1.00 62.14  ? 1130 LYS A NZ  1 
ATOM   420  N N   . ASN A 1 67  ? -11.949 -0.256  -4.654  1.00 39.44  ? 1131 ASN A N   1 
ATOM   421  C CA  . ASN A 1 67  ? -10.716 0.326   -5.191  1.00 38.23  ? 1131 ASN A CA  1 
ATOM   422  C C   . ASN A 1 67  ? -9.542  -0.420  -4.599  1.00 37.07  ? 1131 ASN A C   1 
ATOM   423  O O   . ASN A 1 67  ? -8.983  -0.007  -3.586  1.00 36.25  ? 1131 ASN A O   1 
ATOM   424  C CB  . ASN A 1 67  ? -10.685 1.815   -4.896  1.00 38.49  ? 1131 ASN A CB  1 
ATOM   425  C CG  . ASN A 1 67  ? -11.848 2.524   -5.542  1.00 41.08  ? 1131 ASN A CG  1 
ATOM   426  O OD1 . ASN A 1 67  ? -12.001 2.468   -6.751  1.00 47.92  ? 1131 ASN A OD1 1 
ATOM   427  N ND2 . ASN A 1 67  ? -12.704 3.139   -4.744  1.00 40.29  ? 1131 ASN A ND2 1 
ATOM   428  N N   . PRO A 1 68  ? -9.192  -1.562  -5.201  1.00 34.79  ? 1132 PRO A N   1 
ATOM   429  C CA  . PRO A 1 68  ? -8.115  -2.350  -4.573  1.00 33.39  ? 1132 PRO A CA  1 
ATOM   430  C C   . PRO A 1 68  ? -6.734  -1.706  -4.699  1.00 32.54  ? 1132 PRO A C   1 
ATOM   431  O O   . PRO A 1 68  ? -6.480  -0.961  -5.662  1.00 30.77  ? 1132 PRO A O   1 
ATOM   432  C CB  . PRO A 1 68  ? -8.151  -3.678  -5.347  1.00 32.92  ? 1132 PRO A CB  1 
ATOM   433  C CG  . PRO A 1 68  ? -8.899  -3.394  -6.611  1.00 33.58  ? 1132 PRO A CG  1 
ATOM   434  C CD  . PRO A 1 68  ? -9.856  -2.288  -6.299  1.00 33.36  ? 1132 PRO A CD  1 
ATOM   435  N N   . MET A 1 69  ? -5.843  -2.004  -3.752  1.00 31.24  ? 1133 MET A N   1 
ATOM   436  C CA  . MET A 1 69  ? -4.477  -1.465  -3.811  1.00 28.57  ? 1133 MET A CA  1 
ATOM   437  C C   . MET A 1 69  ? -3.556  -2.417  -3.082  1.00 27.79  ? 1133 MET A C   1 
ATOM   438  O O   . MET A 1 69  ? -3.992  -3.081  -2.167  1.00 26.53  ? 1133 MET A O   1 
ATOM   439  C CB  . MET A 1 69  ? -4.436  -0.066  -3.179  1.00 27.49  ? 1133 MET A CB  1 
ATOM   440  C CG  . MET A 1 69  ? -3.180  0.761   -3.403  1.00 27.03  ? 1133 MET A CG  1 
ATOM   441  S SD  . MET A 1 69  ? -2.581  0.813   -5.105  1.00 26.82  ? 1133 MET A SD  1 
ATOM   442  C CE  . MET A 1 69  ? -3.934  1.643   -5.949  1.00 25.42  ? 1133 MET A CE  1 
ATOM   443  N N   . ASP A 1 70  ? -2.310  -2.505  -3.537  1.00 28.19  ? 1134 ASP A N   1 
ATOM   444  C CA  . ASP A 1 70  ? -1.289  -3.312  -2.927  1.00 28.03  ? 1134 ASP A CA  1 
ATOM   445  C C   . ASP A 1 70  ? 0.053   -2.684  -3.219  1.00 28.53  ? 1134 ASP A C   1 
ATOM   446  O O   . ASP A 1 70  ? 0.155   -1.735  -4.006  1.00 27.55  ? 1134 ASP A O   1 
ATOM   447  C CB  . ASP A 1 70  ? -1.324  -4.719  -3.493  1.00 28.35  ? 1134 ASP A CB  1 
ATOM   448  C CG  . ASP A 1 70  ? -0.730  -4.796  -4.860  1.00 28.96  ? 1134 ASP A CG  1 
ATOM   449  O OD1 . ASP A 1 70  ? -1.430  -4.401  -5.827  1.00 28.23  ? 1134 ASP A OD1 1 
ATOM   450  O OD2 . ASP A 1 70  ? 0.429   -5.268  -4.959  1.00 30.34  ? 1134 ASP A OD2 1 
ATOM   451  N N   . LEU A 1 71  ? 1.081   -3.232  -2.578  1.00 28.84  ? 1135 LEU A N   1 
ATOM   452  C CA  . LEU A 1 71  ? 2.434   -2.684  -2.672  1.00 28.00  ? 1135 LEU A CA  1 
ATOM   453  C C   . LEU A 1 71  ? 3.043   -2.776  -4.078  1.00 28.61  ? 1135 LEU A C   1 
ATOM   454  O O   . LEU A 1 71  ? 3.802   -1.894  -4.452  1.00 27.22  ? 1135 LEU A O   1 
ATOM   455  C CB  . LEU A 1 71  ? 3.385   -3.354  -1.660  1.00 26.87  ? 1135 LEU A CB  1 
ATOM   456  C CG  . LEU A 1 71  ? 3.124   -3.193  -0.153  1.00 26.84  ? 1135 LEU A CG  1 
ATOM   457  C CD1 . LEU A 1 71  ? 4.046   -4.089  0.675   1.00 26.77  ? 1135 LEU A CD1 1 
ATOM   458  C CD2 . LEU A 1 71  ? 3.344   -1.741  0.265   1.00 27.17  ? 1135 LEU A CD2 1 
ATOM   459  N N   . SER A 1 72  ? 2.747   -3.849  -4.822  1.00 29.23  ? 1136 SER A N   1 
ATOM   460  C CA  . SER A 1 72  ? 3.259   -4.005  -6.195  1.00 30.20  ? 1136 SER A CA  1 
ATOM   461  C C   . SER A 1 72  ? 2.669   -2.930  -7.104  1.00 30.86  ? 1136 SER A C   1 
ATOM   462  O O   . SER A 1 72  ? 3.376   -2.383  -7.959  1.00 30.94  ? 1136 SER A O   1 
ATOM   463  C CB  . SER A 1 72  ? 2.982   -5.411  -6.778  1.00 29.49  ? 1136 SER A CB  1 
ATOM   464  O OG  . SER A 1 72  ? 1.598   -5.674  -6.973  1.00 29.43  ? 1136 SER A OG  1 
ATOM   465  N N   . THR A 1 73  ? 1.389   -2.608  -6.886  1.00 29.59  ? 1137 THR A N   1 
ATOM   466  C CA  . THR A 1 73  ? 0.714   -1.555  -7.646  1.00 30.70  ? 1137 THR A CA  1 
ATOM   467  C C   . THR A 1 73  ? 1.299   -0.159  -7.276  1.00 29.77  ? 1137 THR A C   1 
ATOM   468  O O   . THR A 1 73  ? 1.615   0.656   -8.165  1.00 28.51  ? 1137 THR A O   1 
ATOM   469  C CB  . THR A 1 73  ? -0.837  -1.649  -7.477  1.00 31.06  ? 1137 THR A CB  1 
ATOM   470  O OG1 . THR A 1 73  ? -1.308  -2.937  -7.895  1.00 30.80  ? 1137 THR A OG1 1 
ATOM   471  C CG2 . THR A 1 73  ? -1.553  -0.581  -8.293  1.00 31.21  ? 1137 THR A CG2 1 
ATOM   472  N N   . ILE A 1 74  ? 1.523   0.078   -5.989  1.00 31.36  ? 1138 ILE A N   1 
ATOM   473  C CA  . ILE A 1 74  ? 2.134   1.342   -5.527  1.00 31.91  ? 1138 ILE A CA  1 
ATOM   474  C C   . ILE A 1 74  ? 3.530   1.488   -6.102  1.00 32.86  ? 1138 ILE A C   1 
ATOM   475  O O   . ILE A 1 74  ? 3.881   2.549   -6.646  1.00 33.57  ? 1138 ILE A O   1 
ATOM   476  C CB  . ILE A 1 74  ? 2.156   1.421   -3.998  1.00 31.63  ? 1138 ILE A CB  1 
ATOM   477  C CG1 . ILE A 1 74  ? 0.713   1.507   -3.500  1.00 30.86  ? 1138 ILE A CG1 1 
ATOM   478  C CG2 . ILE A 1 74  ? 2.992   2.609   -3.510  1.00 32.30  ? 1138 ILE A CG2 1 
ATOM   479  C CD1 . ILE A 1 74  ? 0.554   1.257   -2.026  1.00 30.28  ? 1138 ILE A CD1 1 
ATOM   480  N N   . LYS A 1 75  ? 4.320   0.422   -6.047  1.00 35.41  ? 1139 LYS A N   1 
ATOM   481  C CA  . LYS A 1 75  ? 5.699   0.467   -6.602  1.00 37.76  ? 1139 LYS A CA  1 
ATOM   482  C C   . LYS A 1 75  ? 5.721   0.777   -8.123  1.00 36.76  ? 1139 LYS A C   1 
ATOM   483  O O   . LYS A 1 75  ? 6.571   1.557   -8.617  1.00 33.72  ? 1139 LYS A O   1 
ATOM   484  C CB  . LYS A 1 75  ? 6.442   -0.853  -6.301  1.00 39.69  ? 1139 LYS A CB  1 
ATOM   485  C CG  . LYS A 1 75  ? 7.900   -0.914  -6.735  1.00 43.55  ? 1139 LYS A CG  1 
ATOM   486  C CD  . LYS A 1 75  ? 8.404   -2.364  -6.739  1.00 49.40  ? 1139 LYS A CD  1 
ATOM   487  C CE  . LYS A 1 75  ? 9.888   -2.495  -6.419  1.00 52.01  ? 1139 LYS A CE  1 
ATOM   488  N NZ  . LYS A 1 75  ? 10.728  -1.502  -7.147  1.00 56.09  ? 1139 LYS A NZ  1 
ATOM   489  N N   . ARG A 1 76  ? 4.806   0.136   -8.846  1.00 36.74  ? 1140 ARG A N   1 
ATOM   490  C CA  . ARG A 1 76  ? 4.686   0.280   -10.300 1.00 40.13  ? 1140 ARG A CA  1 
ATOM   491  C C   . ARG A 1 76  ? 4.306   1.745   -10.685 1.00 35.42  ? 1140 ARG A C   1 
ATOM   492  O O   . ARG A 1 76  ? 4.913   2.391   -11.588 1.00 33.93  ? 1140 ARG A O   1 
ATOM   493  C CB  . ARG A 1 76  ? 3.711   -0.821  -10.823 1.00 49.39  ? 1140 ARG A CB  1 
ATOM   494  C CG  . ARG A 1 76  ? 3.389   -0.821  -12.324 1.00 58.53  ? 1140 ARG A CG  1 
ATOM   495  C CD  . ARG A 1 76  ? 3.618   -2.181  -13.003 1.00 69.17  ? 1140 ARG A CD  1 
ATOM   496  N NE  . ARG A 1 76  ? 4.639   -2.102  -14.063 1.00 80.69  ? 1140 ARG A NE  1 
ATOM   497  C CZ  . ARG A 1 76  ? 5.961   -1.939  -13.886 1.00 87.58  ? 1140 ARG A CZ  1 
ATOM   498  N NH1 . ARG A 1 76  ? 6.500   -1.834  -12.668 1.00 90.38  ? 1140 ARG A NH1 1 
ATOM   499  N NH2 . ARG A 1 76  ? 6.764   -1.870  -14.953 1.00 90.27  ? 1140 ARG A NH2 1 
ATOM   500  N N   . LYS A 1 77  ? 3.372   2.291   -9.925  1.00 32.32  ? 1141 LYS A N   1 
ATOM   501  C CA  . LYS A 1 77  ? 2.943   3.680   -10.070 1.00 34.00  ? 1141 LYS A CA  1 
ATOM   502  C C   . LYS A 1 77  ? 4.066   4.668   -9.802  1.00 35.61  ? 1141 LYS A C   1 
ATOM   503  O O   . LYS A 1 77  ? 4.222   5.650   -10.547 1.00 36.56  ? 1141 LYS A O   1 
ATOM   504  C CB  . LYS A 1 77  ? 1.740   3.954   -9.151  1.00 33.91  ? 1141 LYS A CB  1 
ATOM   505  C CG  . LYS A 1 77  ? 0.481   3.286   -9.666  1.00 32.86  ? 1141 LYS A CG  1 
ATOM   506  C CD  . LYS A 1 77  ? -0.748  3.546   -8.824  1.00 32.65  ? 1141 LYS A CD  1 
ATOM   507  C CE  . LYS A 1 77  ? -1.278  4.943   -9.039  1.00 32.52  ? 1141 LYS A CE  1 
ATOM   508  N NZ  . LYS A 1 77  ? -2.558  5.061   -8.334  1.00 32.57  ? 1141 LYS A NZ  1 
ATOM   509  N N   . LEU A 1 78  ? 4.863   4.389   -8.764  1.00 36.55  ? 1142 LEU A N   1 
ATOM   510  C CA  . LEU A 1 78  ? 6.038   5.212   -8.462  1.00 37.01  ? 1142 LEU A CA  1 
ATOM   511  C C   . LEU A 1 78  ? 7.019   5.161   -9.628  1.00 36.42  ? 1142 LEU A C   1 
ATOM   512  O O   . LEU A 1 78  ? 7.439   6.198   -10.146 1.00 37.85  ? 1142 LEU A O   1 
ATOM   513  C CB  . LEU A 1 78  ? 6.738   4.743   -7.185  1.00 37.43  ? 1142 LEU A CB  1 
ATOM   514  C CG  . LEU A 1 78  ? 7.660   5.681   -6.381  1.00 39.11  ? 1142 LEU A CG  1 
ATOM   515  C CD1 . LEU A 1 78  ? 8.868   4.905   -5.867  1.00 37.86  ? 1142 LEU A CD1 1 
ATOM   516  C CD2 . LEU A 1 78  ? 8.130   6.956   -7.088  1.00 40.73  ? 1142 LEU A CD2 1 
ATOM   517  N N   . ASP A 1 79  ? 7.342   3.954   -10.064 1.00 36.52  ? 1143 ASP A N   1 
ATOM   518  C CA  . ASP A 1 79  ? 8.444   3.763   -11.006 1.00 39.52  ? 1143 ASP A CA  1 
ATOM   519  C C   . ASP A 1 79  ? 8.074   4.271   -12.391 1.00 39.52  ? 1143 ASP A C   1 
ATOM   520  O O   . ASP A 1 79  ? 8.955   4.704   -13.126 1.00 39.65  ? 1143 ASP A O   1 
ATOM   521  C CB  . ASP A 1 79  ? 8.910   2.293   -11.067 1.00 41.35  ? 1143 ASP A CB  1 
ATOM   522  C CG  . ASP A 1 79  ? 9.587   1.828   -9.775  1.00 42.73  ? 1143 ASP A CG  1 
ATOM   523  O OD1 . ASP A 1 79  ? 10.067  2.676   -8.985  1.00 46.07  ? 1143 ASP A OD1 1 
ATOM   524  O OD2 . ASP A 1 79  ? 9.634   0.604   -9.545  1.00 43.94  ? 1143 ASP A OD2 1 
ATOM   525  N N   . THR A 1 80  ? 6.773   4.275   -12.717 1.00 38.57  ? 1144 THR A N   1 
ATOM   526  C CA  . THR A 1 80  ? 6.283   4.771   -14.018 1.00 36.94  ? 1144 THR A CA  1 
ATOM   527  C C   . THR A 1 80  ? 5.964   6.291   -14.098 1.00 35.73  ? 1144 THR A C   1 
ATOM   528  O O   . THR A 1 80  ? 5.636   6.798   -15.162 1.00 36.50  ? 1144 THR A O   1 
ATOM   529  C CB  . THR A 1 80  ? 5.067   3.953   -14.516 1.00 36.97  ? 1144 THR A CB  1 
ATOM   530  O OG1 . THR A 1 80  ? 3.995   3.985   -13.561 1.00 35.28  ? 1144 THR A OG1 1 
ATOM   531  C CG2 . THR A 1 80  ? 5.470   2.502   -14.785 1.00 36.40  ? 1144 THR A CG2 1 
ATOM   532  N N   . GLY A 1 81  ? 6.121   7.001   -12.987 1.00 33.09  ? 1145 GLY A N   1 
ATOM   533  C CA  . GLY A 1 81  ? 5.838   8.417   -12.914 1.00 32.75  ? 1145 GLY A CA  1 
ATOM   534  C C   . GLY A 1 81  ? 4.389   8.800   -12.674 1.00 33.40  ? 1145 GLY A C   1 
ATOM   535  O O   . GLY A 1 81  ? 4.009   9.937   -12.964 1.00 34.39  ? 1145 GLY A O   1 
ATOM   536  N N   . GLN A 1 82  ? 3.584   7.893   -12.118 1.00 31.96  ? 1146 GLN A N   1 
ATOM   537  C CA  . GLN A 1 82  ? 2.163   8.168   -11.912 1.00 29.70  ? 1146 GLN A CA  1 
ATOM   538  C C   . GLN A 1 82  ? 1.913   8.994   -10.668 1.00 31.91  ? 1146 GLN A C   1 
ATOM   539  O O   . GLN A 1 82  ? 0.928   9.740   -10.619 1.00 34.86  ? 1146 GLN A O   1 
ATOM   540  C CB  . GLN A 1 82  ? 1.338   6.895   -11.895 1.00 29.37  ? 1146 GLN A CB  1 
ATOM   541  C CG  . GLN A 1 82  ? 1.390   6.200   -13.225 1.00 29.82  ? 1146 GLN A CG  1 
ATOM   542  C CD  . GLN A 1 82  ? 0.526   4.965   -13.250 1.00 30.21  ? 1146 GLN A CD  1 
ATOM   543  O OE1 . GLN A 1 82  ? -0.666  5.033   -12.967 1.00 33.15  ? 1146 GLN A OE1 1 
ATOM   544  N NE2 . GLN A 1 82  ? 1.113   3.828   -13.591 1.00 28.67  ? 1146 GLN A NE2 1 
ATOM   545  N N   . TYR A 1 83  ? 2.801   8.928   -9.684  1.00 31.10  ? 1147 TYR A N   1 
ATOM   546  C CA  . TYR A 1 83  ? 2.723   9.864   -8.589  1.00 30.52  ? 1147 TYR A CA  1 
ATOM   547  C C   . TYR A 1 83  ? 3.451   11.147  -9.007  1.00 31.89  ? 1147 TYR A C   1 
ATOM   548  O O   . TYR A 1 83  ? 4.651   11.134  -9.298  1.00 33.77  ? 1147 TYR A O   1 
ATOM   549  C CB  . TYR A 1 83  ? 3.308   9.269   -7.310  1.00 29.93  ? 1147 TYR A CB  1 
ATOM   550  C CG  . TYR A 1 83  ? 2.586   8.015   -6.832  1.00 29.47  ? 1147 TYR A CG  1 
ATOM   551  C CD1 . TYR A 1 83  ? 1.206   7.988   -6.676  1.00 29.01  ? 1147 TYR A CD1 1 
ATOM   552  C CD2 . TYR A 1 83  ? 3.295   6.858   -6.526  1.00 29.35  ? 1147 TYR A CD2 1 
ATOM   553  C CE1 . TYR A 1 83  ? 0.556   6.852   -6.212  1.00 29.14  ? 1147 TYR A CE1 1 
ATOM   554  C CE2 . TYR A 1 83  ? 2.652   5.718   -6.084  1.00 28.16  ? 1147 TYR A CE2 1 
ATOM   555  C CZ  . TYR A 1 83  ? 1.291   5.714   -5.928  1.00 27.90  ? 1147 TYR A CZ  1 
ATOM   556  O OH  . TYR A 1 83  ? 0.707   4.552   -5.498  1.00 27.22  ? 1147 TYR A OH  1 
ATOM   557  N N   . GLN A 1 84  ? 2.710   12.243  -9.093  1.00 30.94  ? 1148 GLN A N   1 
ATOM   558  C CA  . GLN A 1 84  ? 3.314   13.553  -9.295  1.00 30.68  ? 1148 GLN A CA  1 
ATOM   559  C C   . GLN A 1 84  ? 3.388   14.393  -8.008  1.00 32.07  ? 1148 GLN A C   1 
ATOM   560  O O   . GLN A 1 84  ? 4.190   15.324  -7.947  1.00 31.44  ? 1148 GLN A O   1 
ATOM   561  C CB  . GLN A 1 84  ? 2.563   14.273  -10.409 1.00 30.72  ? 1148 GLN A CB  1 
ATOM   562  C CG  . GLN A 1 84  ? 2.784   13.629  -11.771 1.00 30.03  ? 1148 GLN A CG  1 
ATOM   563  C CD  . GLN A 1 84  ? 4.220   13.813  -12.238 1.00 29.67  ? 1148 GLN A CD  1 
ATOM   564  O OE1 . GLN A 1 84  ? 4.752   14.917  -12.156 1.00 29.38  ? 1148 GLN A OE1 1 
ATOM   565  N NE2 . GLN A 1 84  ? 4.858   12.736  -12.692 1.00 28.96  ? 1148 GLN A NE2 1 
ATOM   566  N N   . GLU A 1 85  ? 2.579   14.021  -7.000  1.00 32.54  ? 1149 GLU A N   1 
ATOM   567  C CA  . GLU A 1 85  ? 2.492   14.669  -5.706  1.00 34.14  ? 1149 GLU A CA  1 
ATOM   568  C C   . GLU A 1 85  ? 2.446   13.584  -4.646  1.00 32.94  ? 1149 GLU A C   1 
ATOM   569  O O   . GLU A 1 85  ? 1.790   12.567  -4.847  1.00 30.96  ? 1149 GLU A O   1 
ATOM   570  C CB  . GLU A 1 85  ? 1.195   15.468  -5.548  1.00 38.20  ? 1149 GLU A CB  1 
ATOM   571  C CG  . GLU A 1 85  ? 0.969   16.569  -6.558  1.00 40.01  ? 1149 GLU A CG  1 
ATOM   572  C CD  . GLU A 1 85  ? 1.912   17.744  -6.393  1.00 44.16  ? 1149 GLU A CD  1 
ATOM   573  O OE1 . GLU A 1 85  ? 2.517   17.953  -5.317  1.00 51.41  ? 1149 GLU A OE1 1 
ATOM   574  O OE2 . GLU A 1 85  ? 2.055   18.482  -7.371  1.00 48.85  ? 1149 GLU A OE2 1 
ATOM   575  N N   . PRO A 1 86  ? 3.128   13.801  -3.515  1.00 32.21  ? 1150 PRO A N   1 
ATOM   576  C CA  . PRO A 1 86  ? 3.148   12.830  -2.413  1.00 30.09  ? 1150 PRO A CA  1 
ATOM   577  C C   . PRO A 1 86  ? 1.756   12.475  -1.841  1.00 28.43  ? 1150 PRO A C   1 
ATOM   578  O O   . PRO A 1 86  ? 1.535   11.325  -1.418  1.00 27.79  ? 1150 PRO A O   1 
ATOM   579  C CB  . PRO A 1 86  ? 4.032   13.534  -1.367  1.00 31.15  ? 1150 PRO A CB  1 
ATOM   580  C CG  . PRO A 1 86  ? 4.977   14.331  -2.209  1.00 32.26  ? 1150 PRO A CG  1 
ATOM   581  C CD  . PRO A 1 86  ? 4.108   14.885  -3.299  1.00 31.64  ? 1150 PRO A CD  1 
ATOM   582  N N   . TRP A 1 87  ? 0.817   13.423  -1.852  1.00 27.47  ? 1151 TRP A N   1 
ATOM   583  C CA  . TRP A 1 87  ? -0.550  13.140  -1.363  1.00 27.08  ? 1151 TRP A CA  1 
ATOM   584  C C   . TRP A 1 87  ? -1.197  11.981  -2.122  1.00 26.81  ? 1151 TRP A C   1 
ATOM   585  O O   . TRP A 1 87  ? -1.966  11.232  -1.541  1.00 26.72  ? 1151 TRP A O   1 
ATOM   586  C CB  . TRP A 1 87  ? -1.468  14.373  -1.401  1.00 27.71  ? 1151 TRP A CB  1 
ATOM   587  C CG  . TRP A 1 87  ? -1.815  14.979  -2.788  1.00 27.39  ? 1151 TRP A CG  1 
ATOM   588  C CD1 . TRP A 1 87  ? -1.285  16.109  -3.327  1.00 26.34  ? 1151 TRP A CD1 1 
ATOM   589  C CD2 . TRP A 1 87  ? -2.813  14.527  -3.726  1.00 27.58  ? 1151 TRP A CD2 1 
ATOM   590  N NE1 . TRP A 1 87  ? -1.850  16.374  -4.534  1.00 26.48  ? 1151 TRP A NE1 1 
ATOM   591  C CE2 . TRP A 1 87  ? -2.794  15.424  -4.810  1.00 27.24  ? 1151 TRP A CE2 1 
ATOM   592  C CE3 . TRP A 1 87  ? -3.722  13.453  -3.754  1.00 29.43  ? 1151 TRP A CE3 1 
ATOM   593  C CZ2 . TRP A 1 87  ? -3.636  15.286  -5.922  1.00 27.43  ? 1151 TRP A CZ2 1 
ATOM   594  C CZ3 . TRP A 1 87  ? -4.570  13.324  -4.860  1.00 29.18  ? 1151 TRP A CZ3 1 
ATOM   595  C CH2 . TRP A 1 87  ? -4.511  14.233  -5.928  1.00 27.96  ? 1151 TRP A CH2 1 
ATOM   596  N N   . GLN A 1 88  ? -0.856  11.821  -3.402  1.00 25.90  ? 1152 GLN A N   1 
ATOM   597  C CA  . GLN A 1 88  ? -1.366  10.701  -4.207  1.00 27.57  ? 1152 GLN A CA  1 
ATOM   598  C C   . GLN A 1 88  ? -0.909  9.354   -3.685  1.00 28.53  ? 1152 GLN A C   1 
ATOM   599  O O   . GLN A 1 88  ? -1.668  8.385   -3.689  1.00 29.63  ? 1152 GLN A O   1 
ATOM   600  C CB  . GLN A 1 88  ? -0.951  10.838  -5.679  1.00 26.98  ? 1152 GLN A CB  1 
ATOM   601  C CG  . GLN A 1 88  ? -1.557  12.046  -6.405  1.00 27.07  ? 1152 GLN A CG  1 
ATOM   602  C CD  . GLN A 1 88  ? -0.931  12.234  -7.795  1.00 27.24  ? 1152 GLN A CD  1 
ATOM   603  O OE1 . GLN A 1 88  ? 0.275   12.385  -7.909  1.00 27.05  ? 1152 GLN A OE1 1 
ATOM   604  N NE2 . GLN A 1 88  ? -1.754  12.208  -8.857  1.00 26.27  ? 1152 GLN A NE2 1 
ATOM   605  N N   . TYR A 1 89  ? 0.358   9.296   -3.291  1.00 29.52  ? 1153 TYR A N   1 
ATOM   606  C CA  . TYR A 1 89  ? 0.986   8.060   -2.802  1.00 29.21  ? 1153 TYR A CA  1 
ATOM   607  C C   . TYR A 1 89  ? 0.476   7.739   -1.397  1.00 28.24  ? 1153 TYR A C   1 
ATOM   608  O O   . TYR A 1 89  ? 0.065   6.601   -1.095  1.00 28.94  ? 1153 TYR A O   1 
ATOM   609  C CB  . TYR A 1 89  ? 2.504   8.235   -2.842  1.00 30.46  ? 1153 TYR A CB  1 
ATOM   610  C CG  . TYR A 1 89  ? 3.322   7.291   -1.997  1.00 30.97  ? 1153 TYR A CG  1 
ATOM   611  C CD1 . TYR A 1 89  ? 3.655   7.617   -0.673  1.00 31.11  ? 1153 TYR A CD1 1 
ATOM   612  C CD2 . TYR A 1 89  ? 3.822   6.105   -2.534  1.00 30.36  ? 1153 TYR A CD2 1 
ATOM   613  C CE1 . TYR A 1 89  ? 4.436   6.764   0.103   1.00 32.30  ? 1153 TYR A CE1 1 
ATOM   614  C CE2 . TYR A 1 89  ? 4.598   5.238   -1.758  1.00 32.10  ? 1153 TYR A CE2 1 
ATOM   615  C CZ  . TYR A 1 89  ? 4.912   5.568   -0.446  1.00 31.89  ? 1153 TYR A CZ  1 
ATOM   616  O OH  . TYR A 1 89  ? 5.697   4.708   0.297   1.00 32.00  ? 1153 TYR A OH  1 
ATOM   617  N N   . VAL A 1 90  ? 0.440   8.760   -0.549  1.00 29.16  ? 1154 VAL A N   1 
ATOM   618  C CA  . VAL A 1 90  ? -0.120  8.596   0.813   1.00 28.67  ? 1154 VAL A CA  1 
ATOM   619  C C   . VAL A 1 90  ? -1.573  8.115   0.717   1.00 27.38  ? 1154 VAL A C   1 
ATOM   620  O O   . VAL A 1 90  ? -1.969  7.205   1.418   1.00 28.53  ? 1154 VAL A O   1 
ATOM   621  C CB  . VAL A 1 90  ? -0.006  9.897   1.657   1.00 30.31  ? 1154 VAL A CB  1 
ATOM   622  C CG1 . VAL A 1 90  ? -0.664  9.755   3.029   1.00 30.24  ? 1154 VAL A CG1 1 
ATOM   623  C CG2 . VAL A 1 90  ? 1.454   10.287  1.857   1.00 32.17  ? 1154 VAL A CG2 1 
ATOM   624  N N   . ASP A 1 91  ? -2.350  8.676   -0.202  1.00 27.12  ? 1155 ASP A N   1 
ATOM   625  C CA  . ASP A 1 91  ? -3.740  8.214   -0.435  1.00 25.87  ? 1155 ASP A CA  1 
ATOM   626  C C   . ASP A 1 91  ? -3.744  6.725   -0.745  1.00 25.97  ? 1155 ASP A C   1 
ATOM   627  O O   . ASP A 1 91  ? -4.587  5.979   -0.269  1.00 24.85  ? 1155 ASP A O   1 
ATOM   628  C CB  . ASP A 1 91  ? -4.374  8.949   -1.628  1.00 24.84  ? 1155 ASP A CB  1 
ATOM   629  C CG  . ASP A 1 91  ? -4.953  10.327  -1.268  1.00 25.48  ? 1155 ASP A CG  1 
ATOM   630  O OD1 . ASP A 1 91  ? -4.820  10.777  -0.130  1.00 25.01  ? 1155 ASP A OD1 1 
ATOM   631  O OD2 . ASP A 1 91  ? -5.571  10.985  -2.144  1.00 26.85  ? 1155 ASP A OD2 1 
ATOM   632  N N   . ASP A 1 92  ? -2.820  6.319   -1.603  1.00 26.93  ? 1156 ASP A N   1 
ATOM   633  C CA  . ASP A 1 92  ? -2.766  4.946   -2.038  1.00 27.57  ? 1156 ASP A CA  1 
ATOM   634  C C   . ASP A 1 92  ? -2.387  4.011   -0.923  1.00 27.17  ? 1156 ASP A C   1 
ATOM   635  O O   . ASP A 1 92  ? -2.989  2.915   -0.796  1.00 26.98  ? 1156 ASP A O   1 
ATOM   636  C CB  . ASP A 1 92  ? -1.855  4.765   -3.261  1.00 28.24  ? 1156 ASP A CB  1 
ATOM   637  C CG  . ASP A 1 92  ? -2.608  4.979   -4.585  1.00 29.64  ? 1156 ASP A CG  1 
ATOM   638  O OD1 . ASP A 1 92  ? -3.865  5.160   -4.549  1.00 28.21  ? 1156 ASP A OD1 1 
ATOM   639  O OD2 . ASP A 1 92  ? -1.951  4.945   -5.657  1.00 27.92  ? 1156 ASP A OD2 1 
ATOM   640  N N   . VAL A 1 93  ? -1.405  4.413   -0.121  1.00 26.43  ? 1157 VAL A N   1 
ATOM   641  C CA  . VAL A 1 93  ? -0.960  3.534   0.975   1.00 26.43  ? 1157 VAL A CA  1 
ATOM   642  C C   . VAL A 1 93  ? -2.126  3.301   1.939   1.00 26.37  ? 1157 VAL A C   1 
ATOM   643  O O   . VAL A 1 93  ? -2.391  2.173   2.355   1.00 26.26  ? 1157 VAL A O   1 
ATOM   644  C CB  . VAL A 1 93  ? 0.236   4.104   1.757   1.00 26.47  ? 1157 VAL A CB  1 
ATOM   645  C CG1 . VAL A 1 93  ? 0.501   3.314   3.053   1.00 27.39  ? 1157 VAL A CG1 1 
ATOM   646  C CG2 . VAL A 1 93  ? 1.475   4.112   0.895   1.00 26.53  ? 1157 VAL A CG2 1 
ATOM   647  N N   . TRP A 1 94  ? -2.800  4.384   2.304   1.00 27.29  ? 1158 TRP A N   1 
ATOM   648  C CA  . TRP A 1 94  ? -3.960  4.292   3.188   1.00 28.06  ? 1158 TRP A CA  1 
ATOM   649  C C   . TRP A 1 94  ? -5.153  3.608   2.570   1.00 26.17  ? 1158 TRP A C   1 
ATOM   650  O O   . TRP A 1 94  ? -5.922  3.012   3.290   1.00 26.87  ? 1158 TRP A O   1 
ATOM   651  C CB  . TRP A 1 94  ? -4.330  5.656   3.769   1.00 28.05  ? 1158 TRP A CB  1 
ATOM   652  C CG  . TRP A 1 94  ? -3.293  6.031   4.816   1.00 29.80  ? 1158 TRP A CG  1 
ATOM   653  C CD1 . TRP A 1 94  ? -2.166  6.795   4.633   1.00 30.13  ? 1158 TRP A CD1 1 
ATOM   654  C CD2 . TRP A 1 94  ? -3.258  5.588   6.178   1.00 29.69  ? 1158 TRP A CD2 1 
ATOM   655  N NE1 . TRP A 1 94  ? -1.447  6.868   5.812   1.00 31.41  ? 1158 TRP A NE1 1 
ATOM   656  C CE2 . TRP A 1 94  ? -2.103  6.145   6.774   1.00 30.04  ? 1158 TRP A CE2 1 
ATOM   657  C CE3 . TRP A 1 94  ? -4.109  4.792   6.964   1.00 30.75  ? 1158 TRP A CE3 1 
ATOM   658  C CZ2 . TRP A 1 94  ? -1.779  5.933   8.118   1.00 30.79  ? 1158 TRP A CZ2 1 
ATOM   659  C CZ3 . TRP A 1 94  ? -3.780  4.569   8.298   1.00 29.32  ? 1158 TRP A CZ3 1 
ATOM   660  C CH2 . TRP A 1 94  ? -2.621  5.136   8.859   1.00 30.25  ? 1158 TRP A CH2 1 
ATOM   661  N N   . LEU A 1 95  ? -5.333  3.682   1.262   1.00 25.93  ? 1159 LEU A N   1 
ATOM   662  C CA  . LEU A 1 95  ? -6.384  2.863   0.639   1.00 26.38  ? 1159 LEU A CA  1 
ATOM   663  C C   . LEU A 1 95  ? -6.109  1.352   0.844   1.00 27.22  ? 1159 LEU A C   1 
ATOM   664  O O   . LEU A 1 95  ? -7.021  0.571   1.141   1.00 26.98  ? 1159 LEU A O   1 
ATOM   665  C CB  . LEU A 1 95  ? -6.494  3.192   -0.835  1.00 26.68  ? 1159 LEU A CB  1 
ATOM   666  C CG  . LEU A 1 95  ? -7.450  2.379   -1.710  1.00 27.33  ? 1159 LEU A CG  1 
ATOM   667  C CD1 . LEU A 1 95  ? -8.908  2.608   -1.304  1.00 25.66  ? 1159 LEU A CD1 1 
ATOM   668  C CD2 . LEU A 1 95  ? -7.202  2.769   -3.177  1.00 26.31  ? 1159 LEU A CD2 1 
ATOM   669  N N   . MET A 1 96  ? -4.857  0.948   0.667   1.00 27.84  ? 1160 MET A N   1 
ATOM   670  C CA  . MET A 1 96  ? -4.478  -0.453  0.830   1.00 27.65  ? 1160 MET A CA  1 
ATOM   671  C C   . MET A 1 96  ? -4.787  -0.896  2.251   1.00 28.90  ? 1160 MET A C   1 
ATOM   672  O O   . MET A 1 96  ? -5.394  -1.957  2.460   1.00 29.81  ? 1160 MET A O   1 
ATOM   673  C CB  . MET A 1 96  ? -2.993  -0.650  0.494   1.00 27.87  ? 1160 MET A CB  1 
ATOM   674  C CG  . MET A 1 96  ? -2.372  -1.988  0.906   1.00 28.89  ? 1160 MET A CG  1 
ATOM   675  S SD  . MET A 1 96  ? -0.615  -2.100  0.506   1.00 29.31  ? 1160 MET A SD  1 
ATOM   676  C CE  . MET A 1 96  ? -0.001  -1.094  1.861   1.00 32.86  ? 1160 MET A CE  1 
ATOM   677  N N   . PHE A 1 97  ? -4.387  -0.072  3.215   1.00 28.46  ? 1161 PHE A N   1 
ATOM   678  C CA  . PHE A 1 97  ? -4.614  -0.380  4.613   1.00 28.33  ? 1161 PHE A CA  1 
ATOM   679  C C   . PHE A 1 97  ? -6.098  -0.423  4.936   1.00 30.64  ? 1161 PHE A C   1 
ATOM   680  O O   . PHE A 1 97  ? -6.528  -1.329  5.643   1.00 30.32  ? 1161 PHE A O   1 
ATOM   681  C CB  . PHE A 1 97  ? -4.026  0.668   5.562   1.00 29.04  ? 1161 PHE A CB  1 
ATOM   682  C CG  . PHE A 1 97  ? -2.532  0.814   5.549   1.00 30.04  ? 1161 PHE A CG  1 
ATOM   683  C CD1 . PHE A 1 97  ? -1.676  -0.232  5.198   1.00 30.71  ? 1161 PHE A CD1 1 
ATOM   684  C CD2 . PHE A 1 97  ? -1.964  2.015   5.987   1.00 30.03  ? 1161 PHE A CD2 1 
ATOM   685  C CE1 . PHE A 1 97  ? -0.300  -0.058  5.230   1.00 28.91  ? 1161 PHE A CE1 1 
ATOM   686  C CE2 . PHE A 1 97  ? -0.583  2.177   6.028   1.00 29.73  ? 1161 PHE A CE2 1 
ATOM   687  C CZ  . PHE A 1 97  ? 0.247   1.133   5.650   1.00 28.61  ? 1161 PHE A CZ  1 
ATOM   688  N N   . ASN A 1 98  ? -6.861  0.598   4.515   1.00 32.64  ? 1162 ASN A N   1 
ATOM   689  C CA  . ASN A 1 98  ? -8.313  0.640   4.797   1.00 32.20  ? 1162 ASN A CA  1 
ATOM   690  C C   . ASN A 1 98  ? -9.053  -0.504  4.129   1.00 32.67  ? 1162 ASN A C   1 
ATOM   691  O O   . ASN A 1 98  ? -9.986  -1.070  4.722   1.00 32.75  ? 1162 ASN A O   1 
ATOM   692  C CB  . ASN A 1 98  ? -8.952  1.970   4.356   1.00 33.37  ? 1162 ASN A CB  1 
ATOM   693  C CG  . ASN A 1 98  ? -8.525  3.152   5.219   1.00 35.27  ? 1162 ASN A CG  1 
ATOM   694  O OD1 . ASN A 1 98  ? -8.025  2.995   6.333   1.00 35.48  ? 1162 ASN A OD1 1 
ATOM   695  N ND2 . ASN A 1 98  ? -8.721  4.351   4.690   1.00 37.11  ? 1162 ASN A ND2 1 
ATOM   696  N N   . ASN A 1 99  ? -8.660  -0.862  2.906   1.00 32.93  ? 1163 ASN A N   1 
ATOM   697  C CA  . ASN A 1 99  ? -9.264  -2.036  2.284   1.00 34.58  ? 1163 ASN A CA  1 
ATOM   698  C C   . ASN A 1 99  ? -9.102  -3.253  3.228   1.00 36.63  ? 1163 ASN A C   1 
ATOM   699  O O   . ASN A 1 99  ? -10.069 -3.959  3.485   1.00 35.92  ? 1163 ASN A O   1 
ATOM   700  C CB  . ASN A 1 99  ? -8.670  -2.341  0.907   1.00 35.17  ? 1163 ASN A CB  1 
ATOM   701  C CG  . ASN A 1 99  ? -9.064  -1.326  -0.171  1.00 34.23  ? 1163 ASN A CG  1 
ATOM   702  O OD1 . ASN A 1 99  ? -9.976  -0.518  -0.019  1.00 35.97  ? 1163 ASN A OD1 1 
ATOM   703  N ND2 . ASN A 1 99  ? -8.338  -1.365  -1.272  1.00 33.90  ? 1163 ASN A ND2 1 
ATOM   704  N N   . ALA A 1 100 ? -7.900  -3.475  3.763   1.00 37.65  ? 1164 ALA A N   1 
ATOM   705  C CA  . ALA A 1 100 ? -7.660  -4.657  4.610   1.00 37.72  ? 1164 ALA A CA  1 
ATOM   706  C C   . ALA A 1 100 ? -8.429  -4.585  5.913   1.00 37.14  ? 1164 ALA A C   1 
ATOM   707  O O   . ALA A 1 100 ? -9.032  -5.563  6.314   1.00 39.48  ? 1164 ALA A O   1 
ATOM   708  C CB  . ALA A 1 100 ? -6.177  -4.854  4.897   1.00 38.71  ? 1164 ALA A CB  1 
ATOM   709  N N   . TRP A 1 101 ? -8.406  -3.435  6.573   1.00 38.30  ? 1165 TRP A N   1 
ATOM   710  C CA  . TRP A 1 101 ? -9.173  -3.265  7.806   1.00 38.28  ? 1165 TRP A CA  1 
ATOM   711  C C   . TRP A 1 101 ? -10.654 -3.452  7.576   1.00 37.98  ? 1165 TRP A C   1 
ATOM   712  O O   . TRP A 1 101 ? -11.321 -4.025  8.417   1.00 38.21  ? 1165 TRP A O   1 
ATOM   713  C CB  . TRP A 1 101 ? -8.926  -1.901  8.435   1.00 37.46  ? 1165 TRP A CB  1 
ATOM   714  C CG  . TRP A 1 101 ? -7.558  -1.780  9.055   1.00 37.88  ? 1165 TRP A CG  1 
ATOM   715  C CD1 . TRP A 1 101 ? -6.877  -2.745  9.747   1.00 38.49  ? 1165 TRP A CD1 1 
ATOM   716  C CD2 . TRP A 1 101 ? -6.733  -0.630  9.070   1.00 37.68  ? 1165 TRP A CD2 1 
ATOM   717  N NE1 . TRP A 1 101 ? -5.677  -2.265  10.176  1.00 38.73  ? 1165 TRP A NE1 1 
ATOM   718  C CE2 . TRP A 1 101 ? -5.561  -0.965  9.776   1.00 38.32  ? 1165 TRP A CE2 1 
ATOM   719  C CE3 . TRP A 1 101 ? -6.858  0.660   8.545   1.00 37.97  ? 1165 TRP A CE3 1 
ATOM   720  C CZ2 . TRP A 1 101 ? -4.523  -0.067  9.971   1.00 38.11  ? 1165 TRP A CZ2 1 
ATOM   721  C CZ3 . TRP A 1 101 ? -5.826  1.556   8.745   1.00 37.80  ? 1165 TRP A CZ3 1 
ATOM   722  C CH2 . TRP A 1 101 ? -4.668  1.186   9.454   1.00 37.10  ? 1165 TRP A CH2 1 
ATOM   723  N N   . LEU A 1 102 ? -11.151 -2.985  6.434   1.00 37.55  ? 1166 LEU A N   1 
ATOM   724  C CA  . LEU A 1 102 ? -12.544 -3.169  6.064   1.00 38.60  ? 1166 LEU A CA  1 
ATOM   725  C C   . LEU A 1 102 ? -12.942 -4.635  5.829   1.00 40.31  ? 1166 LEU A C   1 
ATOM   726  O O   . LEU A 1 102 ? -13.893 -5.139  6.421   1.00 41.46  ? 1166 LEU A O   1 
ATOM   727  C CB  . LEU A 1 102 ? -12.874 -2.352  4.809   1.00 40.55  ? 1166 LEU A CB  1 
ATOM   728  C CG  . LEU A 1 102 ? -14.326 -2.441  4.334   1.00 42.69  ? 1166 LEU A CG  1 
ATOM   729  C CD1 . LEU A 1 102 ? -15.289 -2.036  5.448   1.00 43.98  ? 1166 LEU A CD1 1 
ATOM   730  C CD2 . LEU A 1 102 ? -14.525 -1.606  3.087   1.00 42.17  ? 1166 LEU A CD2 1 
ATOM   731  N N   . TYR A 1 103 ? -12.230 -5.326  4.959   1.00 40.76  ? 1167 TYR A N   1 
ATOM   732  C CA  . TYR A 1 103 ? -12.631 -6.671  4.602   1.00 41.12  ? 1167 TYR A CA  1 
ATOM   733  C C   . TYR A 1 103 ? -12.343 -7.741  5.688   1.00 41.42  ? 1167 TYR A C   1 
ATOM   734  O O   . TYR A 1 103 ? -13.113 -8.689  5.838   1.00 38.84  ? 1167 TYR A O   1 
ATOM   735  C CB  . TYR A 1 103 ? -11.999 -7.069  3.280   1.00 40.34  ? 1167 TYR A CB  1 
ATOM   736  C CG  . TYR A 1 103 ? -12.498 -8.410  2.829   1.00 40.87  ? 1167 TYR A CG  1 
ATOM   737  C CD1 . TYR A 1 103 ? -13.717 -8.534  2.173   1.00 42.16  ? 1167 TYR A CD1 1 
ATOM   738  C CD2 . TYR A 1 103 ? -11.786 -9.572  3.120   1.00 41.05  ? 1167 TYR A CD2 1 
ATOM   739  C CE1 . TYR A 1 103 ? -14.191 -9.780  1.790   1.00 42.30  ? 1167 TYR A CE1 1 
ATOM   740  C CE2 . TYR A 1 103 ? -12.266 -10.821 2.753   1.00 40.04  ? 1167 TYR A CE2 1 
ATOM   741  C CZ  . TYR A 1 103 ? -13.461 -10.913 2.099   1.00 39.60  ? 1167 TYR A CZ  1 
ATOM   742  O OH  . TYR A 1 103 ? -13.923 -12.131 1.715   1.00 40.20  ? 1167 TYR A OH  1 
ATOM   743  N N   . ASN A 1 104 ? -11.240 -7.608  6.417   1.00 42.56  ? 1168 ASN A N   1 
ATOM   744  C CA  . ASN A 1 104 ? -10.760 -8.704  7.271   1.00 43.09  ? 1168 ASN A CA  1 
ATOM   745  C C   . ASN A 1 104 ? -11.195 -8.422  8.702   1.00 46.15  ? 1168 ASN A C   1 
ATOM   746  O O   . ASN A 1 104 ? -11.222 -7.256  9.118   1.00 48.40  ? 1168 ASN A O   1 
ATOM   747  C CB  . ASN A 1 104 ? -9.233  -8.835  7.183   1.00 41.00  ? 1168 ASN A CB  1 
ATOM   748  C CG  . ASN A 1 104 ? -8.744  -9.139  5.767   1.00 42.24  ? 1168 ASN A CG  1 
ATOM   749  O OD1 . ASN A 1 104 ? -8.850  -10.274 5.303   1.00 46.43  ? 1168 ASN A OD1 1 
ATOM   750  N ND2 . ASN A 1 104 ? -8.194  -8.127  5.075   1.00 39.62  ? 1168 ASN A ND2 1 
ATOM   751  N N   . ARG A 1 105 ? -11.519 -9.479  9.445   1.00 46.42  ? 1169 ARG A N   1 
ATOM   752  C CA  . ARG A 1 105 ? -11.934 -9.359  10.842  1.00 51.61  ? 1169 ARG A CA  1 
ATOM   753  C C   . ARG A 1 105 ? -10.768 -8.837  11.641  1.00 50.07  ? 1169 ARG A C   1 
ATOM   754  O O   . ARG A 1 105 ? -9.615  -9.007  11.240  1.00 51.99  ? 1169 ARG A O   1 
ATOM   755  C CB  . ARG A 1 105 ? -12.411 -10.703 11.437  1.00 56.88  ? 1169 ARG A CB  1 
ATOM   756  C CG  . ARG A 1 105 ? -13.739 -11.199 10.870  1.00 63.42  ? 1169 ARG A CG  1 
ATOM   757  C CD  . ARG A 1 105 ? -14.416 -12.286 11.714  1.00 71.62  ? 1169 ARG A CD  1 
ATOM   758  N NE  . ARG A 1 105 ? -13.921 -13.639 11.429  1.00 77.13  ? 1169 ARG A NE  1 
ATOM   759  C CZ  . ARG A 1 105 ? -14.182 -14.349 10.323  1.00 82.82  ? 1169 ARG A CZ  1 
ATOM   760  N NH1 . ARG A 1 105 ? -13.666 -15.571 10.185  1.00 78.04  ? 1169 ARG A NH1 1 
ATOM   761  N NH2 . ARG A 1 105 ? -14.945 -13.855 9.342   1.00 87.12  ? 1169 ARG A NH2 1 
ATOM   762  N N   . LYS A 1 106 ? -11.088 -8.213  12.768  1.00 49.79  ? 1170 LYS A N   1 
ATOM   763  C CA  . LYS A 1 106 ? -10.086 -7.655  13.680  1.00 53.24  ? 1170 LYS A CA  1 
ATOM   764  C C   . LYS A 1 106 ? -9.172  -8.745  14.214  1.00 51.79  ? 1170 LYS A C   1 
ATOM   765  O O   . LYS A 1 106 ? -7.980  -8.528  14.349  1.00 49.67  ? 1170 LYS A O   1 
ATOM   766  C CB  . LYS A 1 106 ? -10.740 -6.917  14.848  1.00 55.15  ? 1170 LYS A CB  1 
ATOM   767  C CG  . LYS A 1 106 ? -11.623 -5.760  14.408  1.00 60.57  ? 1170 LYS A CG  1 
ATOM   768  C CD  . LYS A 1 106 ? -12.160 -4.928  15.557  1.00 63.49  ? 1170 LYS A CD  1 
ATOM   769  C CE  . LYS A 1 106 ? -12.778 -3.649  15.010  1.00 66.19  ? 1170 LYS A CE  1 
ATOM   770  N NZ  . LYS A 1 106 ? -13.619 -2.950  16.012  1.00 70.40  ? 1170 LYS A NZ  1 
ATOM   771  N N   . THR A 1 107 ? -9.760  -9.913  14.480  1.00 51.70  ? 1171 THR A N   1 
ATOM   772  C CA  . THR A 1 107 ? -9.042  -11.140 14.868  1.00 52.71  ? 1171 THR A CA  1 
ATOM   773  C C   . THR A 1 107 ? -8.017  -11.753 13.858  1.00 51.22  ? 1171 THR A C   1 
ATOM   774  O O   . THR A 1 107 ? -7.093  -12.435 14.283  1.00 51.78  ? 1171 THR A O   1 
ATOM   775  C CB  . THR A 1 107 ? -10.062 -12.244 15.251  1.00 55.25  ? 1171 THR A CB  1 
ATOM   776  O OG1 . THR A 1 107 ? -11.067 -12.346 14.224  1.00 57.43  ? 1171 THR A OG1 1 
ATOM   777  C CG2 . THR A 1 107 ? -10.727 -11.918 16.620  1.00 54.43  ? 1171 THR A CG2 1 
ATOM   778  N N   . SER A 1 108 ? -8.171  -11.497 12.555  1.00 48.32  ? 1172 SER A N   1 
ATOM   779  C CA  . SER A 1 108 ? -7.386  -12.143 11.498  1.00 44.33  ? 1172 SER A CA  1 
ATOM   780  C C   . SER A 1 108 ? -5.924  -11.691 11.443  1.00 43.37  ? 1172 SER A C   1 
ATOM   781  O O   . SER A 1 108 ? -5.602  -10.526 11.739  1.00 44.52  ? 1172 SER A O   1 
ATOM   782  C CB  . SER A 1 108 ? -8.048  -11.849 10.144  1.00 42.85  ? 1172 SER A CB  1 
ATOM   783  O OG  . SER A 1 108 ? -7.821  -10.489 9.757   1.00 42.69  ? 1172 SER A OG  1 
ATOM   784  N N   . ARG A 1 109 ? -5.054  -12.608 11.022  1.00 41.69  ? 1173 ARG A N   1 
ATOM   785  C CA  . ARG A 1 109 ? -3.681  -12.276 10.638  1.00 42.49  ? 1173 ARG A CA  1 
ATOM   786  C C   . ARG A 1 109 ? -3.573  -11.083 9.665   1.00 40.54  ? 1173 ARG A C   1 
ATOM   787  O O   . ARG A 1 109 ? -2.742  -10.208 9.861   1.00 38.75  ? 1173 ARG A O   1 
ATOM   788  C CB  . ARG A 1 109 ? -3.020  -13.483 9.979   1.00 44.12  ? 1173 ARG A CB  1 
ATOM   789  C CG  . ARG A 1 109 ? -1.699  -13.173 9.283   1.00 46.38  ? 1173 ARG A CG  1 
ATOM   790  C CD  . ARG A 1 109 ? -0.921  -14.428 8.909   1.00 47.39  ? 1173 ARG A CD  1 
ATOM   791  N NE  . ARG A 1 109 ? -0.261  -14.996 10.080  1.00 49.17  ? 1173 ARG A NE  1 
ATOM   792  C CZ  . ARG A 1 109 ? 0.945   -15.561 10.109  1.00 47.39  ? 1173 ARG A CZ  1 
ATOM   793  N NH1 . ARG A 1 109 ? 1.708   -15.676 9.018   1.00 49.40  ? 1173 ARG A NH1 1 
ATOM   794  N NH2 . ARG A 1 109 ? 1.403   -16.009 11.266  1.00 45.22  ? 1173 ARG A NH2 1 
ATOM   795  N N   . VAL A 1 110 ? -4.375  -11.066 8.612   1.00 38.31  ? 1174 VAL A N   1 
ATOM   796  C CA  . VAL A 1 110 ? -4.217  -10.016 7.599   1.00 38.75  ? 1174 VAL A CA  1 
ATOM   797  C C   . VAL A 1 110 ? -4.459  -8.651  8.243   1.00 36.29  ? 1174 VAL A C   1 
ATOM   798  O O   . VAL A 1 110 ? -3.657  -7.738  8.061   1.00 33.14  ? 1174 VAL A O   1 
ATOM   799  C CB  . VAL A 1 110 ? -5.093  -10.276 6.352   1.00 38.48  ? 1174 VAL A CB  1 
ATOM   800  C CG1 . VAL A 1 110 ? -5.018  -9.116  5.387   1.00 38.38  ? 1174 VAL A CG1 1 
ATOM   801  C CG2 . VAL A 1 110 ? -4.624  -11.538 5.637   1.00 38.92  ? 1174 VAL A CG2 1 
ATOM   802  N N   . TYR A 1 111 ? -5.497  -8.556  9.074   1.00 38.54  ? 1175 TYR A N   1 
ATOM   803  C CA  . TYR A 1 111 ? -5.842  -7.299  9.766   1.00 39.43  ? 1175 TYR A CA  1 
ATOM   804  C C   . TYR A 1 111 ? -4.720  -6.807  10.653  1.00 41.36  ? 1175 TYR A C   1 
ATOM   805  O O   . TYR A 1 111 ? -4.354  -5.636  10.591  1.00 40.48  ? 1175 TYR A O   1 
ATOM   806  C CB  . TYR A 1 111 ? -7.097  -7.482  10.617  1.00 42.41  ? 1175 TYR A CB  1 
ATOM   807  C CG  . TYR A 1 111 ? -7.658  -6.211  11.264  1.00 42.48  ? 1175 TYR A CG  1 
ATOM   808  C CD1 . TYR A 1 111 ? -7.043  -5.611  12.376  1.00 42.07  ? 1175 TYR A CD1 1 
ATOM   809  C CD2 . TYR A 1 111 ? -8.839  -5.646  10.787  1.00 43.01  ? 1175 TYR A CD2 1 
ATOM   810  C CE1 . TYR A 1 111 ? -7.579  -4.472  12.963  1.00 42.88  ? 1175 TYR A CE1 1 
ATOM   811  C CE2 . TYR A 1 111 ? -9.379  -4.504  11.361  1.00 44.95  ? 1175 TYR A CE2 1 
ATOM   812  C CZ  . TYR A 1 111 ? -8.742  -3.916  12.437  1.00 43.54  ? 1175 TYR A CZ  1 
ATOM   813  O OH  . TYR A 1 111 ? -9.309  -2.799  12.980  1.00 42.57  ? 1175 TYR A OH  1 
ATOM   814  N N   . LYS A 1 112 ? -4.200  -7.700  11.496  1.00 44.65  ? 1176 LYS A N   1 
ATOM   815  C CA  . LYS A 1 112 ? -3.131  -7.346  12.452  1.00 44.20  ? 1176 LYS A CA  1 
ATOM   816  C C   . LYS A 1 112 ? -1.824  -7.007  11.748  1.00 41.13  ? 1176 LYS A C   1 
ATOM   817  O O   . LYS A 1 112 ? -1.097  -6.108  12.151  1.00 41.87  ? 1176 LYS A O   1 
ATOM   818  C CB  . LYS A 1 112 ? -2.835  -8.496  13.402  1.00 48.35  ? 1176 LYS A CB  1 
ATOM   819  C CG  . LYS A 1 112 ? -3.979  -9.033  14.245  1.00 53.65  ? 1176 LYS A CG  1 
ATOM   820  C CD  . LYS A 1 112 ? -3.386  -9.951  15.311  1.00 60.44  ? 1176 LYS A CD  1 
ATOM   821  C CE  . LYS A 1 112 ? -4.309  -11.083 15.712  1.00 65.21  ? 1176 LYS A CE  1 
ATOM   822  N NZ  . LYS A 1 112 ? -5.385  -10.562 16.587  1.00 69.06  ? 1176 LYS A NZ  1 
ATOM   823  N N   . PHE A 1 113 ? -1.499  -7.775  10.720  1.00 38.21  ? 1177 PHE A N   1 
ATOM   824  C CA  . PHE A 1 113 ? -0.370  -7.454  9.851   1.00 37.78  ? 1177 PHE A CA  1 
ATOM   825  C C   . PHE A 1 113 ? -0.495  -6.056  9.207   1.00 36.87  ? 1177 PHE A C   1 
ATOM   826  O O   . PHE A 1 113 ? 0.486   -5.306  9.128   1.00 33.75  ? 1177 PHE A O   1 
ATOM   827  C CB  . PHE A 1 113 ? -0.223  -8.565  8.801   1.00 39.14  ? 1177 PHE A CB  1 
ATOM   828  C CG  . PHE A 1 113 ? 0.494   -9.822  9.315   1.00 40.05  ? 1177 PHE A CG  1 
ATOM   829  C CD1 . PHE A 1 113 ? 0.655   -10.091 10.694  1.00 39.45  ? 1177 PHE A CD1 1 
ATOM   830  C CD2 . PHE A 1 113 ? 1.028   -10.736 8.404   1.00 39.16  ? 1177 PHE A CD2 1 
ATOM   831  C CE1 . PHE A 1 113 ? 1.329   -11.227 11.128  1.00 40.27  ? 1177 PHE A CE1 1 
ATOM   832  C CE2 . PHE A 1 113 ? 1.695   -11.872 8.835   1.00 40.17  ? 1177 PHE A CE2 1 
ATOM   833  C CZ  . PHE A 1 113 ? 1.853   -12.110 10.196  1.00 42.10  ? 1177 PHE A CZ  1 
ATOM   834  N N   . CYS A 1 114 ? -1.710  -5.706  8.785   1.00 36.39  ? 1178 CYS A N   1 
ATOM   835  C CA  . CYS A 1 114 ? -2.027  -4.360  8.256   1.00 35.89  ? 1178 CYS A CA  1 
ATOM   836  C C   . CYS A 1 114 ? -1.704  -3.238  9.260   1.00 35.83  ? 1178 CYS A C   1 
ATOM   837  O O   . CYS A 1 114 ? -1.060  -2.214  8.922   1.00 33.74  ? 1178 CYS A O   1 
ATOM   838  C CB  . CYS A 1 114 ? -3.518  -4.279  7.849   1.00 35.57  ? 1178 CYS A CB  1 
ATOM   839  S SG  . CYS A 1 114 ? -3.934  -2.710  7.076   1.00 32.60  ? 1178 CYS A SG  1 
ATOM   840  N N   . SER A 1 115 ? -2.142  -3.466  10.495  1.00 35.98  ? 1179 SER A N   1 
ATOM   841  C CA  . SER A 1 115 ? -1.865  -2.578  11.602  1.00 35.21  ? 1179 SER A CA  1 
ATOM   842  C C   . SER A 1 115 ? -0.390  -2.366  11.838  1.00 34.03  ? 1179 SER A C   1 
ATOM   843  O O   . SER A 1 115 ? 0.047   -1.237  12.046  1.00 36.58  ? 1179 SER A O   1 
ATOM   844  C CB  . SER A 1 115 ? -2.522  -3.111  12.853  1.00 34.03  ? 1179 SER A CB  1 
ATOM   845  O OG  . SER A 1 115 ? -3.911  -3.065  12.652  1.00 34.14  ? 1179 SER A OG  1 
ATOM   846  N N   . LYS A 1 116 ? 0.381   -3.438  11.780  1.00 34.45  ? 1180 LYS A N   1 
ATOM   847  C CA  . LYS A 1 116 ? 1.827   -3.336  11.913  1.00 35.74  ? 1180 LYS A CA  1 
ATOM   848  C C   . LYS A 1 116 ? 2.388   -2.443  10.789  1.00 33.83  ? 1180 LYS A C   1 
ATOM   849  O O   . LYS A 1 116 ? 3.145   -1.511  11.061  1.00 33.22  ? 1180 LYS A O   1 
ATOM   850  C CB  . LYS A 1 116 ? 2.447   -4.747  11.958  1.00 39.49  ? 1180 LYS A CB  1 
ATOM   851  C CG  . LYS A 1 116 ? 3.975   -4.813  11.941  1.00 44.52  ? 1180 LYS A CG  1 
ATOM   852  C CD  . LYS A 1 116 ? 4.607   -4.288  13.213  1.00 47.89  ? 1180 LYS A CD  1 
ATOM   853  C CE  . LYS A 1 116 ? 6.109   -4.513  13.168  1.00 51.24  ? 1180 LYS A CE  1 
ATOM   854  N NZ  . LYS A 1 116 ? 6.811   -3.520  14.017  1.00 53.10  ? 1180 LYS A NZ  1 
ATOM   855  N N   . LEU A 1 117 ? 1.991   -2.685  9.539   1.00 33.44  ? 1181 LEU A N   1 
ATOM   856  C CA  . LEU A 1 117 ? 2.473   -1.849  8.437   1.00 34.00  ? 1181 LEU A CA  1 
ATOM   857  C C   . LEU A 1 117 ? 2.147   -0.363  8.622   1.00 33.88  ? 1181 LEU A C   1 
ATOM   858  O O   . LEU A 1 117 ? 3.010   0.477   8.384   1.00 30.29  ? 1181 LEU A O   1 
ATOM   859  C CB  . LEU A 1 117 ? 1.953   -2.333  7.081   1.00 35.44  ? 1181 LEU A CB  1 
ATOM   860  C CG  . LEU A 1 117 ? 2.516   -3.628  6.474   1.00 37.68  ? 1181 LEU A CG  1 
ATOM   861  C CD1 . LEU A 1 117 ? 2.230   -3.676  4.985   1.00 38.45  ? 1181 LEU A CD1 1 
ATOM   862  C CD2 . LEU A 1 117 ? 4.005   -3.785  6.734   1.00 37.46  ? 1181 LEU A CD2 1 
ATOM   863  N N   . ALA A 1 118 ? 0.913   -0.065  9.037   1.00 34.74  ? 1182 ALA A N   1 
ATOM   864  C CA  . ALA A 1 118 ? 0.478   1.304   9.335   1.00 36.87  ? 1182 ALA A CA  1 
ATOM   865  C C   . ALA A 1 118 ? 1.348   1.970   10.405  1.00 38.80  ? 1182 ALA A C   1 
ATOM   866  O O   . ALA A 1 118 ? 1.789   3.123   10.231  1.00 38.13  ? 1182 ALA A O   1 
ATOM   867  C CB  . ALA A 1 118 ? -0.970  1.301   9.789   1.00 38.15  ? 1182 ALA A CB  1 
ATOM   868  N N   . GLU A 1 119 ? 1.610   1.223   11.484  1.00 39.40  ? 1183 GLU A N   1 
ATOM   869  C CA  . GLU A 1 119 ? 2.554   1.656   12.537  1.00 43.18  ? 1183 GLU A CA  1 
ATOM   870  C C   . GLU A 1 119 ? 3.919   1.931   11.959  1.00 39.08  ? 1183 GLU A C   1 
ATOM   871  O O   . GLU A 1 119 ? 4.525   2.918   12.294  1.00 36.64  ? 1183 GLU A O   1 
ATOM   872  C CB  . GLU A 1 119 ? 2.680   0.643   13.691  1.00 44.91  ? 1183 GLU A CB  1 
ATOM   873  C CG  . GLU A 1 119 ? 1.471   0.623   14.609  1.00 52.40  ? 1183 GLU A CG  1 
ATOM   874  C CD  . GLU A 1 119 ? 1.382   -0.630  15.481  1.00 59.51  ? 1183 GLU A CD  1 
ATOM   875  O OE1 . GLU A 1 119 ? 0.257   -0.945  15.939  1.00 62.24  ? 1183 GLU A OE1 1 
ATOM   876  O OE2 . GLU A 1 119 ? 2.425   -1.294  15.721  1.00 64.34  ? 1183 GLU A OE2 1 
ATOM   877  N N   . VAL A 1 120 ? 4.390   1.073   11.072  1.00 37.60  ? 1184 VAL A N   1 
ATOM   878  C CA  . VAL A 1 120 ? 5.681   1.276   10.465  1.00 37.82  ? 1184 VAL A CA  1 
ATOM   879  C C   . VAL A 1 120 ? 5.665   2.491   9.545   1.00 38.23  ? 1184 VAL A C   1 
ATOM   880  O O   . VAL A 1 120 ? 6.651   3.234   9.486   1.00 39.70  ? 1184 VAL A O   1 
ATOM   881  C CB  . VAL A 1 120 ? 6.103   0.003   9.736   1.00 38.19  ? 1184 VAL A CB  1 
ATOM   882  C CG1 . VAL A 1 120 ? 7.266   0.246   8.780   1.00 36.79  ? 1184 VAL A CG1 1 
ATOM   883  C CG2 . VAL A 1 120 ? 6.476   -1.051  10.767  1.00 39.97  ? 1184 VAL A CG2 1 
ATOM   884  N N   . PHE A 1 121 ? 4.559   2.690   8.831   1.00 36.07  ? 1185 PHE A N   1 
ATOM   885  C CA  . PHE A 1 121 ? 4.453   3.832   7.926   1.00 36.38  ? 1185 PHE A CA  1 
ATOM   886  C C   . PHE A 1 121 ? 4.601   5.145   8.707   1.00 37.01  ? 1185 PHE A C   1 
ATOM   887  O O   . PHE A 1 121 ? 5.423   5.994   8.356   1.00 39.29  ? 1185 PHE A O   1 
ATOM   888  C CB  . PHE A 1 121 ? 3.130   3.780   7.137   1.00 36.77  ? 1185 PHE A CB  1 
ATOM   889  C CG  . PHE A 1 121 ? 3.072   4.724   5.974   1.00 34.84  ? 1185 PHE A CG  1 
ATOM   890  C CD1 . PHE A 1 121 ? 3.819   4.486   4.838   1.00 34.04  ? 1185 PHE A CD1 1 
ATOM   891  C CD2 . PHE A 1 121 ? 2.249   5.838   6.008   1.00 34.88  ? 1185 PHE A CD2 1 
ATOM   892  C CE1 . PHE A 1 121 ? 3.757   5.346   3.749   1.00 33.94  ? 1185 PHE A CE1 1 
ATOM   893  C CE2 . PHE A 1 121 ? 2.177   6.689   4.916   1.00 34.68  ? 1185 PHE A CE2 1 
ATOM   894  C CZ  . PHE A 1 121 ? 2.940   6.446   3.789   1.00 32.55  ? 1185 PHE A CZ  1 
ATOM   895  N N   . GLU A 1 122 ? 3.853   5.260   9.798   1.00 38.68  ? 1186 GLU A N   1 
ATOM   896  C CA  . GLU A 1 122 ? 3.834   6.460   10.635  1.00 43.50  ? 1186 GLU A CA  1 
ATOM   897  C C   . GLU A 1 122 ? 5.157   6.749   11.317  1.00 46.09  ? 1186 GLU A C   1 
ATOM   898  O O   . GLU A 1 122 ? 5.533   7.908   11.416  1.00 52.57  ? 1186 GLU A O   1 
ATOM   899  C CB  . GLU A 1 122 ? 2.784   6.354   11.725  1.00 44.16  ? 1186 GLU A CB  1 
ATOM   900  C CG  . GLU A 1 122 ? 1.346   6.395   11.242  1.00 45.00  ? 1186 GLU A CG  1 
ATOM   901  C CD  . GLU A 1 122 ? 0.415   5.594   12.140  1.00 47.70  ? 1186 GLU A CD  1 
ATOM   902  O OE1 . GLU A 1 122 ? -0.803  5.545   11.875  1.00 48.64  ? 1186 GLU A OE1 1 
ATOM   903  O OE2 . GLU A 1 122 ? 0.898   4.976   13.107  1.00 53.54  ? 1186 GLU A OE2 1 
ATOM   904  N N   . GLN A 1 123 ? 5.830   5.713   11.820  1.00 50.12  ? 1187 GLN A N   1 
ATOM   905  C CA  . GLN A 1 123 ? 7.132   5.866   12.503  1.00 52.11  ? 1187 GLN A CA  1 
ATOM   906  C C   . GLN A 1 123 ? 8.218   6.315   11.524  1.00 50.68  ? 1187 GLN A C   1 
ATOM   907  O O   . GLN A 1 123 ? 9.014   7.198   11.840  1.00 48.62  ? 1187 GLN A O   1 
ATOM   908  C CB  . GLN A 1 123 ? 7.559   4.570   13.216  1.00 53.83  ? 1187 GLN A CB  1 
ATOM   909  C CG  . GLN A 1 123 ? 6.684   4.173   14.401  1.00 58.46  ? 1187 GLN A CG  1 
ATOM   910  C CD  . GLN A 1 123 ? 6.765   2.679   14.720  1.00 62.70  ? 1187 GLN A CD  1 
ATOM   911  O OE1 . GLN A 1 123 ? 7.851   2.126   14.907  1.00 67.76  ? 1187 GLN A OE1 1 
ATOM   912  N NE2 . GLN A 1 123 ? 5.609   2.019   14.772  1.00 63.96  ? 1187 GLN A NE2 1 
ATOM   913  N N   . GLU A 1 124 ? 8.210   5.738   10.325  1.00 50.34  ? 1188 GLU A N   1 
ATOM   914  C CA  . GLU A 1 124 ? 9.151   6.108   9.260   1.00 50.79  ? 1188 GLU A CA  1 
ATOM   915  C C   . GLU A 1 124 ? 8.988   7.602   8.823   1.00 52.57  ? 1188 GLU A C   1 
ATOM   916  O O   . GLU A 1 124 ? 9.978   8.334   8.602   1.00 48.11  ? 1188 GLU A O   1 
ATOM   917  C CB  . GLU A 1 124 ? 8.964   5.129   8.090   1.00 53.64  ? 1188 GLU A CB  1 
ATOM   918  C CG  . GLU A 1 124 ? 9.886   5.327   6.892   1.00 56.26  ? 1188 GLU A CG  1 
ATOM   919  C CD  . GLU A 1 124 ? 11.356  5.042   7.175   1.00 55.01  ? 1188 GLU A CD  1 
ATOM   920  O OE1 . GLU A 1 124 ? 11.656  4.227   8.071   1.00 52.96  ? 1188 GLU A OE1 1 
ATOM   921  O OE2 . GLU A 1 124 ? 12.213  5.617   6.465   1.00 57.51  ? 1188 GLU A OE2 1 
ATOM   922  N N   . ILE A 1 125 ? 7.736   8.052   8.746   1.00 51.96  ? 1189 ILE A N   1 
ATOM   923  C CA  . ILE A 1 125 ? 7.402   9.472   8.536   1.00 53.84  ? 1189 ILE A CA  1 
ATOM   924  C C   . ILE A 1 125 ? 7.836   10.417  9.692   1.00 58.45  ? 1189 ILE A C   1 
ATOM   925  O O   . ILE A 1 125 ? 8.367   11.510  9.434   1.00 63.19  ? 1189 ILE A O   1 
ATOM   926  C CB  . ILE A 1 125 ? 5.890   9.614   8.218   1.00 51.44  ? 1189 ILE A CB  1 
ATOM   927  C CG1 . ILE A 1 125 ? 5.664   9.205   6.764   1.00 50.84  ? 1189 ILE A CG1 1 
ATOM   928  C CG2 . ILE A 1 125 ? 5.387   11.033  8.433   1.00 50.92  ? 1189 ILE A CG2 1 
ATOM   929  C CD1 . ILE A 1 125 ? 4.236   8.871   6.431   1.00 51.36  ? 1189 ILE A CD1 1 
ATOM   930  N N   . ASP A 1 126 ? 7.630   9.979   10.936  1.00 60.55  ? 1190 ASP A N   1 
ATOM   931  C CA  . ASP A 1 126 ? 7.810   10.783  12.156  1.00 65.36  ? 1190 ASP A CA  1 
ATOM   932  C C   . ASP A 1 126 ? 8.666   10.010  13.224  1.00 69.16  ? 1190 ASP A C   1 
ATOM   933  O O   . ASP A 1 126 ? 8.082   9.375   14.126  1.00 62.81  ? 1190 ASP A O   1 
ATOM   934  C CB  . ASP A 1 126 ? 6.385   11.104  12.667  1.00 65.38  ? 1190 ASP A CB  1 
ATOM   935  C CG  . ASP A 1 126 ? 6.344   12.159  13.768  1.00 66.24  ? 1190 ASP A CG  1 
ATOM   936  O OD1 . ASP A 1 126 ? 7.242   13.029  13.853  1.00 62.04  ? 1190 ASP A OD1 1 
ATOM   937  O OD2 . ASP A 1 126 ? 5.358   12.128  14.545  1.00 65.78  ? 1190 ASP A OD2 1 
ATOM   938  N N   . PRO A 1 127 ? 10.037  10.016  13.097  1.00 74.07  ? 1191 PRO A N   1 
ATOM   939  C CA  . PRO A 1 127 ? 10.944  9.383   14.097  1.00 77.96  ? 1191 PRO A CA  1 
ATOM   940  C C   . PRO A 1 127 ? 11.243  10.225  15.358  1.00 80.68  ? 1191 PRO A C   1 
ATOM   941  O O   . PRO A 1 127 ? 10.509  10.133  16.348  1.00 75.15  ? 1191 PRO A O   1 
ATOM   942  C CB  . PRO A 1 127 ? 12.248  9.133   13.300  1.00 76.63  ? 1191 PRO A CB  1 
ATOM   943  C CG  . PRO A 1 127 ? 11.971  9.535   11.886  1.00 76.38  ? 1191 PRO A CG  1 
ATOM   944  C CD  . PRO A 1 127 ? 10.815  10.490  11.933  1.00 75.39  ? 1191 PRO A CD  1 
HETATM 945  C CBE . JE9 B 2 .   ? 3.230   -17.835 6.374   1.00 39.89  ? 1201 JE9 A CBE 1 
HETATM 946  C CBF . JE9 B 2 .   ? 4.359   -17.307 5.576   1.00 39.74  ? 1201 JE9 A CBF 1 
HETATM 947  C CBD . JE9 B 2 .   ? 3.393   -16.372 6.275   1.00 40.25  ? 1201 JE9 A CBD 1 
HETATM 948  N NBB . JE9 B 2 .   ? 2.277   -15.715 5.504   1.00 38.65  ? 1201 JE9 A NBB 1 
HETATM 949  C CBC . JE9 B 2 .   ? 2.175   -15.515 4.197   1.00 36.93  ? 1201 JE9 A CBC 1 
HETATM 950  N NBA . JE9 B 2 .   ? 1.165   -15.222 6.068   1.00 37.70  ? 1201 JE9 A NBA 1 
HETATM 951  C CAZ . JE9 B 2 .   ? 0.399   -14.709 5.105   1.00 37.85  ? 1201 JE9 A CAZ 1 
HETATM 952  C CAX . JE9 B 2 .   ? 1.000   -14.902 3.918   1.00 37.33  ? 1201 JE9 A CAX 1 
HETATM 953  C CAT . JE9 B 2 .   ? 0.556   -14.487 2.679   1.00 36.46  ? 1201 JE9 A CAT 1 
HETATM 954  C CAS . JE9 B 2 .   ? -0.708  -13.861 2.438   1.00 35.68  ? 1201 JE9 A CAS 1 
HETATM 955  F FAY . JE9 B 2 .   ? -1.545  -13.714 3.466   1.00 33.60  ? 1201 JE9 A FAY 1 
HETATM 956  C CAU . JE9 B 2 .   ? 1.417   -14.606 1.568   1.00 36.32  ? 1201 JE9 A CAU 1 
HETATM 957  C CAV . JE9 B 2 .   ? 1.066   -14.189 0.285   1.00 37.89  ? 1201 JE9 A CAV 1 
HETATM 958  C CBG . JE9 B 2 .   ? 2.076   -14.395 -0.717  1.00 38.24  ? 1201 JE9 A CBG 1 
HETATM 959  O OBH . JE9 B 2 .   ? 1.492   -14.533 -1.976  1.00 41.00  ? 1201 JE9 A OBH 1 
HETATM 960  C CAW . JE9 B 2 .   ? -0.214  -13.586 0.076   1.00 35.04  ? 1201 JE9 A CAW 1 
HETATM 961  C CAR . JE9 B 2 .   ? -1.144  -13.466 1.136   1.00 35.14  ? 1201 JE9 A CAR 1 
HETATM 962  N NAQ . JE9 B 2 .   ? -2.366  -12.814 1.061   1.00 36.32  ? 1201 JE9 A NAQ 1 
HETATM 963  C CAO . JE9 B 2 .   ? -3.576  -13.282 1.550   1.00 38.86  ? 1201 JE9 A CAO 1 
HETATM 964  O OAP . JE9 B 2 .   ? -3.675  -14.446 1.972   1.00 38.11  ? 1201 JE9 A OAP 1 
HETATM 965  C CAI . JE9 B 2 .   ? -4.624  -12.361 1.694   1.00 37.83  ? 1201 JE9 A CAI 1 
HETATM 966  C CAF . JE9 B 2 .   ? -5.917  -12.601 2.049   1.00 39.19  ? 1201 JE9 A CAF 1 
HETATM 967  C CAA . JE9 B 2 .   ? -6.609  -13.735 2.234   1.00 39.48  ? 1201 JE9 A CAA 1 
HETATM 968  C CAH . JE9 B 2 .   ? -4.517  -11.002 1.696   1.00 36.95  ? 1201 JE9 A CAH 1 
HETATM 969  C CAG . JE9 B 2 .   ? -5.732  -10.408 1.956   1.00 36.76  ? 1201 JE9 A CAG 1 
HETATM 970  C CAJ . JE9 B 2 .   ? -6.016  -9.047  2.013   1.00 35.40  ? 1201 JE9 A CAJ 1 
HETATM 971  O OAL . JE9 B 2 .   ? -7.141  -8.555  2.239   1.00 35.21  ? 1201 JE9 A OAL 1 
HETATM 972  C CAK . JE9 B 2 .   ? -4.814  -8.098  1.865   1.00 35.27  ? 1201 JE9 A CAK 1 
HETATM 973  N NAE . JE9 B 2 .   ? -6.605  -11.415 2.174   1.00 37.95  ? 1201 JE9 A NAE 1 
HETATM 974  C CAD . JE9 B 2 .   ? -7.997  -11.326 2.488   1.00 36.11  ? 1201 JE9 A CAD 1 
HETATM 975  C CAC . JE9 B 2 .   ? -8.675  -12.507 2.666   1.00 38.50  ? 1201 JE9 A CAC 1 
HETATM 976  C CAB . JE9 B 2 .   ? -7.971  -13.716 2.552   1.00 40.98  ? 1201 JE9 A CAB 1 
HETATM 977  O OAM . JE9 B 2 .   ? -8.630  -14.916 2.698   1.00 45.32  ? 1201 JE9 A OAM 1 
HETATM 978  C CAN . JE9 B 2 .   ? -8.682  -15.541 3.916   1.00 50.57  ? 1201 JE9 A CAN 1 
HETATM 979  O OBJ . JE9 B 2 .   ? -8.100  -15.019 4.876   1.00 48.20  ? 1201 JE9 A OBJ 1 
HETATM 980  N NBI . JE9 B 2 .   ? -9.378  -16.726 4.051   1.00 53.43  ? 1201 JE9 A NBI 1 
HETATM 981  C CBL . JE9 B 2 .   ? -10.082 -17.318 2.888   1.00 51.42  ? 1201 JE9 A CBL 1 
HETATM 982  C CBK . JE9 B 2 .   ? -9.441  -17.409 5.367   1.00 54.55  ? 1201 JE9 A CBK 1 
HETATM 983  P P   . PO4 C 3 .   ? -5.873  -16.495 10.052  1.00 72.62  ? 1202 PO4 A P   1 
HETATM 984  O O1  . PO4 C 3 .   ? -6.624  -17.789 10.279  1.00 72.21  ? 1202 PO4 A O1  1 
HETATM 985  O O2  . PO4 C 3 .   ? -5.285  -16.583 8.668   1.00 69.22  ? 1202 PO4 A O2  1 
HETATM 986  O O3  . PO4 C 3 .   ? -4.769  -16.350 11.085  1.00 65.83  ? 1202 PO4 A O3  1 
HETATM 987  O O4  . PO4 C 3 .   ? -6.823  -15.312 10.140  1.00 68.94  ? 1202 PO4 A O4  1 
HETATM 988  C C1  . GOL D 4 .   ? -0.215  0.542   -13.909 1.00 51.94  ? 1203 GOL A C1  1 
HETATM 989  O O1  . GOL D 4 .   ? -0.656  1.592   -14.745 1.00 50.83  ? 1203 GOL A O1  1 
HETATM 990  C C2  . GOL D 4 .   ? -0.741  0.789   -12.497 1.00 52.22  ? 1203 GOL A C2  1 
HETATM 991  O O2  . GOL D 4 .   ? -0.818  -0.520  -11.952 1.00 56.53  ? 1203 GOL A O2  1 
HETATM 992  C C3  . GOL D 4 .   ? -2.145  1.427   -12.367 1.00 53.61  ? 1203 GOL A C3  1 
HETATM 993  O O3  . GOL D 4 .   ? -2.206  2.883   -12.273 1.00 48.26  ? 1203 GOL A O3  1 
HETATM 994  O O   . HOH E 5 .   ? 5.499   -6.799  -4.646  1.00 36.78  ? 1301 HOH A O   1 
HETATM 995  O O   . HOH E 5 .   ? -7.755  -5.817  1.450   1.00 27.57  ? 1302 HOH A O   1 
HETATM 996  O O   . HOH E 5 .   ? -2.424  6.783   -12.360 1.00 19.25  ? 1303 HOH A O   1 
HETATM 997  O O   . HOH E 5 .   ? -6.847  -4.186  -1.668  1.00 32.92  ? 1304 HOH A O   1 
HETATM 998  O O   . HOH E 5 .   ? -6.950  13.130  -1.611  1.00 36.75  ? 1305 HOH A O   1 
HETATM 999  O O   . HOH E 5 .   ? 8.894   7.863   2.164   1.00 37.44  ? 1306 HOH A O   1 
HETATM 1000 O O   . HOH E 5 .   ? -3.522  -5.141  -0.499  1.00 26.17  ? 1307 HOH A O   1 
HETATM 1001 O O   . HOH E 5 .   ? -3.726  -12.134 -3.554  1.00 31.31  ? 1308 HOH A O   1 
HETATM 1002 O O   . HOH E 5 .   ? -7.035  -6.909  -5.983  1.00 34.54  ? 1309 HOH A O   1 
HETATM 1003 O O   . HOH E 5 .   ? 14.987  4.818   -0.648  1.00 65.58  ? 1310 HOH A O   1 
HETATM 1004 O O   . HOH E 5 .   ? -14.693 -0.254  -1.025  1.00 42.13  ? 1311 HOH A O   1 
HETATM 1005 O O   . HOH E 5 .   ? 3.729   17.585  -11.665 1.00 38.55  ? 1312 HOH A O   1 
HETATM 1006 O O   . HOH E 5 .   ? -2.936  -7.671  -1.176  1.00 24.70  ? 1313 HOH A O   1 
HETATM 1007 O O   . HOH E 5 .   ? -4.166  -4.159  -5.712  1.00 27.53  ? 1314 HOH A O   1 
HETATM 1008 O O   . HOH E 5 .   ? 7.036   10.885  -10.645 1.00 40.36  ? 1315 HOH A O   1 
HETATM 1009 O O   . HOH E 5 .   ? -6.038  6.550   -3.586  1.00 37.16  ? 1316 HOH A O   1 
HETATM 1010 O O   . HOH E 5 .   ? -3.843  8.249   -5.413  1.00 43.94  ? 1317 HOH A O   1 
HETATM 1011 O O   . HOH E 5 .   ? -12.101 0.230   -1.668  1.00 26.72  ? 1318 HOH A O   1 
HETATM 1012 O O   . HOH E 5 .   ? -5.921  -4.317  0.980   1.00 26.72  ? 1319 HOH A O   1 
HETATM 1013 O O   . HOH E 5 .   ? -0.458  12.271  -11.383 1.00 28.29  ? 1320 HOH A O   1 
HETATM 1014 O O   . HOH E 5 .   ? 5.903   8.485   -9.448  1.00 37.10  ? 1321 HOH A O   1 
HETATM 1015 O O   . HOH E 5 .   ? -2.563  -11.023 -1.169  1.00 31.77  ? 1322 HOH A O   1 
HETATM 1016 O O   . HOH E 5 .   ? 9.629   -3.265  12.525  1.00 37.45  ? 1323 HOH A O   1 
HETATM 1017 O O   . HOH E 5 .   ? 5.942   -3.417  -8.712  1.00 43.02  ? 1324 HOH A O   1 
HETATM 1018 O O   . HOH E 5 .   ? -5.680  -5.719  -4.072  1.00 25.86  ? 1325 HOH A O   1 
HETATM 1019 O O   . HOH E 5 .   ? -6.026  -13.415 7.873   1.00 41.23  ? 1326 HOH A O   1 
HETATM 1020 O O   . HOH E 5 .   ? 1.586   16.276  -1.384  1.00 34.11  ? 1327 HOH A O   1 
HETATM 1021 O O   . HOH E 5 .   ? -0.573  19.090  -5.233  1.00 44.24  ? 1328 HOH A O   1 
HETATM 1022 O O   . HOH E 5 .   ? -2.637  8.232   -8.150  1.00 36.85  ? 1329 HOH A O   1 
HETATM 1023 O O   . HOH E 5 .   ? -14.186 -7.880  13.630  1.00 51.32  ? 1330 HOH A O   1 
HETATM 1024 O O   . HOH E 5 .   ? 11.399  -7.098  9.927   1.00 45.12  ? 1331 HOH A O   1 
HETATM 1025 O O   . HOH E 5 .   ? -0.389  26.636  -7.888  1.00 52.49  ? 1332 HOH A O   1 
HETATM 1026 O O   . HOH E 5 .   ? 4.277   21.322  -11.020 1.00 39.69  ? 1334 HOH A O   1 
# 
loop_
_pdbx_poly_seq_scheme.asym_id 
_pdbx_poly_seq_scheme.entity_id 
_pdbx_poly_seq_scheme.seq_id 
_pdbx_poly_seq_scheme.mon_id 
_pdbx_poly_seq_scheme.ndb_seq_num 
_pdbx_poly_seq_scheme.pdb_seq_num 
_pdbx_poly_seq_scheme.auth_seq_num 
_pdbx_poly_seq_scheme.pdb_mon_id 
_pdbx_poly_seq_scheme.auth_mon_id 
_pdbx_poly_seq_scheme.pdb_strand_id 
_pdbx_poly_seq_scheme.pdb_ins_code 
_pdbx_poly_seq_scheme.hetero 
A 1 1   MET 1   1065 ?    ?   ?   A . n 
A 1 2   LYS 2   1066 ?    ?   ?   A . n 
A 1 3   LYS 3   1067 ?    ?   ?   A . n 
A 1 4   GLY 4   1068 ?    ?   ?   A . n 
A 1 5   HIS 5   1069 ?    ?   ?   A . n 
A 1 6   HIS 6   1070 ?    ?   ?   A . n 
A 1 7   HIS 7   1071 ?    ?   ?   A . n 
A 1 8   HIS 8   1072 ?    ?   ?   A . n 
A 1 9   HIS 9   1073 ?    ?   ?   A . n 
A 1 10  HIS 10  1074 ?    ?   ?   A . n 
A 1 11  LEU 11  1075 ?    ?   ?   A . n 
A 1 12  VAL 12  1076 ?    ?   ?   A . n 
A 1 13  PRO 13  1077 ?    ?   ?   A . n 
A 1 14  ARG 14  1078 ?    ?   ?   A . n 
A 1 15  GLY 15  1079 ?    ?   ?   A . n 
A 1 16  SER 16  1080 ?    ?   ?   A . n 
A 1 17  ARG 17  1081 1081 ARG ARG A . n 
A 1 18  LYS 18  1082 1082 LYS LYS A . n 
A 1 19  LYS 19  1083 1083 LYS LYS A . n 
A 1 20  ILE 20  1084 1084 ILE ILE A . n 
A 1 21  PHE 21  1085 1085 PHE PHE A . n 
A 1 22  LYS 22  1086 1086 LYS LYS A . n 
A 1 23  PRO 23  1087 1087 PRO PRO A . n 
A 1 24  GLU 24  1088 1088 GLU GLU A . n 
A 1 25  GLU 25  1089 1089 GLU GLU A . n 
A 1 26  LEU 26  1090 1090 LEU LEU A . n 
A 1 27  ARG 27  1091 1091 ARG ARG A . n 
A 1 28  GLN 28  1092 1092 GLN GLN A . n 
A 1 29  ALA 29  1093 1093 ALA ALA A . n 
A 1 30  LEU 30  1094 1094 LEU LEU A . n 
A 1 31  MET 31  1095 1095 MET MET A . n 
A 1 32  PRO 32  1096 1096 PRO PRO A . n 
A 1 33  THR 33  1097 1097 THR THR A . n 
A 1 34  LEU 34  1098 1098 LEU LEU A . n 
A 1 35  GLU 35  1099 1099 GLU GLU A . n 
A 1 36  ALA 36  1100 1100 ALA ALA A . n 
A 1 37  LEU 37  1101 1101 LEU LEU A . n 
A 1 38  TYR 38  1102 1102 TYR TYR A . n 
A 1 39  ARG 39  1103 1103 ARG ARG A . n 
A 1 40  GLN 40  1104 1104 GLN GLN A . n 
A 1 41  ASP 41  1105 1105 ASP ASP A . n 
A 1 42  PRO 42  1106 1106 PRO PRO A . n 
A 1 43  GLU 43  1107 1107 GLU GLU A . n 
A 1 44  SER 44  1108 1108 SER SER A . n 
A 1 45  LEU 45  1109 1109 LEU LEU A . n 
A 1 46  PRO 46  1110 1110 PRO PRO A . n 
A 1 47  PHE 47  1111 1111 PHE PHE A . n 
A 1 48  ARG 48  1112 1112 ARG ARG A . n 
A 1 49  GLN 49  1113 1113 GLN GLN A . n 
A 1 50  PRO 50  1114 1114 PRO PRO A . n 
A 1 51  VAL 51  1115 1115 VAL VAL A . n 
A 1 52  ASP 52  1116 1116 ASP ASP A . n 
A 1 53  PRO 53  1117 1117 PRO PRO A . n 
A 1 54  GLN 54  1118 1118 GLN GLN A . n 
A 1 55  LEU 55  1119 1119 LEU LEU A . n 
A 1 56  LEU 56  1120 1120 LEU LEU A . n 
A 1 57  GLY 57  1121 1121 GLY GLY A . n 
A 1 58  ILE 58  1122 1122 ILE ILE A . n 
A 1 59  PRO 59  1123 1123 PRO PRO A . n 
A 1 60  ASP 60  1124 1124 ASP ASP A . n 
A 1 61  TYR 61  1125 1125 TYR TYR A . n 
A 1 62  PHE 62  1126 1126 PHE PHE A . n 
A 1 63  ASP 63  1127 1127 ASP ASP A . n 
A 1 64  ILE 64  1128 1128 ILE ILE A . n 
A 1 65  VAL 65  1129 1129 VAL VAL A . n 
A 1 66  LYS 66  1130 1130 LYS LYS A . n 
A 1 67  ASN 67  1131 1131 ASN ASN A . n 
A 1 68  PRO 68  1132 1132 PRO PRO A . n 
A 1 69  MET 69  1133 1133 MET MET A . n 
A 1 70  ASP 70  1134 1134 ASP ASP A . n 
A 1 71  LEU 71  1135 1135 LEU LEU A . n 
A 1 72  SER 72  1136 1136 SER SER A . n 
A 1 73  THR 73  1137 1137 THR THR A . n 
A 1 74  ILE 74  1138 1138 ILE ILE A . n 
A 1 75  LYS 75  1139 1139 LYS LYS A . n 
A 1 76  ARG 76  1140 1140 ARG ARG A . n 
A 1 77  LYS 77  1141 1141 LYS LYS A . n 
A 1 78  LEU 78  1142 1142 LEU LEU A . n 
A 1 79  ASP 79  1143 1143 ASP ASP A . n 
A 1 80  THR 80  1144 1144 THR THR A . n 
A 1 81  GLY 81  1145 1145 GLY GLY A . n 
A 1 82  GLN 82  1146 1146 GLN GLN A . n 
A 1 83  TYR 83  1147 1147 TYR TYR A . n 
A 1 84  GLN 84  1148 1148 GLN GLN A . n 
A 1 85  GLU 85  1149 1149 GLU GLU A . n 
A 1 86  PRO 86  1150 1150 PRO PRO A . n 
A 1 87  TRP 87  1151 1151 TRP TRP A . n 
A 1 88  GLN 88  1152 1152 GLN GLN A . n 
A 1 89  TYR 89  1153 1153 TYR TYR A . n 
A 1 90  VAL 90  1154 1154 VAL VAL A . n 
A 1 91  ASP 91  1155 1155 ASP ASP A . n 
A 1 92  ASP 92  1156 1156 ASP ASP A . n 
A 1 93  VAL 93  1157 1157 VAL VAL A . n 
A 1 94  TRP 94  1158 1158 TRP TRP A . n 
A 1 95  LEU 95  1159 1159 LEU LEU A . n 
A 1 96  MET 96  1160 1160 MET MET A . n 
A 1 97  PHE 97  1161 1161 PHE PHE A . n 
A 1 98  ASN 98  1162 1162 ASN ASN A . n 
A 1 99  ASN 99  1163 1163 ASN ASN A . n 
A 1 100 ALA 100 1164 1164 ALA ALA A . n 
A 1 101 TRP 101 1165 1165 TRP TRP A . n 
A 1 102 LEU 102 1166 1166 LEU LEU A . n 
A 1 103 TYR 103 1167 1167 TYR TYR A . n 
A 1 104 ASN 104 1168 1168 ASN ASN A . n 
A 1 105 ARG 105 1169 1169 ARG ARG A . n 
A 1 106 LYS 106 1170 1170 LYS LYS A . n 
A 1 107 THR 107 1171 1171 THR THR A . n 
A 1 108 SER 108 1172 1172 SER SER A . n 
A 1 109 ARG 109 1173 1173 ARG ARG A . n 
A 1 110 VAL 110 1174 1174 VAL VAL A . n 
A 1 111 TYR 111 1175 1175 TYR TYR A . n 
A 1 112 LYS 112 1176 1176 LYS LYS A . n 
A 1 113 PHE 113 1177 1177 PHE PHE A . n 
A 1 114 CYS 114 1178 1178 CYS CYS A . n 
A 1 115 SER 115 1179 1179 SER SER A . n 
A 1 116 LYS 116 1180 1180 LYS LYS A . n 
A 1 117 LEU 117 1181 1181 LEU LEU A . n 
A 1 118 ALA 118 1182 1182 ALA ALA A . n 
A 1 119 GLU 119 1183 1183 GLU GLU A . n 
A 1 120 VAL 120 1184 1184 VAL VAL A . n 
A 1 121 PHE 121 1185 1185 PHE PHE A . n 
A 1 122 GLU 122 1186 1186 GLU GLU A . n 
A 1 123 GLN 123 1187 1187 GLN GLN A . n 
A 1 124 GLU 124 1188 1188 GLU GLU A . n 
A 1 125 ILE 125 1189 1189 ILE ILE A . n 
A 1 126 ASP 126 1190 1190 ASP ASP A . n 
A 1 127 PRO 127 1191 1191 PRO PRO A . n 
A 1 128 VAL 128 1192 ?    ?   ?   A . n 
A 1 129 MET 129 1193 ?    ?   ?   A . n 
A 1 130 GLN 130 1194 ?    ?   ?   A . n 
A 1 131 SER 131 1195 ?    ?   ?   A . n 
A 1 132 LEU 132 1196 ?    ?   ?   A . n 
A 1 133 GLY 133 1197 ?    ?   ?   A . n 
# 
loop_
_pdbx_nonpoly_scheme.asym_id 
_pdbx_nonpoly_scheme.entity_id 
_pdbx_nonpoly_scheme.mon_id 
_pdbx_nonpoly_scheme.ndb_seq_num 
_pdbx_nonpoly_scheme.pdb_seq_num 
_pdbx_nonpoly_scheme.auth_seq_num 
_pdbx_nonpoly_scheme.pdb_mon_id 
_pdbx_nonpoly_scheme.auth_mon_id 
_pdbx_nonpoly_scheme.pdb_strand_id 
_pdbx_nonpoly_scheme.pdb_ins_code 
B 2 JE9 1  1201 1  JE9 E0W A . 
C 3 PO4 1  1202 2  PO4 PO4 A . 
D 4 GOL 1  1203 1  GOL GOL A . 
E 5 HOH 1  1301 7  HOH HOH A . 
E 5 HOH 2  1302 18 HOH HOH A . 
E 5 HOH 3  1303 25 HOH HOH A . 
E 5 HOH 4  1304 17 HOH HOH A . 
E 5 HOH 5  1305 31 HOH HOH A . 
E 5 HOH 6  1306 6  HOH HOH A . 
E 5 HOH 7  1307 13 HOH HOH A . 
E 5 HOH 8  1308 11 HOH HOH A . 
E 5 HOH 9  1309 15 HOH HOH A . 
E 5 HOH 10 1310 5  HOH HOH A . 
E 5 HOH 11 1311 20 HOH HOH A . 
E 5 HOH 12 1312 3  HOH HOH A . 
E 5 HOH 13 1313 12 HOH HOH A . 
E 5 HOH 14 1314 16 HOH HOH A . 
E 5 HOH 15 1315 37 HOH HOH A . 
E 5 HOH 16 1316 28 HOH HOH A . 
E 5 HOH 17 1317 27 HOH HOH A . 
E 5 HOH 18 1318 21 HOH HOH A . 
E 5 HOH 19 1319 19 HOH HOH A . 
E 5 HOH 20 1320 29 HOH HOH A . 
E 5 HOH 21 1321 36 HOH HOH A . 
E 5 HOH 22 1322 10 HOH HOH A . 
E 5 HOH 23 1323 8  HOH HOH A . 
E 5 HOH 24 1324 22 HOH HOH A . 
E 5 HOH 25 1325 14 HOH HOH A . 
E 5 HOH 26 1326 34 HOH HOH A . 
E 5 HOH 27 1327 4  HOH HOH A . 
E 5 HOH 28 1328 30 HOH HOH A . 
E 5 HOH 29 1329 26 HOH HOH A . 
E 5 HOH 30 1330 32 HOH HOH A . 
E 5 HOH 31 1331 9  HOH HOH A . 
E 5 HOH 32 1332 1  HOH HOH A . 
E 5 HOH 33 1334 2  HOH HOH A . 
# 
_pdbx_struct_assembly.id                   1 
_pdbx_struct_assembly.details              author_and_software_defined_assembly 
_pdbx_struct_assembly.method_details       PISA 
_pdbx_struct_assembly.oligomeric_details   monomeric 
_pdbx_struct_assembly.oligomeric_count     1 
# 
_pdbx_struct_assembly_gen.assembly_id       1 
_pdbx_struct_assembly_gen.oper_expression   1 
_pdbx_struct_assembly_gen.asym_id_list      A,B,C,D,E 
# 
loop_
_pdbx_struct_assembly_prop.biol_id 
_pdbx_struct_assembly_prop.type 
_pdbx_struct_assembly_prop.value 
_pdbx_struct_assembly_prop.details 
1 'ABSA (A^2)' 130  ? 
1 MORE         -4   ? 
1 'SSA (A^2)'  7330 ? 
# 
_pdbx_struct_oper_list.id                   1 
_pdbx_struct_oper_list.type                 'identity operation' 
_pdbx_struct_oper_list.name                 1_555 
_pdbx_struct_oper_list.symmetry_operation   x,y,z 
_pdbx_struct_oper_list.matrix[1][1]         1.0000000000 
_pdbx_struct_oper_list.matrix[1][2]         0.0000000000 
_pdbx_struct_oper_list.matrix[1][3]         0.0000000000 
_pdbx_struct_oper_list.vector[1]            0.0000000000 
_pdbx_struct_oper_list.matrix[2][1]         0.0000000000 
_pdbx_struct_oper_list.matrix[2][2]         1.0000000000 
_pdbx_struct_oper_list.matrix[2][3]         0.0000000000 
_pdbx_struct_oper_list.vector[2]            0.0000000000 
_pdbx_struct_oper_list.matrix[3][1]         0.0000000000 
_pdbx_struct_oper_list.matrix[3][2]         0.0000000000 
_pdbx_struct_oper_list.matrix[3][3]         1.0000000000 
_pdbx_struct_oper_list.vector[3]            0.0000000000 
# 
loop_
_pdbx_audit_revision_history.ordinal 
_pdbx_audit_revision_history.data_content_type 
_pdbx_audit_revision_history.major_revision 
_pdbx_audit_revision_history.minor_revision 
_pdbx_audit_revision_history.revision_date 
1 'Structure model' 1 0 2022-02-16 
2 'Structure model' 1 1 2023-11-29 
# 
_pdbx_audit_revision_details.ordinal             1 
_pdbx_audit_revision_details.revision_ordinal    1 
_pdbx_audit_revision_details.data_content_type   'Structure model' 
_pdbx_audit_revision_details.provider            repository 
_pdbx_audit_revision_details.type                'Initial release' 
_pdbx_audit_revision_details.description         ? 
_pdbx_audit_revision_details.details             ? 
# 
loop_
_pdbx_audit_revision_group.ordinal 
_pdbx_audit_revision_group.revision_ordinal 
_pdbx_audit_revision_group.data_content_type 
_pdbx_audit_revision_group.group 
1 2 'Structure model' 'Data collection'        
2 2 'Structure model' 'Refinement description' 
# 
loop_
_pdbx_audit_revision_category.ordinal 
_pdbx_audit_revision_category.revision_ordinal 
_pdbx_audit_revision_category.data_content_type 
_pdbx_audit_revision_category.category 
1 2 'Structure model' chem_comp_atom                
2 2 'Structure model' chem_comp_bond                
3 2 'Structure model' pdbx_initial_refinement_model 
# 
loop_
_software.citation_id 
_software.classification 
_software.compiler_name 
_software.compiler_version 
_software.contact_author 
_software.contact_author_email 
_software.date 
_software.description 
_software.dependencies 
_software.hardware 
_software.language 
_software.location 
_software.mods 
_software.name 
_software.os 
_software.os_version 
_software.type 
_software.version 
_software.pdbx_ordinal 
? refinement        ? ? ? ? ? ? ? ? ? ? ? REFMAC      ? ? ? 5.8.0189 1 
? 'data scaling'    ? ? ? ? ? ? ? ? ? ? ? Aimless     ? ? ? 0.5.32   2 
? 'data extraction' ? ? ? ? ? ? ? ? ? ? ? PDB_EXTRACT ? ? ? 3.27     3 
? 'data reduction'  ? ? ? ? ? ? ? ? ? ? ? iMOSFLM     ? ? ? .        4 
? phasing           ? ? ? ? ? ? ? ? ? ? ? MOLREP      ? ? ? .        5 
# 
_pdbx_entry_details.entry_id                 7EVJ 
_pdbx_entry_details.has_ligand_of_interest   Y 
_pdbx_entry_details.compound_details         ? 
_pdbx_entry_details.source_details           ? 
_pdbx_entry_details.nonpolymer_details       ? 
_pdbx_entry_details.sequence_details         ? 
# 
_pdbx_validate_torsion.id              1 
_pdbx_validate_torsion.PDB_model_num   1 
_pdbx_validate_torsion.auth_comp_id    ASP 
_pdbx_validate_torsion.auth_asym_id    A 
_pdbx_validate_torsion.auth_seq_id     1105 
_pdbx_validate_torsion.PDB_ins_code    ? 
_pdbx_validate_torsion.label_alt_id    ? 
_pdbx_validate_torsion.phi             -44.13 
_pdbx_validate_torsion.psi             -72.71 
# 
loop_
_pdbx_unobs_or_zero_occ_residues.id 
_pdbx_unobs_or_zero_occ_residues.PDB_model_num 
_pdbx_unobs_or_zero_occ_residues.polymer_flag 
_pdbx_unobs_or_zero_occ_residues.occupancy_flag 
_pdbx_unobs_or_zero_occ_residues.auth_asym_id 
_pdbx_unobs_or_zero_occ_residues.auth_comp_id 
_pdbx_unobs_or_zero_occ_residues.auth_seq_id 
_pdbx_unobs_or_zero_occ_residues.PDB_ins_code 
_pdbx_unobs_or_zero_occ_residues.label_asym_id 
_pdbx_unobs_or_zero_occ_residues.label_comp_id 
_pdbx_unobs_or_zero_occ_residues.label_seq_id 
1  1 Y 1 A MET 1065 ? A MET 1   
2  1 Y 1 A LYS 1066 ? A LYS 2   
3  1 Y 1 A LYS 1067 ? A LYS 3   
4  1 Y 1 A GLY 1068 ? A GLY 4   
5  1 Y 1 A HIS 1069 ? A HIS 5   
6  1 Y 1 A HIS 1070 ? A HIS 6   
7  1 Y 1 A HIS 1071 ? A HIS 7   
8  1 Y 1 A HIS 1072 ? A HIS 8   
9  1 Y 1 A HIS 1073 ? A HIS 9   
10 1 Y 1 A HIS 1074 ? A HIS 10  
11 1 Y 1 A LEU 1075 ? A LEU 11  
12 1 Y 1 A VAL 1076 ? A VAL 12  
13 1 Y 1 A PRO 1077 ? A PRO 13  
14 1 Y 1 A ARG 1078 ? A ARG 14  
15 1 Y 1 A GLY 1079 ? A GLY 15  
16 1 Y 1 A SER 1080 ? A SER 16  
17 1 Y 1 A VAL 1192 ? A VAL 128 
18 1 Y 1 A MET 1193 ? A MET 129 
19 1 Y 1 A GLN 1194 ? A GLN 130 
20 1 Y 1 A SER 1195 ? A SER 131 
21 1 Y 1 A LEU 1196 ? A LEU 132 
22 1 Y 1 A GLY 1197 ? A GLY 133 
# 
loop_
_chem_comp_atom.comp_id 
_chem_comp_atom.atom_id 
_chem_comp_atom.type_symbol 
_chem_comp_atom.pdbx_aromatic_flag 
_chem_comp_atom.pdbx_stereo_config 
_chem_comp_atom.pdbx_ordinal 
ALA N    N N N 1   
ALA CA   C N S 2   
ALA C    C N N 3   
ALA O    O N N 4   
ALA CB   C N N 5   
ALA OXT  O N N 6   
ALA H    H N N 7   
ALA H2   H N N 8   
ALA HA   H N N 9   
ALA HB1  H N N 10  
ALA HB2  H N N 11  
ALA HB3  H N N 12  
ALA HXT  H N N 13  
ARG N    N N N 14  
ARG CA   C N S 15  
ARG C    C N N 16  
ARG O    O N N 17  
ARG CB   C N N 18  
ARG CG   C N N 19  
ARG CD   C N N 20  
ARG NE   N N N 21  
ARG CZ   C N N 22  
ARG NH1  N N N 23  
ARG NH2  N N N 24  
ARG OXT  O N N 25  
ARG H    H N N 26  
ARG H2   H N N 27  
ARG HA   H N N 28  
ARG HB2  H N N 29  
ARG HB3  H N N 30  
ARG HG2  H N N 31  
ARG HG3  H N N 32  
ARG HD2  H N N 33  
ARG HD3  H N N 34  
ARG HE   H N N 35  
ARG HH11 H N N 36  
ARG HH12 H N N 37  
ARG HH21 H N N 38  
ARG HH22 H N N 39  
ARG HXT  H N N 40  
ASN N    N N N 41  
ASN CA   C N S 42  
ASN C    C N N 43  
ASN O    O N N 44  
ASN CB   C N N 45  
ASN CG   C N N 46  
ASN OD1  O N N 47  
ASN ND2  N N N 48  
ASN OXT  O N N 49  
ASN H    H N N 50  
ASN H2   H N N 51  
ASN HA   H N N 52  
ASN HB2  H N N 53  
ASN HB3  H N N 54  
ASN HD21 H N N 55  
ASN HD22 H N N 56  
ASN HXT  H N N 57  
ASP N    N N N 58  
ASP CA   C N S 59  
ASP C    C N N 60  
ASP O    O N N 61  
ASP CB   C N N 62  
ASP CG   C N N 63  
ASP OD1  O N N 64  
ASP OD2  O N N 65  
ASP OXT  O N N 66  
ASP H    H N N 67  
ASP H2   H N N 68  
ASP HA   H N N 69  
ASP HB2  H N N 70  
ASP HB3  H N N 71  
ASP HD2  H N N 72  
ASP HXT  H N N 73  
CYS N    N N N 74  
CYS CA   C N R 75  
CYS C    C N N 76  
CYS O    O N N 77  
CYS CB   C N N 78  
CYS SG   S N N 79  
CYS OXT  O N N 80  
CYS H    H N N 81  
CYS H2   H N N 82  
CYS HA   H N N 83  
CYS HB2  H N N 84  
CYS HB3  H N N 85  
CYS HG   H N N 86  
CYS HXT  H N N 87  
GLN N    N N N 88  
GLN CA   C N S 89  
GLN C    C N N 90  
GLN O    O N N 91  
GLN CB   C N N 92  
GLN CG   C N N 93  
GLN CD   C N N 94  
GLN OE1  O N N 95  
GLN NE2  N N N 96  
GLN OXT  O N N 97  
GLN H    H N N 98  
GLN H2   H N N 99  
GLN HA   H N N 100 
GLN HB2  H N N 101 
GLN HB3  H N N 102 
GLN HG2  H N N 103 
GLN HG3  H N N 104 
GLN HE21 H N N 105 
GLN HE22 H N N 106 
GLN HXT  H N N 107 
GLU N    N N N 108 
GLU CA   C N S 109 
GLU C    C N N 110 
GLU O    O N N 111 
GLU CB   C N N 112 
GLU CG   C N N 113 
GLU CD   C N N 114 
GLU OE1  O N N 115 
GLU OE2  O N N 116 
GLU OXT  O N N 117 
GLU H    H N N 118 
GLU H2   H N N 119 
GLU HA   H N N 120 
GLU HB2  H N N 121 
GLU HB3  H N N 122 
GLU HG2  H N N 123 
GLU HG3  H N N 124 
GLU HE2  H N N 125 
GLU HXT  H N N 126 
GLY N    N N N 127 
GLY CA   C N N 128 
GLY C    C N N 129 
GLY O    O N N 130 
GLY OXT  O N N 131 
GLY H    H N N 132 
GLY H2   H N N 133 
GLY HA2  H N N 134 
GLY HA3  H N N 135 
GLY HXT  H N N 136 
GOL C1   C N N 137 
GOL O1   O N N 138 
GOL C2   C N N 139 
GOL O2   O N N 140 
GOL C3   C N N 141 
GOL O3   O N N 142 
GOL H11  H N N 143 
GOL H12  H N N 144 
GOL HO1  H N N 145 
GOL H2   H N N 146 
GOL HO2  H N N 147 
GOL H31  H N N 148 
GOL H32  H N N 149 
GOL HO3  H N N 150 
HIS N    N N N 151 
HIS CA   C N S 152 
HIS C    C N N 153 
HIS O    O N N 154 
HIS CB   C N N 155 
HIS CG   C Y N 156 
HIS ND1  N Y N 157 
HIS CD2  C Y N 158 
HIS CE1  C Y N 159 
HIS NE2  N Y N 160 
HIS OXT  O N N 161 
HIS H    H N N 162 
HIS H2   H N N 163 
HIS HA   H N N 164 
HIS HB2  H N N 165 
HIS HB3  H N N 166 
HIS HD1  H N N 167 
HIS HD2  H N N 168 
HIS HE1  H N N 169 
HIS HE2  H N N 170 
HIS HXT  H N N 171 
HOH O    O N N 172 
HOH H1   H N N 173 
HOH H2   H N N 174 
ILE N    N N N 175 
ILE CA   C N S 176 
ILE C    C N N 177 
ILE O    O N N 178 
ILE CB   C N S 179 
ILE CG1  C N N 180 
ILE CG2  C N N 181 
ILE CD1  C N N 182 
ILE OXT  O N N 183 
ILE H    H N N 184 
ILE H2   H N N 185 
ILE HA   H N N 186 
ILE HB   H N N 187 
ILE HG12 H N N 188 
ILE HG13 H N N 189 
ILE HG21 H N N 190 
ILE HG22 H N N 191 
ILE HG23 H N N 192 
ILE HD11 H N N 193 
ILE HD12 H N N 194 
ILE HD13 H N N 195 
ILE HXT  H N N 196 
JE9 CBE  C N N 197 
JE9 CBF  C N N 198 
JE9 CBD  C N N 199 
JE9 NBB  N Y N 200 
JE9 CBC  C Y N 201 
JE9 NBA  N Y N 202 
JE9 CAZ  C Y N 203 
JE9 CAX  C Y N 204 
JE9 CAT  C Y N 205 
JE9 CAS  C Y N 206 
JE9 FAY  F N N 207 
JE9 CAU  C Y N 208 
JE9 CAV  C Y N 209 
JE9 CBG  C N N 210 
JE9 OBH  O N N 211 
JE9 CAW  C Y N 212 
JE9 CAR  C Y N 213 
JE9 NAQ  N N N 214 
JE9 CAO  C N N 215 
JE9 OAP  O N N 216 
JE9 CAI  C Y N 217 
JE9 CAF  C Y N 218 
JE9 CAA  C Y N 219 
JE9 CAH  C Y N 220 
JE9 CAG  C Y N 221 
JE9 CAJ  C N N 222 
JE9 OAL  O N N 223 
JE9 CAK  C N N 224 
JE9 NAE  N Y N 225 
JE9 CAD  C Y N 226 
JE9 CAC  C Y N 227 
JE9 CAB  C Y N 228 
JE9 OAM  O N N 229 
JE9 CAN  C N N 230 
JE9 OBJ  O N N 231 
JE9 NBI  N N N 232 
JE9 CBL  C N N 233 
JE9 CBK  C N N 234 
JE9 H1   H N N 235 
JE9 H2   H N N 236 
JE9 H3   H N N 237 
JE9 H4   H N N 238 
JE9 H5   H N N 239 
JE9 H6   H N N 240 
JE9 H7   H N N 241 
JE9 H8   H N N 242 
JE9 H9   H N N 243 
JE9 H10  H N N 244 
JE9 H11  H N N 245 
JE9 H12  H N N 246 
JE9 H13  H N N 247 
JE9 H14  H N N 248 
JE9 H15  H N N 249 
JE9 H16  H N N 250 
JE9 H17  H N N 251 
JE9 H18  H N N 252 
JE9 H19  H N N 253 
JE9 H20  H N N 254 
JE9 H21  H N N 255 
JE9 H22  H N N 256 
JE9 H23  H N N 257 
JE9 H24  H N N 258 
JE9 H25  H N N 259 
JE9 H26  H N N 260 
LEU N    N N N 261 
LEU CA   C N S 262 
LEU C    C N N 263 
LEU O    O N N 264 
LEU CB   C N N 265 
LEU CG   C N N 266 
LEU CD1  C N N 267 
LEU CD2  C N N 268 
LEU OXT  O N N 269 
LEU H    H N N 270 
LEU H2   H N N 271 
LEU HA   H N N 272 
LEU HB2  H N N 273 
LEU HB3  H N N 274 
LEU HG   H N N 275 
LEU HD11 H N N 276 
LEU HD12 H N N 277 
LEU HD13 H N N 278 
LEU HD21 H N N 279 
LEU HD22 H N N 280 
LEU HD23 H N N 281 
LEU HXT  H N N 282 
LYS N    N N N 283 
LYS CA   C N S 284 
LYS C    C N N 285 
LYS O    O N N 286 
LYS CB   C N N 287 
LYS CG   C N N 288 
LYS CD   C N N 289 
LYS CE   C N N 290 
LYS NZ   N N N 291 
LYS OXT  O N N 292 
LYS H    H N N 293 
LYS H2   H N N 294 
LYS HA   H N N 295 
LYS HB2  H N N 296 
LYS HB3  H N N 297 
LYS HG2  H N N 298 
LYS HG3  H N N 299 
LYS HD2  H N N 300 
LYS HD3  H N N 301 
LYS HE2  H N N 302 
LYS HE3  H N N 303 
LYS HZ1  H N N 304 
LYS HZ2  H N N 305 
LYS HZ3  H N N 306 
LYS HXT  H N N 307 
MET N    N N N 308 
MET CA   C N S 309 
MET C    C N N 310 
MET O    O N N 311 
MET CB   C N N 312 
MET CG   C N N 313 
MET SD   S N N 314 
MET CE   C N N 315 
MET OXT  O N N 316 
MET H    H N N 317 
MET H2   H N N 318 
MET HA   H N N 319 
MET HB2  H N N 320 
MET HB3  H N N 321 
MET HG2  H N N 322 
MET HG3  H N N 323 
MET HE1  H N N 324 
MET HE2  H N N 325 
MET HE3  H N N 326 
MET HXT  H N N 327 
PHE N    N N N 328 
PHE CA   C N S 329 
PHE C    C N N 330 
PHE O    O N N 331 
PHE CB   C N N 332 
PHE CG   C Y N 333 
PHE CD1  C Y N 334 
PHE CD2  C Y N 335 
PHE CE1  C Y N 336 
PHE CE2  C Y N 337 
PHE CZ   C Y N 338 
PHE OXT  O N N 339 
PHE H    H N N 340 
PHE H2   H N N 341 
PHE HA   H N N 342 
PHE HB2  H N N 343 
PHE HB3  H N N 344 
PHE HD1  H N N 345 
PHE HD2  H N N 346 
PHE HE1  H N N 347 
PHE HE2  H N N 348 
PHE HZ   H N N 349 
PHE HXT  H N N 350 
PO4 P    P N N 351 
PO4 O1   O N N 352 
PO4 O2   O N N 353 
PO4 O3   O N N 354 
PO4 O4   O N N 355 
PRO N    N N N 356 
PRO CA   C N S 357 
PRO C    C N N 358 
PRO O    O N N 359 
PRO CB   C N N 360 
PRO CG   C N N 361 
PRO CD   C N N 362 
PRO OXT  O N N 363 
PRO H    H N N 364 
PRO HA   H N N 365 
PRO HB2  H N N 366 
PRO HB3  H N N 367 
PRO HG2  H N N 368 
PRO HG3  H N N 369 
PRO HD2  H N N 370 
PRO HD3  H N N 371 
PRO HXT  H N N 372 
SER N    N N N 373 
SER CA   C N S 374 
SER C    C N N 375 
SER O    O N N 376 
SER CB   C N N 377 
SER OG   O N N 378 
SER OXT  O N N 379 
SER H    H N N 380 
SER H2   H N N 381 
SER HA   H N N 382 
SER HB2  H N N 383 
SER HB3  H N N 384 
SER HG   H N N 385 
SER HXT  H N N 386 
THR N    N N N 387 
THR CA   C N S 388 
THR C    C N N 389 
THR O    O N N 390 
THR CB   C N R 391 
THR OG1  O N N 392 
THR CG2  C N N 393 
THR OXT  O N N 394 
THR H    H N N 395 
THR H2   H N N 396 
THR HA   H N N 397 
THR HB   H N N 398 
THR HG1  H N N 399 
THR HG21 H N N 400 
THR HG22 H N N 401 
THR HG23 H N N 402 
THR HXT  H N N 403 
TRP N    N N N 404 
TRP CA   C N S 405 
TRP C    C N N 406 
TRP O    O N N 407 
TRP CB   C N N 408 
TRP CG   C Y N 409 
TRP CD1  C Y N 410 
TRP CD2  C Y N 411 
TRP NE1  N Y N 412 
TRP CE2  C Y N 413 
TRP CE3  C Y N 414 
TRP CZ2  C Y N 415 
TRP CZ3  C Y N 416 
TRP CH2  C Y N 417 
TRP OXT  O N N 418 
TRP H    H N N 419 
TRP H2   H N N 420 
TRP HA   H N N 421 
TRP HB2  H N N 422 
TRP HB3  H N N 423 
TRP HD1  H N N 424 
TRP HE1  H N N 425 
TRP HE3  H N N 426 
TRP HZ2  H N N 427 
TRP HZ3  H N N 428 
TRP HH2  H N N 429 
TRP HXT  H N N 430 
TYR N    N N N 431 
TYR CA   C N S 432 
TYR C    C N N 433 
TYR O    O N N 434 
TYR CB   C N N 435 
TYR CG   C Y N 436 
TYR CD1  C Y N 437 
TYR CD2  C Y N 438 
TYR CE1  C Y N 439 
TYR CE2  C Y N 440 
TYR CZ   C Y N 441 
TYR OH   O N N 442 
TYR OXT  O N N 443 
TYR H    H N N 444 
TYR H2   H N N 445 
TYR HA   H N N 446 
TYR HB2  H N N 447 
TYR HB3  H N N 448 
TYR HD1  H N N 449 
TYR HD2  H N N 450 
TYR HE1  H N N 451 
TYR HE2  H N N 452 
TYR HH   H N N 453 
TYR HXT  H N N 454 
VAL N    N N N 455 
VAL CA   C N S 456 
VAL C    C N N 457 
VAL O    O N N 458 
VAL CB   C N N 459 
VAL CG1  C N N 460 
VAL CG2  C N N 461 
VAL OXT  O N N 462 
VAL H    H N N 463 
VAL H2   H N N 464 
VAL HA   H N N 465 
VAL HB   H N N 466 
VAL HG11 H N N 467 
VAL HG12 H N N 468 
VAL HG13 H N N 469 
VAL HG21 H N N 470 
VAL HG22 H N N 471 
VAL HG23 H N N 472 
VAL HXT  H N N 473 
# 
loop_
_chem_comp_bond.comp_id 
_chem_comp_bond.atom_id_1 
_chem_comp_bond.atom_id_2 
_chem_comp_bond.value_order 
_chem_comp_bond.pdbx_aromatic_flag 
_chem_comp_bond.pdbx_stereo_config 
_chem_comp_bond.pdbx_ordinal 
ALA N   CA   sing N N 1   
ALA N   H    sing N N 2   
ALA N   H2   sing N N 3   
ALA CA  C    sing N N 4   
ALA CA  CB   sing N N 5   
ALA CA  HA   sing N N 6   
ALA C   O    doub N N 7   
ALA C   OXT  sing N N 8   
ALA CB  HB1  sing N N 9   
ALA CB  HB2  sing N N 10  
ALA CB  HB3  sing N N 11  
ALA OXT HXT  sing N N 12  
ARG N   CA   sing N N 13  
ARG N   H    sing N N 14  
ARG N   H2   sing N N 15  
ARG CA  C    sing N N 16  
ARG CA  CB   sing N N 17  
ARG CA  HA   sing N N 18  
ARG C   O    doub N N 19  
ARG C   OXT  sing N N 20  
ARG CB  CG   sing N N 21  
ARG CB  HB2  sing N N 22  
ARG CB  HB3  sing N N 23  
ARG CG  CD   sing N N 24  
ARG CG  HG2  sing N N 25  
ARG CG  HG3  sing N N 26  
ARG CD  NE   sing N N 27  
ARG CD  HD2  sing N N 28  
ARG CD  HD3  sing N N 29  
ARG NE  CZ   sing N N 30  
ARG NE  HE   sing N N 31  
ARG CZ  NH1  sing N N 32  
ARG CZ  NH2  doub N N 33  
ARG NH1 HH11 sing N N 34  
ARG NH1 HH12 sing N N 35  
ARG NH2 HH21 sing N N 36  
ARG NH2 HH22 sing N N 37  
ARG OXT HXT  sing N N 38  
ASN N   CA   sing N N 39  
ASN N   H    sing N N 40  
ASN N   H2   sing N N 41  
ASN CA  C    sing N N 42  
ASN CA  CB   sing N N 43  
ASN CA  HA   sing N N 44  
ASN C   O    doub N N 45  
ASN C   OXT  sing N N 46  
ASN CB  CG   sing N N 47  
ASN CB  HB2  sing N N 48  
ASN CB  HB3  sing N N 49  
ASN CG  OD1  doub N N 50  
ASN CG  ND2  sing N N 51  
ASN ND2 HD21 sing N N 52  
ASN ND2 HD22 sing N N 53  
ASN OXT HXT  sing N N 54  
ASP N   CA   sing N N 55  
ASP N   H    sing N N 56  
ASP N   H2   sing N N 57  
ASP CA  C    sing N N 58  
ASP CA  CB   sing N N 59  
ASP CA  HA   sing N N 60  
ASP C   O    doub N N 61  
ASP C   OXT  sing N N 62  
ASP CB  CG   sing N N 63  
ASP CB  HB2  sing N N 64  
ASP CB  HB3  sing N N 65  
ASP CG  OD1  doub N N 66  
ASP CG  OD2  sing N N 67  
ASP OD2 HD2  sing N N 68  
ASP OXT HXT  sing N N 69  
CYS N   CA   sing N N 70  
CYS N   H    sing N N 71  
CYS N   H2   sing N N 72  
CYS CA  C    sing N N 73  
CYS CA  CB   sing N N 74  
CYS CA  HA   sing N N 75  
CYS C   O    doub N N 76  
CYS C   OXT  sing N N 77  
CYS CB  SG   sing N N 78  
CYS CB  HB2  sing N N 79  
CYS CB  HB3  sing N N 80  
CYS SG  HG   sing N N 81  
CYS OXT HXT  sing N N 82  
GLN N   CA   sing N N 83  
GLN N   H    sing N N 84  
GLN N   H2   sing N N 85  
GLN CA  C    sing N N 86  
GLN CA  CB   sing N N 87  
GLN CA  HA   sing N N 88  
GLN C   O    doub N N 89  
GLN C   OXT  sing N N 90  
GLN CB  CG   sing N N 91  
GLN CB  HB2  sing N N 92  
GLN CB  HB3  sing N N 93  
GLN CG  CD   sing N N 94  
GLN CG  HG2  sing N N 95  
GLN CG  HG3  sing N N 96  
GLN CD  OE1  doub N N 97  
GLN CD  NE2  sing N N 98  
GLN NE2 HE21 sing N N 99  
GLN NE2 HE22 sing N N 100 
GLN OXT HXT  sing N N 101 
GLU N   CA   sing N N 102 
GLU N   H    sing N N 103 
GLU N   H2   sing N N 104 
GLU CA  C    sing N N 105 
GLU CA  CB   sing N N 106 
GLU CA  HA   sing N N 107 
GLU C   O    doub N N 108 
GLU C   OXT  sing N N 109 
GLU CB  CG   sing N N 110 
GLU CB  HB2  sing N N 111 
GLU CB  HB3  sing N N 112 
GLU CG  CD   sing N N 113 
GLU CG  HG2  sing N N 114 
GLU CG  HG3  sing N N 115 
GLU CD  OE1  doub N N 116 
GLU CD  OE2  sing N N 117 
GLU OE2 HE2  sing N N 118 
GLU OXT HXT  sing N N 119 
GLY N   CA   sing N N 120 
GLY N   H    sing N N 121 
GLY N   H2   sing N N 122 
GLY CA  C    sing N N 123 
GLY CA  HA2  sing N N 124 
GLY CA  HA3  sing N N 125 
GLY C   O    doub N N 126 
GLY C   OXT  sing N N 127 
GLY OXT HXT  sing N N 128 
GOL C1  O1   sing N N 129 
GOL C1  C2   sing N N 130 
GOL C1  H11  sing N N 131 
GOL C1  H12  sing N N 132 
GOL O1  HO1  sing N N 133 
GOL C2  O2   sing N N 134 
GOL C2  C3   sing N N 135 
GOL C2  H2   sing N N 136 
GOL O2  HO2  sing N N 137 
GOL C3  O3   sing N N 138 
GOL C3  H31  sing N N 139 
GOL C3  H32  sing N N 140 
GOL O3  HO3  sing N N 141 
HIS N   CA   sing N N 142 
HIS N   H    sing N N 143 
HIS N   H2   sing N N 144 
HIS CA  C    sing N N 145 
HIS CA  CB   sing N N 146 
HIS CA  HA   sing N N 147 
HIS C   O    doub N N 148 
HIS C   OXT  sing N N 149 
HIS CB  CG   sing N N 150 
HIS CB  HB2  sing N N 151 
HIS CB  HB3  sing N N 152 
HIS CG  ND1  sing Y N 153 
HIS CG  CD2  doub Y N 154 
HIS ND1 CE1  doub Y N 155 
HIS ND1 HD1  sing N N 156 
HIS CD2 NE2  sing Y N 157 
HIS CD2 HD2  sing N N 158 
HIS CE1 NE2  sing Y N 159 
HIS CE1 HE1  sing N N 160 
HIS NE2 HE2  sing N N 161 
HIS OXT HXT  sing N N 162 
HOH O   H1   sing N N 163 
HOH O   H2   sing N N 164 
ILE N   CA   sing N N 165 
ILE N   H    sing N N 166 
ILE N   H2   sing N N 167 
ILE CA  C    sing N N 168 
ILE CA  CB   sing N N 169 
ILE CA  HA   sing N N 170 
ILE C   O    doub N N 171 
ILE C   OXT  sing N N 172 
ILE CB  CG1  sing N N 173 
ILE CB  CG2  sing N N 174 
ILE CB  HB   sing N N 175 
ILE CG1 CD1  sing N N 176 
ILE CG1 HG12 sing N N 177 
ILE CG1 HG13 sing N N 178 
ILE CG2 HG21 sing N N 179 
ILE CG2 HG22 sing N N 180 
ILE CG2 HG23 sing N N 181 
ILE CD1 HD11 sing N N 182 
ILE CD1 HD12 sing N N 183 
ILE CD1 HD13 sing N N 184 
ILE OXT HXT  sing N N 185 
JE9 CBL NBI  sing N N 186 
JE9 CBK NBI  sing N N 187 
JE9 NBI CAN  sing N N 188 
JE9 CAN OAM  sing N N 189 
JE9 CAN OBJ  doub N N 190 
JE9 OAM CAB  sing N N 191 
JE9 CAB CAC  sing Y N 192 
JE9 CAB CAA  doub Y N 193 
JE9 CAC CAD  doub Y N 194 
JE9 CAA CAF  sing Y N 195 
JE9 CAD NAE  sing Y N 196 
JE9 CAF NAE  sing Y N 197 
JE9 CAF CAI  doub Y N 198 
JE9 NAE CAG  sing Y N 199 
JE9 OAP CAO  doub N N 200 
JE9 CAI CAO  sing N N 201 
JE9 CAI CAH  sing Y N 202 
JE9 CAO NAQ  sing N N 203 
JE9 CAG CAH  doub Y N 204 
JE9 CAG CAJ  sing N N 205 
JE9 OAL CAJ  doub N N 206 
JE9 CAJ CAK  sing N N 207 
JE9 NAQ CAR  sing N N 208 
JE9 FAY CAS  sing N N 209 
JE9 CAR CAS  doub Y N 210 
JE9 CAR CAW  sing Y N 211 
JE9 CAS CAT  sing Y N 212 
JE9 CAW CAV  doub Y N 213 
JE9 CAT CAX  sing N N 214 
JE9 CAT CAU  doub Y N 215 
JE9 CAZ CAX  sing Y N 216 
JE9 CAZ NBA  doub Y N 217 
JE9 OBH CBG  sing N N 218 
JE9 CAX CBC  doub Y N 219 
JE9 CBE CBD  sing N N 220 
JE9 CBE CBF  sing N N 221 
JE9 CAV CAU  sing Y N 222 
JE9 CAV CBG  sing N N 223 
JE9 NBA NBB  sing Y N 224 
JE9 CBC NBB  sing Y N 225 
JE9 NBB CBD  sing N N 226 
JE9 CBD CBF  sing N N 227 
JE9 CBE H1   sing N N 228 
JE9 CBE H2   sing N N 229 
JE9 CBF H3   sing N N 230 
JE9 CBF H4   sing N N 231 
JE9 CBD H5   sing N N 232 
JE9 CBC H6   sing N N 233 
JE9 CAZ H7   sing N N 234 
JE9 CAU H8   sing N N 235 
JE9 CBG H9   sing N N 236 
JE9 CBG H10  sing N N 237 
JE9 OBH H11  sing N N 238 
JE9 CAW H12  sing N N 239 
JE9 NAQ H13  sing N N 240 
JE9 CAA H14  sing N N 241 
JE9 CAH H15  sing N N 242 
JE9 CAK H16  sing N N 243 
JE9 CAK H17  sing N N 244 
JE9 CAK H18  sing N N 245 
JE9 CAD H19  sing N N 246 
JE9 CAC H20  sing N N 247 
JE9 CBL H21  sing N N 248 
JE9 CBL H22  sing N N 249 
JE9 CBL H23  sing N N 250 
JE9 CBK H24  sing N N 251 
JE9 CBK H25  sing N N 252 
JE9 CBK H26  sing N N 253 
LEU N   CA   sing N N 254 
LEU N   H    sing N N 255 
LEU N   H2   sing N N 256 
LEU CA  C    sing N N 257 
LEU CA  CB   sing N N 258 
LEU CA  HA   sing N N 259 
LEU C   O    doub N N 260 
LEU C   OXT  sing N N 261 
LEU CB  CG   sing N N 262 
LEU CB  HB2  sing N N 263 
LEU CB  HB3  sing N N 264 
LEU CG  CD1  sing N N 265 
LEU CG  CD2  sing N N 266 
LEU CG  HG   sing N N 267 
LEU CD1 HD11 sing N N 268 
LEU CD1 HD12 sing N N 269 
LEU CD1 HD13 sing N N 270 
LEU CD2 HD21 sing N N 271 
LEU CD2 HD22 sing N N 272 
LEU CD2 HD23 sing N N 273 
LEU OXT HXT  sing N N 274 
LYS N   CA   sing N N 275 
LYS N   H    sing N N 276 
LYS N   H2   sing N N 277 
LYS CA  C    sing N N 278 
LYS CA  CB   sing N N 279 
LYS CA  HA   sing N N 280 
LYS C   O    doub N N 281 
LYS C   OXT  sing N N 282 
LYS CB  CG   sing N N 283 
LYS CB  HB2  sing N N 284 
LYS CB  HB3  sing N N 285 
LYS CG  CD   sing N N 286 
LYS CG  HG2  sing N N 287 
LYS CG  HG3  sing N N 288 
LYS CD  CE   sing N N 289 
LYS CD  HD2  sing N N 290 
LYS CD  HD3  sing N N 291 
LYS CE  NZ   sing N N 292 
LYS CE  HE2  sing N N 293 
LYS CE  HE3  sing N N 294 
LYS NZ  HZ1  sing N N 295 
LYS NZ  HZ2  sing N N 296 
LYS NZ  HZ3  sing N N 297 
LYS OXT HXT  sing N N 298 
MET N   CA   sing N N 299 
MET N   H    sing N N 300 
MET N   H2   sing N N 301 
MET CA  C    sing N N 302 
MET CA  CB   sing N N 303 
MET CA  HA   sing N N 304 
MET C   O    doub N N 305 
MET C   OXT  sing N N 306 
MET CB  CG   sing N N 307 
MET CB  HB2  sing N N 308 
MET CB  HB3  sing N N 309 
MET CG  SD   sing N N 310 
MET CG  HG2  sing N N 311 
MET CG  HG3  sing N N 312 
MET SD  CE   sing N N 313 
MET CE  HE1  sing N N 314 
MET CE  HE2  sing N N 315 
MET CE  HE3  sing N N 316 
MET OXT HXT  sing N N 317 
PHE N   CA   sing N N 318 
PHE N   H    sing N N 319 
PHE N   H2   sing N N 320 
PHE CA  C    sing N N 321 
PHE CA  CB   sing N N 322 
PHE CA  HA   sing N N 323 
PHE C   O    doub N N 324 
PHE C   OXT  sing N N 325 
PHE CB  CG   sing N N 326 
PHE CB  HB2  sing N N 327 
PHE CB  HB3  sing N N 328 
PHE CG  CD1  doub Y N 329 
PHE CG  CD2  sing Y N 330 
PHE CD1 CE1  sing Y N 331 
PHE CD1 HD1  sing N N 332 
PHE CD2 CE2  doub Y N 333 
PHE CD2 HD2  sing N N 334 
PHE CE1 CZ   doub Y N 335 
PHE CE1 HE1  sing N N 336 
PHE CE2 CZ   sing Y N 337 
PHE CE2 HE2  sing N N 338 
PHE CZ  HZ   sing N N 339 
PHE OXT HXT  sing N N 340 
PO4 P   O1   doub N N 341 
PO4 P   O2   sing N N 342 
PO4 P   O3   sing N N 343 
PO4 P   O4   sing N N 344 
PRO N   CA   sing N N 345 
PRO N   CD   sing N N 346 
PRO N   H    sing N N 347 
PRO CA  C    sing N N 348 
PRO CA  CB   sing N N 349 
PRO CA  HA   sing N N 350 
PRO C   O    doub N N 351 
PRO C   OXT  sing N N 352 
PRO CB  CG   sing N N 353 
PRO CB  HB2  sing N N 354 
PRO CB  HB3  sing N N 355 
PRO CG  CD   sing N N 356 
PRO CG  HG2  sing N N 357 
PRO CG  HG3  sing N N 358 
PRO CD  HD2  sing N N 359 
PRO CD  HD3  sing N N 360 
PRO OXT HXT  sing N N 361 
SER N   CA   sing N N 362 
SER N   H    sing N N 363 
SER N   H2   sing N N 364 
SER CA  C    sing N N 365 
SER CA  CB   sing N N 366 
SER CA  HA   sing N N 367 
SER C   O    doub N N 368 
SER C   OXT  sing N N 369 
SER CB  OG   sing N N 370 
SER CB  HB2  sing N N 371 
SER CB  HB3  sing N N 372 
SER OG  HG   sing N N 373 
SER OXT HXT  sing N N 374 
THR N   CA   sing N N 375 
THR N   H    sing N N 376 
THR N   H2   sing N N 377 
THR CA  C    sing N N 378 
THR CA  CB   sing N N 379 
THR CA  HA   sing N N 380 
THR C   O    doub N N 381 
THR C   OXT  sing N N 382 
THR CB  OG1  sing N N 383 
THR CB  CG2  sing N N 384 
THR CB  HB   sing N N 385 
THR OG1 HG1  sing N N 386 
THR CG2 HG21 sing N N 387 
THR CG2 HG22 sing N N 388 
THR CG2 HG23 sing N N 389 
THR OXT HXT  sing N N 390 
TRP N   CA   sing N N 391 
TRP N   H    sing N N 392 
TRP N   H2   sing N N 393 
TRP CA  C    sing N N 394 
TRP CA  CB   sing N N 395 
TRP CA  HA   sing N N 396 
TRP C   O    doub N N 397 
TRP C   OXT  sing N N 398 
TRP CB  CG   sing N N 399 
TRP CB  HB2  sing N N 400 
TRP CB  HB3  sing N N 401 
TRP CG  CD1  doub Y N 402 
TRP CG  CD2  sing Y N 403 
TRP CD1 NE1  sing Y N 404 
TRP CD1 HD1  sing N N 405 
TRP CD2 CE2  doub Y N 406 
TRP CD2 CE3  sing Y N 407 
TRP NE1 CE2  sing Y N 408 
TRP NE1 HE1  sing N N 409 
TRP CE2 CZ2  sing Y N 410 
TRP CE3 CZ3  doub Y N 411 
TRP CE3 HE3  sing N N 412 
TRP CZ2 CH2  doub Y N 413 
TRP CZ2 HZ2  sing N N 414 
TRP CZ3 CH2  sing Y N 415 
TRP CZ3 HZ3  sing N N 416 
TRP CH2 HH2  sing N N 417 
TRP OXT HXT  sing N N 418 
TYR N   CA   sing N N 419 
TYR N   H    sing N N 420 
TYR N   H2   sing N N 421 
TYR CA  C    sing N N 422 
TYR CA  CB   sing N N 423 
TYR CA  HA   sing N N 424 
TYR C   O    doub N N 425 
TYR C   OXT  sing N N 426 
TYR CB  CG   sing N N 427 
TYR CB  HB2  sing N N 428 
TYR CB  HB3  sing N N 429 
TYR CG  CD1  doub Y N 430 
TYR CG  CD2  sing Y N 431 
TYR CD1 CE1  sing Y N 432 
TYR CD1 HD1  sing N N 433 
TYR CD2 CE2  doub Y N 434 
TYR CD2 HD2  sing N N 435 
TYR CE1 CZ   doub Y N 436 
TYR CE1 HE1  sing N N 437 
TYR CE2 CZ   sing Y N 438 
TYR CE2 HE2  sing N N 439 
TYR CZ  OH   sing N N 440 
TYR OH  HH   sing N N 441 
TYR OXT HXT  sing N N 442 
VAL N   CA   sing N N 443 
VAL N   H    sing N N 444 
VAL N   H2   sing N N 445 
VAL CA  C    sing N N 446 
VAL CA  CB   sing N N 447 
VAL CA  HA   sing N N 448 
VAL C   O    doub N N 449 
VAL C   OXT  sing N N 450 
VAL CB  CG1  sing N N 451 
VAL CB  CG2  sing N N 452 
VAL CB  HB   sing N N 453 
VAL CG1 HG11 sing N N 454 
VAL CG1 HG12 sing N N 455 
VAL CG1 HG13 sing N N 456 
VAL CG2 HG21 sing N N 457 
VAL CG2 HG22 sing N N 458 
VAL CG2 HG23 sing N N 459 
VAL OXT HXT  sing N N 460 
# 
_pdbx_entity_instance_feature.ordinal        1 
_pdbx_entity_instance_feature.comp_id        JE9 
_pdbx_entity_instance_feature.asym_id        ? 
_pdbx_entity_instance_feature.seq_num        ? 
_pdbx_entity_instance_feature.auth_comp_id   JE9 
_pdbx_entity_instance_feature.auth_asym_id   ? 
_pdbx_entity_instance_feature.auth_seq_num   ? 
_pdbx_entity_instance_feature.feature_type   'SUBJECT OF INVESTIGATION' 
_pdbx_entity_instance_feature.details        ? 
# 
loop_
_pdbx_entity_nonpoly.entity_id 
_pdbx_entity_nonpoly.name 
_pdbx_entity_nonpoly.comp_id 
2 '3-acetyl-1-((3-(1-cyclopropyl-1H-pyrazol-4-yl)-2-fluoro-5-(hydroxymethyl)phenyl)carbamoyl)indolizin-7-yl dimethylcarbamate' JE9 
3 'PHOSPHATE ION'                                                                                                              PO4 
4 GLYCEROL                                                                                                                     GOL 
5 water                                                                                                                        HOH 
# 
_pdbx_initial_refinement_model.id               1 
_pdbx_initial_refinement_model.entity_id_list   ? 
_pdbx_initial_refinement_model.type             'experimental model' 
_pdbx_initial_refinement_model.source_name      PDB 
_pdbx_initial_refinement_model.accession_code   5XXH 
_pdbx_initial_refinement_model.details          ? 
# 
_pdbx_struct_assembly_auth_evidence.id                     1 
_pdbx_struct_assembly_auth_evidence.assembly_id            1 
_pdbx_struct_assembly_auth_evidence.experimental_support   none 
_pdbx_struct_assembly_auth_evidence.details                ? 
# 
